data_5TII
#
_entry.id   5TII
#
_cell.length_a   105.380
_cell.length_b   86.650
_cell.length_c   107.320
_cell.angle_alpha   90.00
_cell.angle_beta   108.97
_cell.angle_gamma   90.00
#
_symmetry.space_group_name_H-M   'P 1 21 1'
#
loop_
_entity.id
_entity.type
_entity.pdbx_description
1 polymer '3-oxoacyl-ACP reductase'
2 non-polymer 'NADPH DIHYDRO-NICOTINAMIDE-ADENINE-DINUCLEOTIDE PHOSPHATE'
3 water water
#
_entity_poly.entity_id   1
_entity_poly.type   'polypeptide(L)'
_entity_poly.pdbx_seq_one_letter_code
;MGSSHHHHHHSSGLVPRGSHMELELGLRGKKALVTGGSRGVGRGVVLALARAGVDVFTCYREESDASASLARELKQLGGD
HHALRADLADPKQIAELFQEVGRRFGTLDVVVNNAGVISHVPYAELPVAEWQRIVDVNLTGAHLVIQHAIPLLGDKGSVI
SIGSKSSEVGIPLRAHYTATKHALRGLTRSLAKEYGRSGLRFNVLALGVVETEELHALPDDERAEMTKFYSTKTALGRLG
TPDEVAGAVAWLASDLSRYVTGATIHVDGGIS
;
_entity_poly.pdbx_strand_id   A,D,E,G,H,B,C,F
#
# COMPACT_ATOMS: atom_id res chain seq x y z
N GLU A 22 17.91 15.93 3.85
CA GLU A 22 18.65 15.94 2.58
C GLU A 22 18.30 14.72 1.73
N LEU A 23 17.97 13.59 2.38
CA LEU A 23 17.49 12.41 1.66
C LEU A 23 15.98 12.54 1.41
N GLU A 24 15.65 13.46 0.51
CA GLU A 24 14.29 13.71 0.08
C GLU A 24 14.31 13.97 -1.43
N LEU A 25 13.19 13.67 -2.10
CA LEU A 25 13.15 13.82 -3.55
C LEU A 25 13.14 15.28 -3.97
N GLY A 26 12.45 16.13 -3.22
CA GLY A 26 12.39 17.56 -3.54
C GLY A 26 11.74 17.87 -4.87
N LEU A 27 10.62 17.20 -5.17
CA LEU A 27 9.98 17.36 -6.47
C LEU A 27 8.93 18.47 -6.50
N ARG A 28 8.43 18.92 -5.36
CA ARG A 28 7.41 19.94 -5.32
C ARG A 28 7.88 21.20 -6.04
N GLY A 29 7.02 21.74 -6.91
CA GLY A 29 7.32 22.94 -7.65
C GLY A 29 7.97 22.75 -9.00
N LYS A 30 8.42 21.55 -9.32
CA LYS A 30 9.11 21.31 -10.58
C LYS A 30 8.10 21.29 -11.74
N LYS A 31 8.63 21.39 -12.96
CA LYS A 31 7.84 21.32 -14.18
C LYS A 31 8.33 20.13 -15.00
N ALA A 32 7.39 19.30 -15.46
CA ALA A 32 7.71 18.08 -16.16
C ALA A 32 6.92 17.98 -17.45
N LEU A 33 7.54 17.36 -18.45
CA LEU A 33 6.88 16.98 -19.68
C LEU A 33 6.93 15.46 -19.82
N VAL A 34 5.77 14.85 -19.99
CA VAL A 34 5.64 13.40 -20.16
C VAL A 34 4.84 13.15 -21.42
N THR A 35 5.47 12.54 -22.41
CA THR A 35 4.76 12.23 -23.65
C THR A 35 3.96 10.95 -23.51
N GLY A 36 2.83 10.88 -24.21
CA GLY A 36 1.96 9.72 -24.17
C GLY A 36 1.41 9.43 -22.78
N GLY A 37 0.76 10.41 -22.18
CA GLY A 37 0.30 10.29 -20.80
C GLY A 37 -1.16 9.96 -20.62
N SER A 38 -1.86 9.51 -21.67
CA SER A 38 -3.28 9.20 -21.52
C SER A 38 -3.54 7.75 -21.13
N ARG A 39 -2.62 6.83 -21.44
CA ARG A 39 -2.80 5.42 -21.14
C ARG A 39 -1.52 4.82 -20.57
N GLY A 40 -1.68 3.71 -19.86
CA GLY A 40 -0.55 2.85 -19.55
C GLY A 40 0.45 3.49 -18.61
N VAL A 41 1.73 3.26 -18.92
CA VAL A 41 2.83 3.73 -18.06
C VAL A 41 2.82 5.24 -17.95
N GLY A 42 2.61 5.93 -19.08
CA GLY A 42 2.66 7.38 -19.06
C GLY A 42 1.60 8.00 -18.18
N ARG A 43 0.38 7.43 -18.21
CA ARG A 43 -0.69 7.93 -17.36
C ARG A 43 -0.35 7.76 -15.89
N GLY A 44 0.25 6.63 -15.52
CA GLY A 44 0.67 6.44 -14.15
C GLY A 44 1.76 7.41 -13.73
N VAL A 45 2.75 7.62 -14.60
CA VAL A 45 3.82 8.58 -14.30
C VAL A 45 3.25 9.98 -14.15
N VAL A 46 2.36 10.38 -15.06
CA VAL A 46 1.78 11.72 -15.02
C VAL A 46 1.07 11.95 -13.70
N LEU A 47 0.18 11.03 -13.33
CA LEU A 47 -0.63 11.22 -12.13
C LEU A 47 0.22 11.17 -10.86
N ALA A 48 1.26 10.32 -10.85
CA ALA A 48 2.12 10.24 -9.66
C ALA A 48 2.92 11.52 -9.47
N LEU A 49 3.50 12.04 -10.56
CA LEU A 49 4.21 13.33 -10.47
C LEU A 49 3.26 14.44 -10.05
N ALA A 50 2.05 14.45 -10.59
CA ALA A 50 1.10 15.52 -10.27
C ALA A 50 0.73 15.49 -8.80
N ARG A 51 0.41 14.30 -8.28
CA ARG A 51 0.05 14.18 -6.87
C ARG A 51 1.19 14.60 -5.95
N ALA A 52 2.43 14.49 -6.44
CA ALA A 52 3.60 14.93 -5.68
C ALA A 52 3.88 16.41 -5.82
N GLY A 53 2.98 17.17 -6.46
CA GLY A 53 3.17 18.60 -6.58
C GLY A 53 3.99 19.05 -7.76
N VAL A 54 4.22 18.18 -8.73
CA VAL A 54 4.92 18.54 -9.96
C VAL A 54 3.88 19.02 -10.97
N ASP A 55 4.13 20.19 -11.58
CA ASP A 55 3.31 20.63 -12.70
C ASP A 55 3.67 19.79 -13.92
N VAL A 56 2.68 19.07 -14.45
CA VAL A 56 2.90 18.10 -15.51
C VAL A 56 2.31 18.60 -16.81
N PHE A 57 3.13 18.62 -17.86
CA PHE A 57 2.68 18.83 -19.22
C PHE A 57 2.74 17.49 -19.95
N THR A 58 1.62 17.09 -20.56
CA THR A 58 1.56 15.79 -21.21
C THR A 58 0.86 15.94 -22.56
N CYS A 59 1.04 14.92 -23.41
CA CYS A 59 0.44 14.93 -24.74
C CYS A 59 -0.13 13.55 -25.05
N TYR A 60 -0.92 13.50 -26.12
CA TYR A 60 -1.55 12.28 -26.60
C TYR A 60 -1.82 12.46 -28.09
N ARG A 61 -2.11 11.35 -28.77
CA ARG A 61 -2.23 11.40 -30.22
C ARG A 61 -3.65 11.63 -30.71
N GLU A 62 -4.67 11.21 -29.96
CA GLU A 62 -6.04 11.33 -30.43
C GLU A 62 -6.98 11.60 -29.27
N GLU A 63 -8.01 12.39 -29.53
CA GLU A 63 -9.05 12.63 -28.53
C GLU A 63 -9.81 11.35 -28.26
N SER A 64 -9.73 10.85 -27.03
CA SER A 64 -10.50 9.69 -26.61
C SER A 64 -11.20 10.03 -25.30
N ASP A 65 -11.73 9.02 -24.62
CA ASP A 65 -12.11 9.23 -23.23
C ASP A 65 -10.93 9.05 -22.29
N ALA A 66 -9.87 8.37 -22.74
CA ALA A 66 -8.65 8.31 -21.95
C ALA A 66 -8.05 9.69 -21.74
N SER A 67 -7.96 10.48 -22.82
CA SER A 67 -7.47 11.84 -22.69
C SER A 67 -8.48 12.71 -21.96
N ALA A 68 -9.77 12.51 -22.21
CA ALA A 68 -10.79 13.26 -21.48
C ALA A 68 -10.79 12.91 -20.00
N SER A 69 -10.65 11.62 -19.68
CA SER A 69 -10.51 11.22 -18.28
C SER A 69 -9.24 11.82 -17.66
N LEU A 70 -8.15 11.82 -18.41
CA LEU A 70 -6.90 12.39 -17.91
C LEU A 70 -7.06 13.87 -17.57
N ALA A 71 -7.67 14.64 -18.47
CA ALA A 71 -7.86 16.07 -18.21
C ALA A 71 -8.76 16.30 -17.00
N ARG A 72 -9.83 15.52 -16.88
CA ARG A 72 -10.74 15.67 -15.75
C ARG A 72 -10.03 15.39 -14.44
N GLU A 73 -9.21 14.33 -14.40
CA GLU A 73 -8.53 13.97 -13.16
C GLU A 73 -7.42 14.97 -12.83
N LEU A 74 -6.75 15.51 -13.85
CA LEU A 74 -5.73 16.53 -13.59
C LEU A 74 -6.35 17.80 -13.04
N LYS A 75 -7.55 18.16 -13.53
CA LYS A 75 -8.26 19.29 -12.94
C LYS A 75 -8.62 19.00 -11.49
N GLN A 76 -9.00 17.76 -11.17
CA GLN A 76 -9.36 17.41 -9.81
C GLN A 76 -8.16 17.48 -8.87
N LEU A 77 -6.98 17.12 -9.36
CA LEU A 77 -5.73 17.34 -8.62
C LEU A 77 -5.24 18.73 -8.98
N GLY A 78 -5.64 19.73 -8.18
CA GLY A 78 -5.30 21.11 -8.46
C GLY A 78 -3.82 21.35 -8.71
N GLY A 79 -3.52 21.93 -9.87
CA GLY A 79 -2.14 22.22 -10.25
C GLY A 79 -2.12 22.77 -11.65
N ASP A 80 -0.93 23.23 -12.06
CA ASP A 80 -0.78 23.79 -13.40
C ASP A 80 -0.39 22.65 -14.36
N HIS A 81 -1.40 21.86 -14.72
CA HIS A 81 -1.22 20.71 -15.60
C HIS A 81 -1.84 20.99 -16.96
N HIS A 82 -1.24 20.42 -18.00
CA HIS A 82 -1.70 20.64 -19.37
C HIS A 82 -1.60 19.33 -20.15
N ALA A 83 -2.63 19.06 -20.95
CA ALA A 83 -2.73 17.83 -21.73
C ALA A 83 -3.26 18.17 -23.10
N LEU A 84 -2.39 18.16 -24.11
CA LEU A 84 -2.76 18.55 -25.46
C LEU A 84 -2.57 17.39 -26.43
N ARG A 85 -3.23 17.49 -27.58
CA ARG A 85 -3.07 16.50 -28.62
C ARG A 85 -1.84 16.84 -29.47
N ALA A 86 -1.08 15.82 -29.84
CA ALA A 86 0.13 16.00 -30.63
C ALA A 86 0.64 14.66 -31.15
N ASP A 87 0.70 14.51 -32.47
CA ASP A 87 1.18 13.28 -33.09
C ASP A 87 2.69 13.38 -33.30
N LEU A 88 3.46 12.63 -32.50
CA LEU A 88 4.91 12.71 -32.54
C LEU A 88 5.50 12.21 -33.86
N ALA A 89 4.71 11.51 -34.69
CA ALA A 89 5.18 11.14 -36.01
C ALA A 89 5.30 12.33 -36.95
N ASP A 90 4.78 13.49 -36.55
CA ASP A 90 4.78 14.69 -37.38
C ASP A 90 5.66 15.75 -36.72
N PRO A 91 6.81 16.09 -37.29
CA PRO A 91 7.69 17.09 -36.65
C PRO A 91 7.07 18.47 -36.54
N LYS A 92 6.03 18.77 -37.33
CA LYS A 92 5.36 20.06 -37.19
C LYS A 92 4.61 20.17 -35.88
N GLN A 93 3.95 19.07 -35.46
CA GLN A 93 3.16 19.10 -34.23
C GLN A 93 4.04 19.01 -32.98
N ILE A 94 5.22 18.41 -33.08
CA ILE A 94 6.16 18.45 -31.96
C ILE A 94 6.60 19.89 -31.74
N ALA A 95 6.86 20.63 -32.82
CA ALA A 95 7.27 22.02 -32.70
C ALA A 95 6.20 22.87 -32.05
N GLU A 96 4.92 22.66 -32.42
CA GLU A 96 3.85 23.45 -31.84
C GLU A 96 3.57 23.05 -30.40
N LEU A 97 3.62 21.74 -30.11
CA LEU A 97 3.51 21.29 -28.72
C LEU A 97 4.46 22.06 -27.82
N PHE A 98 5.68 22.33 -28.33
CA PHE A 98 6.69 23.01 -27.53
C PHE A 98 6.55 24.52 -27.54
N GLN A 99 5.84 25.08 -28.51
CA GLN A 99 5.42 26.47 -28.38
C GLN A 99 4.40 26.62 -27.27
N GLU A 100 3.47 25.65 -27.17
CA GLU A 100 2.53 25.64 -26.06
C GLU A 100 3.24 25.44 -24.73
N VAL A 101 4.21 24.53 -24.69
CA VAL A 101 5.00 24.33 -23.47
C VAL A 101 5.72 25.62 -23.08
N GLY A 102 6.25 26.34 -24.08
CA GLY A 102 6.91 27.60 -23.79
C GLY A 102 5.96 28.65 -23.27
N ARG A 103 4.80 28.78 -23.91
CA ARG A 103 3.77 29.71 -23.44
C ARG A 103 3.42 29.43 -21.98
N ARG A 104 3.01 28.20 -21.69
CA ARG A 104 2.36 27.90 -20.42
C ARG A 104 3.34 27.65 -19.28
N PHE A 105 4.49 27.03 -19.56
CA PHE A 105 5.48 26.71 -18.53
C PHE A 105 6.70 27.63 -18.54
N GLY A 106 7.25 27.92 -19.73
CA GLY A 106 8.44 28.74 -19.81
C GLY A 106 9.72 27.97 -19.59
N THR A 107 9.69 27.00 -18.68
CA THR A 107 10.86 26.21 -18.35
C THR A 107 10.45 24.76 -18.14
N LEU A 108 11.46 23.89 -18.04
CA LEU A 108 11.26 22.47 -17.77
C LEU A 108 12.34 21.99 -16.82
N ASP A 109 11.94 21.09 -15.91
CA ASP A 109 12.89 20.38 -15.07
C ASP A 109 13.04 18.92 -15.48
N VAL A 110 11.99 18.30 -15.99
CA VAL A 110 11.95 16.87 -16.27
C VAL A 110 11.33 16.64 -17.64
N VAL A 111 11.91 15.71 -18.39
CA VAL A 111 11.33 15.21 -19.64
C VAL A 111 11.30 13.69 -19.57
N VAL A 112 10.17 13.09 -19.92
CA VAL A 112 10.01 11.64 -19.95
C VAL A 112 9.57 11.26 -21.35
N ASN A 113 10.48 10.70 -22.14
CA ASN A 113 10.13 10.13 -23.43
C ASN A 113 9.41 8.80 -23.22
N ASN A 114 8.08 8.84 -23.05
CA ASN A 114 7.33 7.62 -22.80
C ASN A 114 6.55 7.14 -24.01
N ALA A 115 6.13 8.04 -24.89
CA ALA A 115 5.28 7.66 -26.02
C ALA A 115 6.00 6.68 -26.93
N GLY A 116 5.27 5.67 -27.36
CA GLY A 116 5.82 4.66 -28.26
C GLY A 116 4.72 3.75 -28.75
N VAL A 117 4.97 3.13 -29.90
CA VAL A 117 4.02 2.23 -30.53
C VAL A 117 4.72 0.90 -30.78
N ILE A 118 3.90 -0.14 -30.95
CA ILE A 118 4.41 -1.50 -31.15
C ILE A 118 3.41 -2.25 -32.01
N SER A 119 3.93 -3.22 -32.77
CA SER A 119 3.07 -4.11 -33.54
C SER A 119 3.76 -5.47 -33.64
N HIS A 120 2.94 -6.51 -33.77
CA HIS A 120 3.43 -7.87 -33.95
C HIS A 120 3.23 -8.23 -35.42
N VAL A 121 4.28 -8.04 -36.22
CA VAL A 121 4.23 -8.37 -37.65
C VAL A 121 5.41 -9.27 -37.99
N PRO A 122 5.20 -10.38 -38.69
CA PRO A 122 6.34 -11.18 -39.16
C PRO A 122 7.28 -10.32 -39.99
N TYR A 123 8.58 -10.44 -39.68
CA TYR A 123 9.56 -9.49 -40.20
C TYR A 123 9.55 -9.46 -41.73
N ALA A 124 9.33 -10.60 -42.38
CA ALA A 124 9.32 -10.63 -43.84
C ALA A 124 8.11 -9.89 -44.40
N GLU A 125 7.02 -9.80 -43.65
CA GLU A 125 5.81 -9.14 -44.09
C GLU A 125 5.67 -7.72 -43.56
N LEU A 126 6.67 -7.21 -42.86
CA LEU A 126 6.61 -5.88 -42.27
C LEU A 126 6.67 -4.83 -43.37
N PRO A 127 5.59 -4.09 -43.63
CA PRO A 127 5.64 -3.08 -44.68
C PRO A 127 6.56 -1.93 -44.30
N VAL A 128 7.02 -1.21 -45.31
CA VAL A 128 7.94 -0.10 -45.09
C VAL A 128 7.26 0.98 -44.25
N ALA A 129 5.98 1.22 -44.50
CA ALA A 129 5.26 2.26 -43.75
C ALA A 129 5.13 1.91 -42.28
N GLU A 130 4.97 0.62 -41.95
CA GLU A 130 4.87 0.23 -40.54
C GLU A 130 6.24 0.33 -39.87
N TRP A 131 7.30 -0.10 -40.56
CA TRP A 131 8.65 0.14 -40.06
C TRP A 131 8.89 1.62 -39.83
N GLN A 132 8.57 2.45 -40.82
CA GLN A 132 8.85 3.88 -40.72
C GLN A 132 8.03 4.55 -39.62
N ARG A 133 6.81 4.08 -39.37
CA ARG A 133 6.00 4.70 -38.33
C ARG A 133 6.54 4.36 -36.94
N ILE A 134 6.99 3.11 -36.74
CA ILE A 134 7.64 2.76 -35.49
C ILE A 134 8.91 3.58 -35.30
N VAL A 135 9.64 3.83 -36.39
CA VAL A 135 10.84 4.65 -36.29
C VAL A 135 10.50 6.11 -36.04
N ASP A 136 9.45 6.62 -36.70
CA ASP A 136 9.11 8.03 -36.56
C ASP A 136 8.67 8.36 -35.14
N VAL A 137 7.87 7.49 -34.53
CA VAL A 137 7.32 7.77 -33.20
C VAL A 137 8.34 7.43 -32.12
N ASN A 138 8.91 6.22 -32.17
CA ASN A 138 9.72 5.73 -31.06
C ASN A 138 11.11 6.37 -31.02
N LEU A 139 11.69 6.69 -32.17
CA LEU A 139 13.07 7.17 -32.23
C LEU A 139 13.14 8.62 -32.67
N THR A 140 12.74 8.94 -33.91
CA THR A 140 12.79 10.31 -34.39
C THR A 140 11.97 11.23 -33.49
N GLY A 141 10.79 10.78 -33.07
CA GLY A 141 9.96 11.59 -32.20
C GLY A 141 10.62 11.85 -30.86
N ALA A 142 11.17 10.80 -30.23
CA ALA A 142 11.90 10.98 -28.99
C ALA A 142 13.06 11.95 -29.15
N HIS A 143 13.75 11.88 -30.30
CA HIS A 143 14.87 12.77 -30.55
C HIS A 143 14.40 14.21 -30.71
N LEU A 144 13.29 14.43 -31.42
CA LEU A 144 12.80 15.79 -31.61
C LEU A 144 12.27 16.38 -30.31
N VAL A 145 11.65 15.56 -29.46
CA VAL A 145 11.23 16.02 -28.14
C VAL A 145 12.44 16.51 -27.36
N ILE A 146 13.52 15.73 -27.35
CA ILE A 146 14.72 16.12 -26.62
C ILE A 146 15.33 17.38 -27.23
N GLN A 147 15.42 17.44 -28.55
CA GLN A 147 16.03 18.59 -29.21
C GLN A 147 15.27 19.88 -28.90
N HIS A 148 13.93 19.81 -28.90
CA HIS A 148 13.13 20.99 -28.56
C HIS A 148 13.22 21.31 -27.07
N ALA A 149 13.34 20.29 -26.21
CA ALA A 149 13.31 20.51 -24.77
C ALA A 149 14.62 21.05 -24.22
N ILE A 150 15.73 20.82 -24.91
CA ILE A 150 17.03 21.24 -24.37
C ILE A 150 17.07 22.74 -24.07
N PRO A 151 16.64 23.64 -24.96
CA PRO A 151 16.64 25.06 -24.59
C PRO A 151 15.81 25.37 -23.36
N LEU A 152 14.66 24.70 -23.21
CA LEU A 152 13.78 24.99 -22.07
C LEU A 152 14.36 24.52 -20.74
N LEU A 153 15.28 23.56 -20.76
CA LEU A 153 15.82 23.03 -19.52
C LEU A 153 16.91 23.92 -18.92
N GLY A 154 17.58 24.71 -19.74
CA GLY A 154 18.51 25.70 -19.21
C GLY A 154 19.74 25.09 -18.58
N ASP A 155 20.01 25.49 -17.34
CA ASP A 155 21.22 25.09 -16.62
C ASP A 155 21.11 23.71 -16.01
N LYS A 156 19.89 23.20 -15.78
CA LYS A 156 19.70 22.00 -14.99
C LYS A 156 18.43 21.31 -15.46
N GLY A 157 18.55 20.02 -15.74
CA GLY A 157 17.42 19.25 -16.24
C GLY A 157 17.73 17.76 -16.26
N SER A 158 16.70 16.94 -16.10
CA SER A 158 16.83 15.49 -16.11
C SER A 158 15.95 14.94 -17.23
N VAL A 159 16.57 14.33 -18.23
CA VAL A 159 15.85 13.74 -19.35
C VAL A 159 15.82 12.23 -19.16
N ILE A 160 14.63 11.64 -19.30
CA ILE A 160 14.39 10.23 -19.05
C ILE A 160 13.67 9.65 -20.26
N SER A 161 14.22 8.58 -20.82
CA SER A 161 13.62 7.90 -21.95
C SER A 161 13.23 6.48 -21.54
N ILE A 162 12.05 6.05 -21.98
CA ILE A 162 11.50 4.76 -21.62
C ILE A 162 12.04 3.72 -22.60
N GLY A 163 12.96 2.88 -22.15
CA GLY A 163 13.47 1.78 -22.92
C GLY A 163 12.78 0.48 -22.57
N SER A 164 13.39 -0.62 -23.00
CA SER A 164 12.83 -1.93 -22.72
C SER A 164 13.95 -2.93 -22.50
N LYS A 165 13.75 -3.81 -21.51
CA LYS A 165 14.65 -4.95 -21.34
C LYS A 165 14.59 -5.88 -22.55
N SER A 166 13.46 -5.90 -23.24
CA SER A 166 13.29 -6.82 -24.37
C SER A 166 14.28 -6.56 -25.50
N SER A 167 14.83 -5.36 -25.60
CA SER A 167 15.80 -5.11 -26.67
C SER A 167 17.14 -5.77 -26.41
N GLU A 168 17.38 -6.26 -25.19
CA GLU A 168 18.56 -7.08 -24.92
C GLU A 168 18.28 -8.57 -25.11
N VAL A 169 17.03 -8.97 -24.96
CA VAL A 169 16.66 -10.39 -25.05
C VAL A 169 16.30 -10.75 -26.48
N GLY A 170 15.50 -9.92 -27.15
CA GLY A 170 15.03 -10.22 -28.48
C GLY A 170 13.65 -10.85 -28.46
N ILE A 171 12.75 -10.36 -29.29
CA ILE A 171 11.39 -10.89 -29.36
C ILE A 171 10.99 -11.05 -30.82
N PRO A 172 10.62 -12.25 -31.26
CA PRO A 172 10.18 -12.42 -32.65
C PRO A 172 8.98 -11.55 -32.97
N LEU A 173 8.86 -11.18 -34.25
CA LEU A 173 7.78 -10.37 -34.81
C LEU A 173 7.84 -8.92 -34.34
N ARG A 174 8.91 -8.51 -33.65
CA ARG A 174 8.99 -7.16 -33.10
C ARG A 174 10.40 -6.59 -33.23
N ALA A 175 11.16 -7.03 -34.23
CA ALA A 175 12.52 -6.55 -34.40
C ALA A 175 12.58 -5.04 -34.63
N HIS A 176 11.51 -4.46 -35.18
CA HIS A 176 11.47 -3.01 -35.38
C HIS A 176 11.26 -2.29 -34.05
N TYR A 177 10.45 -2.85 -33.16
CA TYR A 177 10.23 -2.25 -31.86
C TYR A 177 11.53 -2.23 -31.04
N THR A 178 12.19 -3.39 -30.94
CA THR A 178 13.41 -3.46 -30.15
C THR A 178 14.55 -2.68 -30.80
N ALA A 179 14.50 -2.50 -32.12
CA ALA A 179 15.50 -1.67 -32.79
C ALA A 179 15.41 -0.23 -32.29
N THR A 180 14.20 0.31 -32.19
CA THR A 180 14.05 1.70 -31.77
C THR A 180 14.30 1.86 -30.28
N LYS A 181 13.78 0.93 -29.46
CA LYS A 181 13.98 1.04 -28.02
C LYS A 181 15.45 0.89 -27.63
N HIS A 182 16.22 0.12 -28.39
CA HIS A 182 17.65 0.03 -28.13
C HIS A 182 18.37 1.28 -28.60
N ALA A 183 17.93 1.83 -29.74
CA ALA A 183 18.53 3.08 -30.24
C ALA A 183 18.46 4.20 -29.21
N LEU A 184 17.43 4.20 -28.37
CA LEU A 184 17.31 5.22 -27.34
C LEU A 184 18.49 5.18 -26.37
N ARG A 185 19.09 4.01 -26.17
CA ARG A 185 20.26 3.93 -25.30
C ARG A 185 21.47 4.59 -25.94
N GLY A 186 21.69 4.33 -27.23
CA GLY A 186 22.82 4.94 -27.91
C GLY A 186 22.68 6.45 -28.04
N LEU A 187 21.45 6.93 -28.27
CA LEU A 187 21.20 8.37 -28.26
C LEU A 187 21.49 8.95 -26.87
N THR A 188 20.93 8.32 -25.83
CA THR A 188 21.05 8.84 -24.47
C THR A 188 22.51 8.98 -24.06
N ARG A 189 23.33 7.98 -24.37
CA ARG A 189 24.70 7.95 -23.86
C ARG A 189 25.57 9.03 -24.48
N SER A 190 25.42 9.29 -25.78
CA SER A 190 26.14 10.41 -26.39
C SER A 190 25.59 11.74 -25.90
N LEU A 191 24.27 11.82 -25.68
CA LEU A 191 23.67 13.05 -25.17
C LEU A 191 24.18 13.38 -23.77
N ALA A 192 24.38 12.36 -22.93
CA ALA A 192 24.91 12.60 -21.61
C ALA A 192 26.34 13.12 -21.67
N LYS A 193 27.17 12.53 -22.53
CA LYS A 193 28.53 13.02 -22.72
C LYS A 193 28.53 14.46 -23.24
N GLU A 194 27.61 14.78 -24.15
CA GLU A 194 27.65 16.08 -24.81
C GLU A 194 27.17 17.20 -23.88
N TYR A 195 26.17 16.93 -23.05
CA TYR A 195 25.54 17.98 -22.24
C TYR A 195 25.76 17.81 -20.75
N GLY A 196 26.67 16.93 -20.33
CA GLY A 196 26.88 16.71 -18.91
C GLY A 196 27.38 17.95 -18.19
N ARG A 197 28.39 18.60 -18.76
CA ARG A 197 28.94 19.82 -18.18
C ARG A 197 28.00 21.01 -18.32
N SER A 198 26.94 20.89 -19.10
CA SER A 198 25.90 21.92 -19.18
C SER A 198 24.83 21.74 -18.12
N GLY A 199 24.94 20.72 -17.27
CA GLY A 199 23.98 20.49 -16.22
C GLY A 199 22.77 19.67 -16.60
N LEU A 200 22.80 19.01 -17.75
CA LEU A 200 21.70 18.17 -18.21
C LEU A 200 22.08 16.70 -18.08
N ARG A 201 21.20 15.92 -17.48
CA ARG A 201 21.40 14.49 -17.32
C ARG A 201 20.43 13.74 -18.22
N PHE A 202 20.89 12.63 -18.80
CA PHE A 202 20.10 11.81 -19.69
C PHE A 202 20.23 10.37 -19.25
N ASN A 203 19.10 9.67 -19.12
CA ASN A 203 19.11 8.28 -18.70
C ASN A 203 17.96 7.54 -19.36
N VAL A 204 18.05 6.22 -19.32
CA VAL A 204 17.03 5.32 -19.86
C VAL A 204 16.50 4.45 -18.74
N LEU A 205 15.18 4.28 -18.68
CA LEU A 205 14.54 3.31 -17.80
C LEU A 205 14.24 2.07 -18.63
N ALA A 206 14.98 1.00 -18.38
CA ALA A 206 14.74 -0.28 -19.02
C ALA A 206 13.57 -0.97 -18.31
N LEU A 207 12.42 -0.98 -18.95
CA LEU A 207 11.20 -1.54 -18.36
C LEU A 207 11.08 -3.03 -18.66
N GLY A 208 10.49 -3.76 -17.72
CA GLY A 208 10.10 -5.13 -17.97
C GLY A 208 8.71 -5.20 -18.55
N VAL A 209 7.94 -6.21 -18.17
CA VAL A 209 6.55 -6.32 -18.58
C VAL A 209 5.68 -5.65 -17.52
N VAL A 210 4.91 -4.64 -17.93
CA VAL A 210 4.12 -3.82 -17.02
C VAL A 210 2.65 -4.03 -17.33
N GLU A 211 1.84 -4.21 -16.28
CA GLU A 211 0.40 -4.33 -16.43
C GLU A 211 -0.19 -3.03 -16.97
N THR A 212 -1.01 -3.13 -18.00
CA THR A 212 -1.64 -1.96 -18.61
C THR A 212 -3.04 -2.33 -19.07
N GLU A 213 -3.59 -1.50 -19.95
CA GLU A 213 -4.90 -1.65 -20.60
C GLU A 213 -5.55 -3.02 -20.45
N ALA A 224 -4.50 -13.74 -17.97
CA ALA A 224 -4.56 -15.13 -17.51
C ALA A 224 -3.32 -15.90 -17.96
N GLU A 225 -3.28 -16.27 -19.25
CA GLU A 225 -2.15 -17.02 -19.76
C GLU A 225 -0.89 -16.16 -19.83
N MET A 226 -1.02 -14.93 -20.33
CA MET A 226 0.16 -14.08 -20.49
C MET A 226 0.73 -13.65 -19.14
N THR A 227 -0.14 -13.37 -18.17
CA THR A 227 0.33 -12.91 -16.86
C THR A 227 1.25 -13.94 -16.22
N LYS A 228 0.85 -15.21 -16.22
CA LYS A 228 1.70 -16.24 -15.63
C LYS A 228 2.87 -16.58 -16.54
N PHE A 229 2.70 -16.46 -17.86
CA PHE A 229 3.80 -16.71 -18.78
C PHE A 229 4.96 -15.76 -18.52
N TYR A 230 4.67 -14.47 -18.33
CA TYR A 230 5.73 -13.51 -18.06
C TYR A 230 6.16 -13.52 -16.60
N SER A 231 5.23 -13.76 -15.67
CA SER A 231 5.58 -13.78 -14.26
C SER A 231 6.60 -14.87 -13.94
N THR A 232 6.56 -15.99 -14.68
CA THR A 232 7.56 -17.03 -14.47
C THR A 232 8.95 -16.56 -14.88
N LYS A 233 9.02 -15.57 -15.78
CA LYS A 233 10.31 -15.06 -16.23
C LYS A 233 10.88 -13.99 -15.29
N THR A 234 10.06 -13.41 -14.41
CA THR A 234 10.56 -12.43 -13.47
C THR A 234 11.23 -13.11 -12.28
N ALA A 235 12.02 -12.33 -11.55
CA ALA A 235 12.53 -12.80 -10.26
C ALA A 235 11.51 -12.60 -9.15
N LEU A 236 10.69 -11.55 -9.25
CA LEU A 236 9.70 -11.24 -8.21
C LEU A 236 8.40 -12.02 -8.37
N GLY A 237 8.18 -12.67 -9.51
CA GLY A 237 6.98 -13.45 -9.70
C GLY A 237 5.72 -12.64 -9.94
N ARG A 238 5.85 -11.40 -10.40
CA ARG A 238 4.70 -10.58 -10.70
C ARG A 238 5.09 -9.54 -11.76
N LEU A 239 4.09 -9.09 -12.51
CA LEU A 239 4.31 -8.02 -13.47
C LEU A 239 4.41 -6.67 -12.76
N GLY A 240 4.88 -5.67 -13.50
CA GLY A 240 5.05 -4.34 -12.94
C GLY A 240 3.81 -3.49 -13.04
N THR A 241 3.81 -2.39 -12.28
CA THR A 241 2.77 -1.38 -12.26
C THR A 241 3.32 -0.06 -12.81
N PRO A 242 2.47 0.76 -13.44
CA PRO A 242 2.92 2.10 -13.83
C PRO A 242 3.48 2.91 -12.68
N ASP A 243 2.94 2.72 -11.46
CA ASP A 243 3.43 3.49 -10.32
C ASP A 243 4.84 3.07 -9.91
N GLU A 244 5.22 1.81 -10.18
CA GLU A 244 6.58 1.40 -9.90
C GLU A 244 7.56 2.05 -10.87
N VAL A 245 7.16 2.22 -12.14
CA VAL A 245 7.93 3.02 -13.07
C VAL A 245 8.04 4.46 -12.56
N ALA A 246 6.92 5.00 -12.04
CA ALA A 246 6.93 6.35 -11.53
C ALA A 246 7.89 6.50 -10.36
N GLY A 247 8.08 5.44 -9.58
CA GLY A 247 9.05 5.49 -8.50
C GLY A 247 10.47 5.68 -9.00
N ALA A 248 10.80 5.07 -10.14
CA ALA A 248 12.12 5.25 -10.72
C ALA A 248 12.24 6.62 -11.38
N VAL A 249 11.21 7.03 -12.13
CA VAL A 249 11.19 8.38 -12.69
C VAL A 249 11.38 9.42 -11.60
N ALA A 250 10.67 9.24 -10.48
CA ALA A 250 10.78 10.18 -9.37
C ALA A 250 12.23 10.29 -8.88
N TRP A 251 12.93 9.16 -8.80
CA TRP A 251 14.33 9.20 -8.39
C TRP A 251 15.19 9.94 -9.42
N LEU A 252 15.02 9.62 -10.70
CA LEU A 252 15.83 10.25 -11.73
C LEU A 252 15.52 11.74 -11.86
N ALA A 253 14.29 12.15 -11.53
CA ALA A 253 13.95 13.57 -11.52
C ALA A 253 14.53 14.30 -10.32
N SER A 254 14.94 13.57 -9.29
CA SER A 254 15.38 14.16 -8.03
C SER A 254 16.88 14.44 -8.03
N ASP A 255 17.29 15.32 -7.11
CA ASP A 255 18.71 15.58 -6.90
C ASP A 255 19.43 14.43 -6.23
N LEU A 256 18.69 13.44 -5.72
CA LEU A 256 19.33 12.24 -5.18
C LEU A 256 20.08 11.46 -6.25
N SER A 257 19.79 11.73 -7.52
CA SER A 257 20.47 11.08 -8.64
C SER A 257 21.34 12.07 -9.42
N ARG A 258 21.88 13.08 -8.73
CA ARG A 258 22.59 14.15 -9.43
C ARG A 258 23.88 13.68 -10.09
N TYR A 259 24.43 12.54 -9.66
CA TYR A 259 25.64 11.99 -10.27
C TYR A 259 25.32 10.83 -11.21
N VAL A 260 24.05 10.57 -11.48
CA VAL A 260 23.62 9.51 -12.38
C VAL A 260 23.32 10.13 -13.74
N THR A 261 24.07 9.71 -14.76
CA THR A 261 23.77 10.13 -16.12
C THR A 261 24.39 9.14 -17.11
N GLY A 262 23.78 9.07 -18.29
CA GLY A 262 24.19 8.11 -19.28
C GLY A 262 23.98 6.66 -18.89
N ALA A 263 23.07 6.39 -17.96
CA ALA A 263 22.86 5.06 -17.42
C ALA A 263 21.57 4.45 -17.95
N THR A 264 21.54 3.13 -17.99
CA THR A 264 20.35 2.35 -18.30
C THR A 264 19.89 1.70 -16.99
N ILE A 265 18.86 2.28 -16.37
CA ILE A 265 18.34 1.78 -15.10
C ILE A 265 17.24 0.77 -15.42
N HIS A 266 17.39 -0.44 -14.89
CA HIS A 266 16.42 -1.51 -15.14
C HIS A 266 15.33 -1.47 -14.08
N VAL A 267 14.09 -1.33 -14.53
CA VAL A 267 12.91 -1.49 -13.68
C VAL A 267 12.08 -2.63 -14.26
N ASP A 268 12.54 -3.86 -14.03
CA ASP A 268 11.98 -5.01 -14.74
C ASP A 268 11.74 -6.22 -13.86
N GLY A 269 11.84 -6.10 -12.54
CA GLY A 269 11.63 -7.24 -11.66
C GLY A 269 12.56 -8.39 -11.92
N GLY A 270 13.75 -8.12 -12.46
CA GLY A 270 14.70 -9.18 -12.79
C GLY A 270 14.23 -10.10 -13.89
N ILE A 271 13.46 -9.59 -14.86
CA ILE A 271 12.92 -10.43 -15.91
C ILE A 271 14.06 -11.08 -16.69
N SER A 272 13.86 -12.34 -17.07
CA SER A 272 14.83 -13.23 -17.74
C SER A 272 16.18 -12.61 -18.11
N GLU B 22 -4.27 -6.64 44.13
CA GLU B 22 -4.58 -5.25 43.81
C GLU B 22 -5.84 -5.15 42.97
N LEU B 23 -6.19 -6.26 42.29
CA LEU B 23 -7.47 -6.35 41.59
C LEU B 23 -8.53 -6.90 42.53
N GLU B 24 -8.86 -6.06 43.52
CA GLU B 24 -9.86 -6.37 44.53
C GLU B 24 -10.84 -5.20 44.61
N LEU B 25 -12.08 -5.50 45.01
CA LEU B 25 -13.08 -4.44 45.11
C LEU B 25 -12.80 -3.53 46.29
N GLY B 26 -12.26 -4.07 47.38
CA GLY B 26 -11.88 -3.27 48.54
C GLY B 26 -13.01 -2.44 49.10
N LEU B 27 -14.17 -3.07 49.31
CA LEU B 27 -15.36 -2.35 49.75
C LEU B 27 -15.52 -2.30 51.26
N ARG B 28 -14.76 -3.08 52.02
CA ARG B 28 -14.95 -3.15 53.46
C ARG B 28 -14.55 -1.84 54.13
N GLY B 29 -15.43 -1.30 54.95
CA GLY B 29 -15.20 -0.05 55.63
C GLY B 29 -15.80 1.17 54.97
N LYS B 30 -16.42 1.02 53.81
CA LYS B 30 -17.06 2.14 53.15
C LYS B 30 -18.47 2.36 53.69
N LYS B 31 -19.00 3.54 53.42
CA LYS B 31 -20.33 3.93 53.85
C LYS B 31 -21.17 4.26 52.62
N ALA B 32 -22.32 3.61 52.51
CA ALA B 32 -23.19 3.74 51.35
C ALA B 32 -24.58 4.16 51.77
N LEU B 33 -25.26 4.88 50.88
CA LEU B 33 -26.67 5.20 51.01
C LEU B 33 -27.41 4.58 49.84
N VAL B 34 -28.47 3.83 50.13
CA VAL B 34 -29.27 3.15 49.13
C VAL B 34 -30.73 3.52 49.40
N THR B 35 -31.34 4.25 48.47
CA THR B 35 -32.73 4.61 48.64
C THR B 35 -33.62 3.45 48.23
N GLY B 36 -34.75 3.31 48.94
CA GLY B 36 -35.69 2.23 48.68
C GLY B 36 -35.08 0.84 48.85
N GLY B 37 -34.66 0.52 50.07
CA GLY B 37 -33.97 -0.73 50.33
C GLY B 37 -34.82 -1.83 50.96
N SER B 38 -36.13 -1.69 51.00
CA SER B 38 -36.98 -2.69 51.63
C SER B 38 -37.39 -3.81 50.67
N ARG B 39 -37.44 -3.55 49.38
CA ARG B 39 -37.93 -4.52 48.41
C ARG B 39 -37.03 -4.57 47.18
N GLY B 40 -37.07 -5.74 46.52
CA GLY B 40 -36.60 -5.83 45.14
C GLY B 40 -35.12 -5.58 44.99
N VAL B 41 -34.79 -4.69 44.05
CA VAL B 41 -33.41 -4.45 43.70
C VAL B 41 -32.67 -3.77 44.85
N GLY B 42 -33.29 -2.75 45.45
CA GLY B 42 -32.65 -2.05 46.55
C GLY B 42 -32.34 -2.96 47.73
N ARG B 43 -33.26 -3.87 48.05
CA ARG B 43 -33.05 -4.77 49.17
C ARG B 43 -31.86 -5.69 48.91
N GLY B 44 -31.76 -6.22 47.70
CA GLY B 44 -30.61 -7.07 47.36
C GLY B 44 -29.30 -6.30 47.40
N VAL B 45 -29.31 -5.06 46.91
CA VAL B 45 -28.09 -4.25 46.93
C VAL B 45 -27.69 -3.94 48.37
N VAL B 46 -28.67 -3.61 49.22
CA VAL B 46 -28.37 -3.29 50.61
C VAL B 46 -27.76 -4.49 51.32
N LEU B 47 -28.39 -5.66 51.17
CA LEU B 47 -27.89 -6.85 51.87
C LEU B 47 -26.53 -7.29 51.33
N ALA B 48 -26.37 -7.30 50.00
CA ALA B 48 -25.09 -7.72 49.43
C ALA B 48 -23.96 -6.79 49.85
N LEU B 49 -24.22 -5.47 49.85
CA LEU B 49 -23.21 -4.53 50.32
C LEU B 49 -22.94 -4.71 51.81
N ALA B 50 -23.97 -5.06 52.59
CA ALA B 50 -23.80 -5.22 54.03
C ALA B 50 -22.92 -6.43 54.34
N ARG B 51 -23.13 -7.56 53.66
CA ARG B 51 -22.30 -8.73 53.89
C ARG B 51 -20.84 -8.46 53.53
N ALA B 52 -20.60 -7.59 52.55
CA ALA B 52 -19.26 -7.26 52.12
C ALA B 52 -18.53 -6.30 53.05
N GLY B 53 -19.15 -5.94 54.17
CA GLY B 53 -18.51 -5.03 55.11
C GLY B 53 -18.71 -3.56 54.82
N VAL B 54 -19.77 -3.19 54.11
CA VAL B 54 -20.11 -1.80 53.85
C VAL B 54 -21.16 -1.37 54.86
N ASP B 55 -20.92 -0.25 55.53
CA ASP B 55 -21.94 0.36 56.39
C ASP B 55 -23.00 0.99 55.51
N VAL B 56 -24.22 0.45 55.57
CA VAL B 56 -25.29 0.82 54.65
C VAL B 56 -26.35 1.63 55.38
N PHE B 57 -26.64 2.82 54.86
CA PHE B 57 -27.81 3.60 55.23
C PHE B 57 -28.85 3.43 54.13
N THR B 58 -30.11 3.20 54.51
CA THR B 58 -31.16 3.01 53.53
C THR B 58 -32.45 3.64 54.03
N CYS B 59 -33.42 3.77 53.13
CA CYS B 59 -34.70 4.37 53.46
C CYS B 59 -35.83 3.65 52.72
N TYR B 60 -37.05 3.96 53.14
CA TYR B 60 -38.27 3.37 52.58
C TYR B 60 -39.41 4.33 52.81
N ARG B 61 -40.50 4.12 52.05
CA ARG B 61 -41.60 5.08 52.06
C ARG B 61 -42.38 5.03 53.37
N GLU B 62 -42.69 3.84 53.86
CA GLU B 62 -43.44 3.72 55.10
C GLU B 62 -43.18 2.36 55.74
N GLU B 63 -43.46 2.29 57.05
CA GLU B 63 -43.19 1.09 57.81
C GLU B 63 -43.98 -0.09 57.27
N SER B 64 -43.29 -1.18 56.97
CA SER B 64 -43.94 -2.37 56.45
C SER B 64 -43.38 -3.59 57.13
N ASP B 65 -44.01 -4.74 56.81
CA ASP B 65 -43.41 -6.03 57.12
C ASP B 65 -42.05 -6.17 56.45
N ALA B 66 -41.88 -5.60 55.26
CA ALA B 66 -40.61 -5.69 54.57
C ALA B 66 -39.55 -4.79 55.21
N SER B 67 -39.94 -3.58 55.61
CA SER B 67 -38.98 -2.70 56.28
C SER B 67 -38.57 -3.25 57.64
N ALA B 68 -39.48 -3.97 58.31
CA ALA B 68 -39.12 -4.56 59.60
C ALA B 68 -38.20 -5.76 59.42
N SER B 69 -38.44 -6.57 58.38
CA SER B 69 -37.53 -7.69 58.11
C SER B 69 -36.15 -7.18 57.70
N LEU B 70 -36.11 -6.08 56.95
CA LEU B 70 -34.83 -5.48 56.57
C LEU B 70 -34.03 -5.07 57.80
N ALA B 71 -34.63 -4.24 58.66
CA ALA B 71 -33.94 -3.79 59.86
C ALA B 71 -33.51 -4.97 60.74
N ARG B 72 -34.30 -6.03 60.76
CA ARG B 72 -33.97 -7.21 61.55
C ARG B 72 -32.73 -7.90 60.99
N GLU B 73 -32.70 -8.13 59.68
CA GLU B 73 -31.55 -8.80 59.07
C GLU B 73 -30.31 -7.94 59.15
N LEU B 74 -30.46 -6.61 59.04
CA LEU B 74 -29.31 -5.73 59.23
C LEU B 74 -28.75 -5.86 60.64
N LYS B 75 -29.61 -5.94 61.64
CA LYS B 75 -29.15 -6.15 63.01
C LYS B 75 -28.37 -7.46 63.13
N GLN B 76 -28.86 -8.53 62.48
CA GLN B 76 -28.22 -9.83 62.59
C GLN B 76 -26.79 -9.79 62.03
N LEU B 77 -26.63 -9.21 60.84
CA LEU B 77 -25.32 -9.17 60.20
C LEU B 77 -24.34 -8.25 60.92
N GLY B 78 -24.80 -7.45 61.88
CA GLY B 78 -23.94 -6.50 62.54
C GLY B 78 -23.46 -5.43 61.57
N GLY B 79 -22.68 -4.50 62.11
CA GLY B 79 -22.21 -3.36 61.36
C GLY B 79 -23.03 -2.11 61.65
N ASP B 80 -22.54 -0.99 61.11
CA ASP B 80 -23.13 0.31 61.38
C ASP B 80 -24.16 0.63 60.30
N HIS B 81 -25.24 -0.16 60.29
CA HIS B 81 -26.31 0.00 59.32
C HIS B 81 -27.51 0.70 59.94
N HIS B 82 -28.24 1.42 59.10
CA HIS B 82 -29.42 2.17 59.55
C HIS B 82 -30.46 2.16 58.45
N ALA B 83 -31.73 2.18 58.86
CA ALA B 83 -32.86 2.17 57.93
C ALA B 83 -33.94 3.07 58.48
N LEU B 84 -34.10 4.25 57.88
CA LEU B 84 -35.08 5.22 58.33
C LEU B 84 -36.18 5.39 57.29
N ARG B 85 -37.36 5.74 57.76
CA ARG B 85 -38.48 6.00 56.88
C ARG B 85 -38.35 7.40 56.29
N ALA B 86 -38.64 7.51 54.98
CA ALA B 86 -38.54 8.79 54.28
C ALA B 86 -39.23 8.72 52.93
N ASP B 87 -40.30 9.52 52.76
CA ASP B 87 -40.97 9.64 51.48
C ASP B 87 -40.23 10.70 50.67
N LEU B 88 -39.53 10.26 49.62
CA LEU B 88 -38.72 11.20 48.85
C LEU B 88 -39.55 12.11 47.96
N ALA B 89 -40.87 11.91 47.89
CA ALA B 89 -41.75 12.91 47.32
C ALA B 89 -41.87 14.14 48.22
N ASP B 90 -41.29 14.09 49.42
CA ASP B 90 -41.31 15.21 50.36
C ASP B 90 -39.89 15.71 50.60
N PRO B 91 -39.51 16.86 50.06
CA PRO B 91 -38.14 17.37 50.29
C PRO B 91 -37.81 17.59 51.75
N LYS B 92 -38.81 17.85 52.60
CA LYS B 92 -38.54 17.95 54.03
C LYS B 92 -38.02 16.63 54.58
N GLN B 93 -38.65 15.52 54.19
CA GLN B 93 -38.21 14.21 54.68
C GLN B 93 -36.87 13.80 54.11
N ILE B 94 -36.54 14.28 52.91
CA ILE B 94 -35.20 14.06 52.37
C ILE B 94 -34.18 14.84 53.21
N ALA B 95 -34.54 16.04 53.64
CA ALA B 95 -33.66 16.82 54.49
C ALA B 95 -33.45 16.16 55.85
N GLU B 96 -34.53 15.63 56.45
CA GLU B 96 -34.35 14.93 57.72
C GLU B 96 -33.59 13.63 57.53
N LEU B 97 -33.74 12.98 56.38
CA LEU B 97 -32.96 11.78 56.11
C LEU B 97 -31.46 12.08 56.15
N PHE B 98 -31.05 13.19 55.54
CA PHE B 98 -29.63 13.49 55.41
C PHE B 98 -29.05 14.17 56.65
N GLN B 99 -29.88 14.76 57.51
CA GLN B 99 -29.35 15.22 58.78
C GLN B 99 -29.07 14.04 59.71
N GLU B 100 -29.86 12.97 59.61
CA GLU B 100 -29.56 11.75 60.36
C GLU B 100 -28.35 11.03 59.76
N VAL B 101 -28.23 11.04 58.43
CA VAL B 101 -27.02 10.49 57.81
C VAL B 101 -25.80 11.28 58.25
N GLY B 102 -25.92 12.60 58.33
CA GLY B 102 -24.81 13.42 58.79
C GLY B 102 -24.44 13.14 60.24
N ARG B 103 -25.44 12.87 61.08
CA ARG B 103 -25.15 12.60 62.49
C ARG B 103 -24.54 11.22 62.68
N ARG B 104 -25.09 10.20 62.01
CA ARG B 104 -24.68 8.83 62.27
C ARG B 104 -23.45 8.42 61.45
N PHE B 105 -23.29 8.95 60.24
CA PHE B 105 -22.16 8.61 59.39
C PHE B 105 -21.13 9.72 59.30
N GLY B 106 -21.56 10.97 59.07
CA GLY B 106 -20.64 12.07 58.92
C GLY B 106 -20.04 12.16 57.53
N THR B 107 -20.06 11.05 56.80
CA THR B 107 -19.44 10.99 55.49
C THR B 107 -20.07 9.86 54.68
N LEU B 108 -19.95 9.97 53.36
CA LEU B 108 -20.44 8.96 52.44
C LEU B 108 -19.39 8.68 51.38
N ASP B 109 -19.35 7.42 50.94
CA ASP B 109 -18.51 7.02 49.82
C ASP B 109 -19.30 6.62 48.59
N VAL B 110 -20.53 6.12 48.76
CA VAL B 110 -21.35 5.63 47.66
C VAL B 110 -22.79 6.08 47.88
N VAL B 111 -23.46 6.43 46.79
CA VAL B 111 -24.88 6.71 46.79
C VAL B 111 -25.51 5.93 45.64
N VAL B 112 -26.57 5.18 45.94
CA VAL B 112 -27.30 4.42 44.94
C VAL B 112 -28.73 4.95 44.91
N ASN B 113 -29.09 5.67 43.86
CA ASN B 113 -30.47 6.10 43.64
C ASN B 113 -31.26 4.91 43.11
N ASN B 114 -32.01 4.26 43.97
CA ASN B 114 -32.78 3.09 43.57
C ASN B 114 -34.28 3.26 43.70
N ALA B 115 -34.75 4.13 44.60
CA ALA B 115 -36.18 4.26 44.84
C ALA B 115 -36.89 4.76 43.58
N GLY B 116 -37.97 4.08 43.22
CA GLY B 116 -38.77 4.46 42.07
C GLY B 116 -40.14 3.84 42.14
N VAL B 117 -41.10 4.50 41.51
CA VAL B 117 -42.48 4.01 41.46
C VAL B 117 -42.87 3.85 39.99
N ILE B 118 -43.93 3.08 39.77
CA ILE B 118 -44.35 2.73 38.41
C ILE B 118 -45.85 2.49 38.41
N SER B 119 -46.50 2.82 37.30
CA SER B 119 -47.91 2.55 37.12
C SER B 119 -48.20 2.39 35.63
N HIS B 120 -49.24 1.62 35.33
CA HIS B 120 -49.65 1.32 33.95
C HIS B 120 -50.98 2.01 33.69
N VAL B 121 -50.93 3.21 33.12
CA VAL B 121 -52.11 4.00 32.81
C VAL B 121 -52.05 4.34 31.32
N PRO B 122 -53.12 4.15 30.56
CA PRO B 122 -53.17 4.72 29.21
C PRO B 122 -52.85 6.20 29.25
N TYR B 123 -51.98 6.62 28.33
CA TYR B 123 -51.40 7.97 28.41
C TYR B 123 -52.48 9.05 28.39
N ALA B 124 -53.52 8.87 27.57
CA ALA B 124 -54.59 9.85 27.52
C ALA B 124 -55.36 9.91 28.84
N GLU B 125 -55.39 8.82 29.60
CA GLU B 125 -56.09 8.75 30.87
C GLU B 125 -55.19 9.08 32.06
N LEU B 126 -53.92 9.39 31.83
CA LEU B 126 -52.97 9.62 32.93
C LEU B 126 -53.31 10.92 33.65
N PRO B 127 -53.72 10.88 34.92
CA PRO B 127 -54.00 12.12 35.64
C PRO B 127 -52.72 12.89 35.92
N VAL B 128 -52.86 14.22 36.00
CA VAL B 128 -51.71 15.08 36.26
C VAL B 128 -51.04 14.72 37.58
N ALA B 129 -51.82 14.29 38.57
CA ALA B 129 -51.25 13.94 39.87
C ALA B 129 -50.38 12.70 39.79
N GLU B 130 -50.76 11.71 38.97
CA GLU B 130 -49.91 10.54 38.80
C GLU B 130 -48.67 10.87 38.00
N TRP B 131 -48.77 11.81 37.05
CA TRP B 131 -47.56 12.33 36.40
C TRP B 131 -46.70 13.10 37.38
N GLN B 132 -47.33 13.86 38.28
CA GLN B 132 -46.50 14.58 39.25
C GLN B 132 -45.84 13.63 40.23
N ARG B 133 -46.52 12.54 40.59
CA ARG B 133 -45.93 11.58 41.51
C ARG B 133 -44.77 10.84 40.87
N ILE B 134 -44.92 10.40 39.62
CA ILE B 134 -43.84 9.68 38.95
C ILE B 134 -42.60 10.58 38.86
N VAL B 135 -42.80 11.88 38.63
CA VAL B 135 -41.67 12.80 38.52
C VAL B 135 -41.06 13.08 39.89
N ASP B 136 -41.91 13.26 40.91
CA ASP B 136 -41.42 13.65 42.23
C ASP B 136 -40.57 12.56 42.87
N VAL B 137 -40.89 11.29 42.63
CA VAL B 137 -40.17 10.19 43.25
C VAL B 137 -38.99 9.73 42.39
N ASN B 138 -39.21 9.56 41.09
CA ASN B 138 -38.16 9.00 40.23
C ASN B 138 -37.12 10.03 39.83
N LEU B 139 -37.52 11.29 39.70
CA LEU B 139 -36.68 12.32 39.09
C LEU B 139 -36.25 13.37 40.10
N THR B 140 -37.20 14.12 40.66
CA THR B 140 -36.85 15.14 41.65
C THR B 140 -36.31 14.54 42.93
N GLY B 141 -36.83 13.37 43.33
CA GLY B 141 -36.31 12.71 44.51
C GLY B 141 -34.86 12.32 44.37
N ALA B 142 -34.50 11.73 43.22
CA ALA B 142 -33.11 11.35 42.98
C ALA B 142 -32.20 12.59 42.95
N HIS B 143 -32.69 13.69 42.38
CA HIS B 143 -31.90 14.91 42.30
C HIS B 143 -31.64 15.48 43.70
N LEU B 144 -32.68 15.52 44.54
CA LEU B 144 -32.50 16.04 45.89
C LEU B 144 -31.60 15.12 46.72
N VAL B 145 -31.73 13.81 46.54
CA VAL B 145 -30.86 12.88 47.25
C VAL B 145 -29.40 13.12 46.85
N ILE B 146 -29.15 13.32 45.55
CA ILE B 146 -27.79 13.60 45.10
C ILE B 146 -27.32 14.94 45.63
N GLN B 147 -28.18 15.97 45.54
CA GLN B 147 -27.77 17.30 45.98
C GLN B 147 -27.39 17.32 47.45
N HIS B 148 -28.17 16.64 48.29
CA HIS B 148 -27.83 16.54 49.71
C HIS B 148 -26.59 15.68 49.94
N ALA B 149 -26.35 14.70 49.07
CA ALA B 149 -25.22 13.80 49.28
C ALA B 149 -23.89 14.44 48.92
N ILE B 150 -23.90 15.43 48.01
CA ILE B 150 -22.64 16.05 47.56
C ILE B 150 -21.75 16.46 48.73
N PRO B 151 -22.23 17.21 49.75
CA PRO B 151 -21.34 17.56 50.86
C PRO B 151 -20.85 16.37 51.66
N LEU B 152 -21.63 15.28 51.73
CA LEU B 152 -21.18 14.09 52.46
C LEU B 152 -20.08 13.35 51.70
N LEU B 153 -20.10 13.41 50.37
CA LEU B 153 -19.16 12.64 49.56
C LEU B 153 -17.75 13.23 49.59
N GLY B 154 -17.61 14.49 49.99
CA GLY B 154 -16.28 15.06 50.14
C GLY B 154 -15.53 15.11 48.83
N ASP B 155 -14.29 14.63 48.86
CA ASP B 155 -13.40 14.67 47.69
C ASP B 155 -13.30 13.33 46.97
N LYS B 156 -14.07 12.32 47.38
CA LYS B 156 -14.09 11.04 46.70
C LYS B 156 -15.41 10.35 46.96
N GLY B 157 -16.16 10.09 45.90
CA GLY B 157 -17.46 9.44 46.03
C GLY B 157 -17.96 8.90 44.71
N SER B 158 -18.80 7.88 44.75
CA SER B 158 -19.35 7.25 43.55
C SER B 158 -20.87 7.23 43.67
N VAL B 159 -21.54 7.89 42.72
CA VAL B 159 -22.99 8.00 42.71
C VAL B 159 -23.53 7.10 41.60
N ILE B 160 -24.45 6.22 41.95
CA ILE B 160 -25.03 5.25 41.04
C ILE B 160 -26.53 5.48 41.01
N SER B 161 -27.09 5.56 39.81
CA SER B 161 -28.53 5.78 39.63
C SER B 161 -29.09 4.62 38.81
N ILE B 162 -30.22 4.08 39.28
CA ILE B 162 -30.81 2.90 38.66
C ILE B 162 -31.67 3.37 37.48
N GLY B 163 -31.21 3.08 36.26
CA GLY B 163 -31.98 3.34 35.06
C GLY B 163 -32.61 2.07 34.52
N SER B 164 -33.10 2.16 33.29
CA SER B 164 -33.80 1.06 32.67
C SER B 164 -33.48 1.00 31.18
N LYS B 165 -33.28 -0.23 30.68
CA LYS B 165 -33.20 -0.44 29.25
C LYS B 165 -34.51 -0.09 28.55
N SER B 166 -35.63 -0.17 29.28
CA SER B 166 -36.94 0.11 28.70
C SER B 166 -37.09 1.54 28.22
N SER B 167 -36.32 2.49 28.77
CA SER B 167 -36.42 3.87 28.29
C SER B 167 -35.81 4.04 26.90
N GLU B 168 -35.03 3.07 26.43
CA GLU B 168 -34.55 3.07 25.04
C GLU B 168 -35.50 2.36 24.10
N VAL B 169 -36.20 1.34 24.59
CA VAL B 169 -37.09 0.55 23.74
C VAL B 169 -38.45 1.21 23.62
N GLY B 170 -39.01 1.66 24.75
CA GLY B 170 -40.36 2.19 24.77
C GLY B 170 -41.36 1.13 25.18
N ILE B 171 -42.19 1.45 26.17
CA ILE B 171 -43.20 0.53 26.67
C ILE B 171 -44.53 1.27 26.72
N PRO B 172 -45.58 0.77 26.06
CA PRO B 172 -46.88 1.44 26.18
C PRO B 172 -47.37 1.39 27.62
N LEU B 173 -48.17 2.40 27.98
CA LEU B 173 -48.76 2.60 29.30
C LEU B 173 -47.76 3.08 30.34
N ARG B 174 -46.51 3.38 29.96
CA ARG B 174 -45.50 3.80 30.94
C ARG B 174 -44.61 4.88 30.36
N ALA B 175 -45.17 5.78 29.54
CA ALA B 175 -44.38 6.87 28.99
C ALA B 175 -43.85 7.78 30.10
N HIS B 176 -44.61 7.95 31.18
CA HIS B 176 -44.16 8.78 32.29
C HIS B 176 -43.00 8.12 33.03
N TYR B 177 -43.05 6.80 33.19
CA TYR B 177 -41.93 6.09 33.84
C TYR B 177 -40.66 6.19 32.99
N THR B 178 -40.75 5.86 31.70
CA THR B 178 -39.57 5.91 30.84
C THR B 178 -39.03 7.32 30.71
N ALA B 179 -39.89 8.35 30.84
CA ALA B 179 -39.40 9.72 30.80
C ALA B 179 -38.49 10.03 31.99
N THR B 180 -38.90 9.60 33.19
CA THR B 180 -38.11 9.93 34.37
C THR B 180 -36.84 9.09 34.44
N LYS B 181 -36.92 7.81 34.05
CA LYS B 181 -35.73 6.96 34.08
C LYS B 181 -34.71 7.43 33.06
N HIS B 182 -35.17 7.89 31.89
CA HIS B 182 -34.24 8.40 30.90
C HIS B 182 -33.66 9.75 31.31
N ALA B 183 -34.45 10.56 32.04
CA ALA B 183 -33.95 11.83 32.54
C ALA B 183 -32.75 11.66 33.45
N LEU B 184 -32.65 10.50 34.13
CA LEU B 184 -31.51 10.24 35.01
C LEU B 184 -30.21 10.18 34.22
N ARG B 185 -30.26 9.81 32.94
CA ARG B 185 -29.05 9.74 32.14
C ARG B 185 -28.53 11.13 31.81
N GLY B 186 -29.43 12.05 31.45
CA GLY B 186 -29.00 13.42 31.17
C GLY B 186 -28.52 14.13 32.42
N LEU B 187 -29.20 13.91 33.55
CA LEU B 187 -28.71 14.40 34.83
C LEU B 187 -27.32 13.86 35.12
N THR B 188 -27.14 12.54 34.99
CA THR B 188 -25.88 11.90 35.36
C THR B 188 -24.74 12.39 34.48
N ARG B 189 -24.99 12.58 33.18
CA ARG B 189 -23.94 12.95 32.25
C ARG B 189 -23.38 14.34 32.56
N SER B 190 -24.25 15.28 32.92
CA SER B 190 -23.78 16.63 33.27
C SER B 190 -23.14 16.65 34.65
N LEU B 191 -23.72 15.92 35.61
CA LEU B 191 -23.11 15.85 36.94
C LEU B 191 -21.69 15.29 36.88
N ALA B 192 -21.47 14.30 36.01
CA ALA B 192 -20.13 13.76 35.85
C ALA B 192 -19.18 14.83 35.31
N LYS B 193 -19.61 15.60 34.30
CA LYS B 193 -18.79 16.68 33.78
C LYS B 193 -18.50 17.72 34.85
N GLU B 194 -19.49 18.02 35.70
CA GLU B 194 -19.36 19.12 36.65
C GLU B 194 -18.48 18.77 37.84
N TYR B 195 -18.59 17.54 38.35
CA TYR B 195 -17.89 17.14 39.57
C TYR B 195 -16.80 16.11 39.31
N GLY B 196 -16.42 15.87 38.05
CA GLY B 196 -15.41 14.89 37.77
C GLY B 196 -14.05 15.26 38.35
N ARG B 197 -13.67 16.53 38.21
CA ARG B 197 -12.38 16.99 38.73
C ARG B 197 -12.38 17.19 40.23
N SER B 198 -13.54 17.14 40.89
CA SER B 198 -13.63 17.20 42.34
C SER B 198 -13.55 15.83 43.00
N GLY B 199 -13.43 14.76 42.22
CA GLY B 199 -13.35 13.42 42.77
C GLY B 199 -14.67 12.68 42.86
N LEU B 200 -15.72 13.17 42.22
CA LEU B 200 -17.02 12.52 42.25
C LEU B 200 -17.29 11.84 40.91
N ARG B 201 -17.84 10.64 40.96
CA ARG B 201 -18.20 9.88 39.76
C ARG B 201 -19.68 9.58 39.76
N PHE B 202 -20.30 9.75 38.59
CA PHE B 202 -21.73 9.53 38.40
C PHE B 202 -21.95 8.57 37.24
N ASN B 203 -22.69 7.49 37.49
CA ASN B 203 -23.00 6.52 36.46
C ASN B 203 -24.43 6.02 36.63
N VAL B 204 -24.94 5.41 35.57
CA VAL B 204 -26.29 4.85 35.55
C VAL B 204 -26.17 3.36 35.28
N LEU B 205 -26.94 2.56 36.02
CA LEU B 205 -27.12 1.14 35.73
C LEU B 205 -28.44 0.98 35.00
N ALA B 206 -28.36 0.65 33.71
CA ALA B 206 -29.55 0.34 32.92
C ALA B 206 -29.92 -1.11 33.15
N LEU B 207 -31.05 -1.32 33.83
CA LEU B 207 -31.47 -2.66 34.23
C LEU B 207 -32.42 -3.27 33.20
N GLY B 208 -32.38 -4.59 33.10
CA GLY B 208 -33.36 -5.30 32.32
C GLY B 208 -34.55 -5.69 33.17
N VAL B 209 -35.09 -6.88 32.97
CA VAL B 209 -36.20 -7.39 33.77
C VAL B 209 -35.63 -8.17 34.94
N VAL B 210 -35.89 -7.71 36.15
CA VAL B 210 -35.37 -8.31 37.37
C VAL B 210 -36.52 -8.93 38.15
N GLU B 211 -36.33 -10.18 38.59
CA GLU B 211 -37.30 -10.81 39.48
C GLU B 211 -37.31 -10.09 40.82
N THR B 212 -38.45 -9.49 41.17
CA THR B 212 -38.55 -8.79 42.46
C THR B 212 -39.66 -9.38 43.31
N GLU B 213 -40.20 -8.59 44.23
CA GLU B 213 -41.22 -9.09 45.14
C GLU B 213 -42.61 -9.19 44.48
N GLU B 214 -42.65 -9.61 43.21
CA GLU B 214 -43.79 -10.37 42.62
C GLU B 214 -43.21 -11.35 41.57
N LEU B 215 -43.11 -12.68 41.76
CA LEU B 215 -43.59 -13.76 42.71
C LEU B 215 -45.04 -13.61 43.23
N HIS B 216 -45.95 -13.29 42.33
CA HIS B 216 -47.36 -13.31 42.67
C HIS B 216 -48.22 -13.77 41.49
N ALA B 224 -50.31 -15.01 35.15
CA ALA B 224 -49.02 -14.44 35.51
C ALA B 224 -47.88 -15.42 35.20
N GLU B 225 -46.98 -15.60 36.18
CA GLU B 225 -45.91 -16.63 36.14
C GLU B 225 -45.13 -16.62 34.81
N MET B 226 -45.10 -15.51 34.09
CA MET B 226 -44.46 -15.54 32.76
C MET B 226 -43.84 -14.17 32.44
N THR B 227 -42.52 -13.93 32.53
CA THR B 227 -41.35 -14.77 32.96
C THR B 227 -40.87 -15.82 31.95
N LYS B 228 -41.49 -15.90 30.77
CA LYS B 228 -40.91 -16.36 29.52
C LYS B 228 -41.19 -15.43 28.35
N PHE B 229 -42.23 -14.59 28.46
CA PHE B 229 -42.41 -13.51 27.51
C PHE B 229 -41.19 -12.59 27.51
N TYR B 230 -40.62 -12.34 28.68
CA TYR B 230 -39.42 -11.51 28.79
C TYR B 230 -38.13 -12.30 28.63
N SER B 231 -38.10 -13.55 29.10
CA SER B 231 -36.90 -14.38 28.92
C SER B 231 -36.58 -14.56 27.43
N THR B 232 -37.60 -14.72 26.60
CA THR B 232 -37.37 -14.89 25.17
C THR B 232 -36.69 -13.68 24.55
N LYS B 233 -36.94 -12.49 25.10
CA LYS B 233 -36.35 -11.26 24.58
C LYS B 233 -34.91 -11.06 25.02
N THR B 234 -34.44 -11.79 26.03
CA THR B 234 -33.08 -11.65 26.53
C THR B 234 -32.13 -12.54 25.74
N ALA B 235 -30.85 -12.20 25.82
CA ALA B 235 -29.82 -13.01 25.18
C ALA B 235 -29.46 -14.24 26.02
N LEU B 236 -29.58 -14.13 27.35
CA LEU B 236 -29.25 -15.25 28.23
C LEU B 236 -30.43 -16.16 28.49
N GLY B 237 -31.65 -15.74 28.18
CA GLY B 237 -32.81 -16.58 28.40
C GLY B 237 -33.31 -16.64 29.82
N ARG B 238 -32.99 -15.65 30.65
CA ARG B 238 -33.43 -15.64 32.04
C ARG B 238 -33.53 -14.21 32.52
N LEU B 239 -34.30 -14.03 33.59
CA LEU B 239 -34.44 -12.71 34.18
C LEU B 239 -33.29 -12.44 35.15
N GLY B 240 -33.12 -11.17 35.50
CA GLY B 240 -32.08 -10.81 36.44
C GLY B 240 -32.50 -11.03 37.89
N THR B 241 -31.50 -11.00 38.76
CA THR B 241 -31.73 -11.08 40.20
C THR B 241 -31.17 -9.82 40.87
N PRO B 242 -31.73 -9.43 42.02
CA PRO B 242 -31.16 -8.27 42.74
C PRO B 242 -29.69 -8.44 43.09
N ASP B 243 -29.21 -9.67 43.27
CA ASP B 243 -27.80 -9.86 43.57
C ASP B 243 -26.93 -9.63 42.34
N GLU B 244 -27.47 -9.85 41.14
CA GLU B 244 -26.72 -9.56 39.92
C GLU B 244 -26.55 -8.05 39.74
N VAL B 245 -27.59 -7.28 40.06
CA VAL B 245 -27.45 -5.82 40.08
C VAL B 245 -26.41 -5.41 41.10
N ALA B 246 -26.44 -6.02 42.29
CA ALA B 246 -25.48 -5.69 43.34
C ALA B 246 -24.04 -5.91 42.87
N GLY B 247 -23.81 -6.92 42.03
CA GLY B 247 -22.47 -7.12 41.50
C GLY B 247 -21.97 -5.91 40.72
N ALA B 248 -22.86 -5.30 39.92
CA ALA B 248 -22.47 -4.09 39.18
C ALA B 248 -22.32 -2.90 40.11
N VAL B 249 -23.25 -2.74 41.07
CA VAL B 249 -23.13 -1.65 42.03
C VAL B 249 -21.81 -1.75 42.78
N ALA B 250 -21.41 -2.96 43.15
CA ALA B 250 -20.13 -3.14 43.84
C ALA B 250 -18.96 -2.70 42.97
N TRP B 251 -18.99 -3.01 41.68
CA TRP B 251 -17.93 -2.58 40.78
C TRP B 251 -17.86 -1.06 40.69
N LEU B 252 -19.02 -0.43 40.50
CA LEU B 252 -19.07 1.04 40.42
C LEU B 252 -18.69 1.69 41.74
N ALA B 253 -18.85 0.98 42.86
CA ALA B 253 -18.46 1.52 44.15
C ALA B 253 -16.96 1.43 44.41
N SER B 254 -16.26 0.54 43.70
CA SER B 254 -14.88 0.23 43.98
C SER B 254 -13.94 1.04 43.09
N ASP B 255 -12.68 1.11 43.52
CA ASP B 255 -11.65 1.78 42.74
C ASP B 255 -11.29 1.01 41.48
N LEU B 256 -11.81 -0.20 41.29
CA LEU B 256 -11.64 -0.88 40.01
C LEU B 256 -12.39 -0.21 38.88
N SER B 257 -13.29 0.73 39.19
CA SER B 257 -14.01 1.50 38.19
C SER B 257 -13.65 2.98 38.26
N ARG B 258 -12.45 3.29 38.75
CA ARG B 258 -12.09 4.68 39.05
C ARG B 258 -12.02 5.56 37.80
N TYR B 259 -11.86 4.99 36.62
CA TYR B 259 -11.86 5.77 35.39
C TYR B 259 -13.20 5.73 34.68
N VAL B 260 -14.26 5.27 35.33
CA VAL B 260 -15.59 5.17 34.76
C VAL B 260 -16.45 6.28 35.33
N THR B 261 -16.97 7.15 34.46
CA THR B 261 -17.86 8.21 34.90
C THR B 261 -18.67 8.69 33.71
N GLY B 262 -19.87 9.20 34.00
CA GLY B 262 -20.77 9.65 32.96
C GLY B 262 -21.26 8.56 32.03
N ALA B 263 -21.18 7.30 32.46
CA ALA B 263 -21.49 6.16 31.61
C ALA B 263 -22.81 5.51 32.01
N THR B 264 -23.42 4.85 31.04
CA THR B 264 -24.60 4.00 31.27
C THR B 264 -24.15 2.55 31.10
N ILE B 265 -24.08 1.83 32.21
CA ILE B 265 -23.66 0.43 32.21
C ILE B 265 -24.91 -0.44 32.18
N HIS B 266 -25.07 -1.23 31.12
CA HIS B 266 -26.24 -2.06 30.93
C HIS B 266 -26.05 -3.40 31.65
N VAL B 267 -26.90 -3.65 32.64
CA VAL B 267 -26.97 -4.96 33.29
C VAL B 267 -28.35 -5.53 32.98
N ASP B 268 -28.53 -6.07 31.77
CA ASP B 268 -29.86 -6.43 31.31
C ASP B 268 -29.93 -7.80 30.64
N GLY B 269 -28.88 -8.60 30.71
CA GLY B 269 -28.90 -9.89 30.05
C GLY B 269 -29.02 -9.83 28.54
N GLY B 270 -28.67 -8.70 27.94
CA GLY B 270 -28.79 -8.56 26.50
C GLY B 270 -30.22 -8.46 26.01
N ILE B 271 -31.12 -7.91 26.83
CA ILE B 271 -32.53 -7.84 26.45
C ILE B 271 -32.71 -6.81 25.35
N SER B 272 -33.71 -7.05 24.50
CA SER B 272 -34.02 -6.13 23.41
C SER B 272 -35.53 -6.10 23.14
N LEU C 23 -18.97 -11.62 46.97
CA LEU C 23 -18.45 -10.30 47.29
C LEU C 23 -17.08 -10.07 46.67
N GLU C 24 -16.65 -10.99 45.79
CA GLU C 24 -15.30 -10.97 45.26
C GLU C 24 -15.31 -11.31 43.78
N LEU C 25 -14.17 -11.05 43.13
CA LEU C 25 -13.88 -11.58 41.82
C LEU C 25 -13.22 -12.94 42.00
N GLY C 26 -13.78 -13.96 41.34
CA GLY C 26 -13.19 -15.29 41.45
C GLY C 26 -12.22 -15.55 40.32
N LEU C 27 -11.21 -14.68 40.17
CA LEU C 27 -10.32 -14.74 39.02
C LEU C 27 -9.21 -15.78 39.20
N ARG C 28 -8.77 -16.01 40.44
CA ARG C 28 -7.66 -16.93 40.67
C ARG C 28 -8.01 -18.33 40.17
N GLY C 29 -7.15 -18.86 39.30
CA GLY C 29 -7.36 -20.16 38.70
C GLY C 29 -7.95 -20.13 37.31
N LYS C 30 -8.46 -19.00 36.86
CA LYS C 30 -9.03 -18.92 35.53
C LYS C 30 -7.93 -18.88 34.46
N LYS C 31 -8.33 -19.11 33.21
CA LYS C 31 -7.43 -19.06 32.07
C LYS C 31 -7.93 -18.02 31.08
N ALA C 32 -7.04 -17.13 30.67
CA ALA C 32 -7.42 -16.00 29.82
C ALA C 32 -6.47 -15.88 28.63
N LEU C 33 -7.03 -15.42 27.52
CA LEU C 33 -6.25 -15.09 26.33
C LEU C 33 -6.42 -13.61 26.05
N VAL C 34 -5.30 -12.90 25.93
CA VAL C 34 -5.29 -11.46 25.67
C VAL C 34 -4.42 -11.23 24.43
N THR C 35 -5.03 -10.77 23.36
CA THR C 35 -4.27 -10.48 22.14
C THR C 35 -3.58 -9.13 22.25
N GLY C 36 -2.40 -9.03 21.63
CA GLY C 36 -1.63 -7.82 21.65
C GLY C 36 -1.30 -7.34 23.05
N GLY C 37 -0.66 -8.20 23.83
CA GLY C 37 -0.42 -7.91 25.23
C GLY C 37 1.01 -7.57 25.58
N SER C 38 1.80 -7.13 24.60
CA SER C 38 3.17 -6.75 24.88
C SER C 38 3.34 -5.26 25.15
N ARG C 39 2.41 -4.43 24.66
CA ARG C 39 2.51 -2.99 24.80
C ARG C 39 1.20 -2.41 25.30
N GLY C 40 1.30 -1.26 25.96
CA GLY C 40 0.13 -0.42 26.22
C GLY C 40 -0.96 -1.12 27.00
N VAL C 41 -2.19 -0.96 26.52
CA VAL C 41 -3.38 -1.46 27.23
C VAL C 41 -3.28 -2.97 27.44
N GLY C 42 -2.89 -3.70 26.40
CA GLY C 42 -2.81 -5.14 26.51
C GLY C 42 -1.85 -5.60 27.60
N ARG C 43 -0.66 -4.99 27.65
CA ARG C 43 0.35 -5.40 28.62
C ARG C 43 -0.14 -5.17 30.04
N GLY C 44 -0.84 -4.05 30.28
CA GLY C 44 -1.38 -3.79 31.60
C GLY C 44 -2.44 -4.80 31.99
N VAL C 45 -3.31 -5.18 31.03
CA VAL C 45 -4.32 -6.20 31.29
C VAL C 45 -3.66 -7.54 31.56
N VAL C 46 -2.62 -7.89 30.78
CA VAL C 46 -1.94 -9.15 30.95
C VAL C 46 -1.31 -9.24 32.34
N LEU C 47 -0.55 -8.22 32.73
CA LEU C 47 0.14 -8.25 34.01
C LEU C 47 -0.84 -8.22 35.17
N ALA C 48 -1.89 -7.40 35.07
CA ALA C 48 -2.85 -7.29 36.16
C ALA C 48 -3.61 -8.60 36.36
N LEU C 49 -4.03 -9.25 35.27
CA LEU C 49 -4.67 -10.55 35.39
C LEU C 49 -3.72 -11.59 35.96
N ALA C 50 -2.47 -11.61 35.49
CA ALA C 50 -1.54 -12.63 35.93
C ALA C 50 -1.22 -12.51 37.41
N ARG C 51 -1.15 -11.28 37.94
CA ARG C 51 -0.95 -11.11 39.37
C ARG C 51 -2.16 -11.56 40.17
N ALA C 52 -3.37 -11.40 39.61
CA ALA C 52 -4.56 -11.89 40.28
C ALA C 52 -4.64 -13.41 40.33
N GLY C 53 -3.63 -14.11 39.82
CA GLY C 53 -3.66 -15.55 39.78
C GLY C 53 -4.31 -16.14 38.55
N VAL C 54 -4.39 -15.39 37.46
CA VAL C 54 -4.98 -15.85 36.21
C VAL C 54 -3.86 -16.35 35.32
N ASP C 55 -4.03 -17.55 34.76
CA ASP C 55 -3.11 -18.05 33.74
C ASP C 55 -3.37 -17.32 32.43
N VAL C 56 -2.42 -16.51 32.00
CA VAL C 56 -2.61 -15.61 30.87
C VAL C 56 -1.87 -16.14 29.66
N PHE C 57 -2.57 -16.23 28.53
CA PHE C 57 -1.98 -16.50 27.23
C PHE C 57 -2.06 -15.22 26.42
N THR C 58 -0.93 -14.78 25.87
CA THR C 58 -0.89 -13.55 25.10
C THR C 58 -0.14 -13.77 23.80
N CYS C 59 -0.30 -12.84 22.87
CA CYS C 59 0.38 -12.91 21.59
C CYS C 59 0.79 -11.51 21.14
N TYR C 60 1.70 -11.48 20.18
CA TYR C 60 2.30 -10.22 19.73
C TYR C 60 2.73 -10.38 18.28
N ARG C 61 3.04 -9.24 17.65
CA ARG C 61 3.41 -9.21 16.24
C ARG C 61 4.72 -8.47 15.97
N GLU C 62 5.35 -7.88 16.99
CA GLU C 62 6.69 -7.30 16.89
C GLU C 62 7.57 -7.94 17.95
N GLU C 63 8.62 -8.65 17.52
CA GLU C 63 9.51 -9.36 18.44
C GLU C 63 10.46 -8.34 19.04
N SER C 64 9.88 -7.44 19.82
CA SER C 64 10.59 -6.29 20.33
C SER C 64 11.16 -6.57 21.72
N ASP C 65 11.78 -5.55 22.30
CA ASP C 65 12.17 -5.62 23.70
C ASP C 65 10.95 -5.63 24.62
N ALA C 66 9.78 -5.27 24.10
CA ALA C 66 8.55 -5.31 24.90
C ALA C 66 8.10 -6.73 25.15
N SER C 67 8.07 -7.55 24.09
CA SER C 67 7.71 -8.95 24.26
C SER C 67 8.75 -9.71 25.07
N ALA C 68 10.02 -9.34 24.95
CA ALA C 68 11.06 -9.99 25.73
C ALA C 68 10.95 -9.63 27.20
N SER C 69 10.76 -8.34 27.49
CA SER C 69 10.58 -7.91 28.88
C SER C 69 9.28 -8.49 29.46
N LEU C 70 8.24 -8.61 28.63
CA LEU C 70 6.99 -9.18 29.09
C LEU C 70 7.18 -10.62 29.53
N ALA C 71 7.85 -11.43 28.71
CA ALA C 71 8.08 -12.82 29.05
C ALA C 71 8.90 -12.96 30.34
N ARG C 72 9.88 -12.07 30.54
CA ARG C 72 10.68 -12.13 31.76
C ARG C 72 9.83 -11.82 32.99
N GLU C 73 8.97 -10.80 32.90
CA GLU C 73 8.12 -10.46 34.04
C GLU C 73 7.15 -11.59 34.37
N LEU C 74 6.61 -12.26 33.34
CA LEU C 74 5.68 -13.35 33.58
C LEU C 74 6.35 -14.52 34.28
N LYS C 75 7.60 -14.83 33.90
CA LYS C 75 8.32 -15.91 34.55
C LYS C 75 8.61 -15.58 36.02
N GLN C 76 9.09 -14.36 36.28
CA GLN C 76 9.28 -13.91 37.65
C GLN C 76 7.97 -13.94 38.42
N LEU C 77 6.85 -13.68 37.73
CA LEU C 77 5.55 -13.65 38.38
C LEU C 77 5.13 -15.03 38.88
N GLY C 78 5.59 -16.09 38.21
CA GLY C 78 5.32 -17.44 38.67
C GLY C 78 3.89 -17.89 38.43
N GLY C 79 3.53 -18.08 37.16
CA GLY C 79 2.25 -18.64 36.81
C GLY C 79 2.39 -19.47 35.55
N ASP C 80 1.28 -19.98 35.02
CA ASP C 80 1.29 -20.74 33.77
C ASP C 80 0.98 -19.82 32.59
N HIS C 81 1.88 -18.86 32.37
CA HIS C 81 1.70 -17.83 31.36
C HIS C 81 2.57 -18.13 30.14
N HIS C 82 2.08 -17.71 28.97
CA HIS C 82 2.78 -17.92 27.72
C HIS C 82 2.62 -16.70 26.82
N ALA C 83 3.73 -16.26 26.23
CA ALA C 83 3.72 -15.19 25.23
C ALA C 83 4.11 -15.83 23.90
N LEU C 84 3.10 -16.21 23.12
CA LEU C 84 3.30 -16.75 21.78
C LEU C 84 3.22 -15.62 20.76
N ARG C 85 3.52 -15.96 19.50
CA ARG C 85 3.62 -14.97 18.43
C ARG C 85 2.70 -15.36 17.29
N ALA C 86 1.82 -14.44 16.90
CA ALA C 86 0.93 -14.65 15.76
C ALA C 86 0.54 -13.30 15.19
N ASP C 87 0.69 -13.16 13.87
CA ASP C 87 0.20 -11.98 13.17
C ASP C 87 -1.27 -12.21 12.83
N LEU C 88 -2.16 -11.48 13.50
CA LEU C 88 -3.59 -11.69 13.36
C LEU C 88 -4.10 -11.33 11.97
N ALA C 89 -3.32 -10.61 11.17
CA ALA C 89 -3.69 -10.39 9.78
C ALA C 89 -3.57 -11.64 8.92
N ASP C 90 -3.00 -12.71 9.48
CA ASP C 90 -2.86 -13.98 8.76
C ASP C 90 -3.71 -15.03 9.45
N PRO C 91 -4.80 -15.50 8.83
CA PRO C 91 -5.64 -16.51 9.47
C PRO C 91 -4.90 -17.79 9.82
N LYS C 92 -3.86 -18.14 9.05
CA LYS C 92 -3.12 -19.36 9.35
C LYS C 92 -2.34 -19.26 10.65
N GLN C 93 -1.89 -18.05 11.01
CA GLN C 93 -1.22 -17.87 12.29
C GLN C 93 -2.19 -17.84 13.46
N ILE C 94 -3.41 -17.35 13.24
CA ILE C 94 -4.44 -17.42 14.27
C ILE C 94 -4.79 -18.86 14.57
N ALA C 95 -4.87 -19.70 13.52
CA ALA C 95 -5.12 -21.11 13.73
C ALA C 95 -3.96 -21.77 14.48
N GLU C 96 -2.72 -21.36 14.17
CA GLU C 96 -1.57 -21.90 14.88
C GLU C 96 -1.58 -21.45 16.34
N LEU C 97 -1.85 -20.16 16.59
CA LEU C 97 -1.93 -19.67 17.95
C LEU C 97 -2.96 -20.45 18.77
N PHE C 98 -4.18 -20.58 18.23
CA PHE C 98 -5.23 -21.28 18.96
C PHE C 98 -4.99 -22.77 19.02
N GLN C 99 -4.21 -23.33 18.10
CA GLN C 99 -3.79 -24.71 18.26
C GLN C 99 -2.96 -24.86 19.52
N GLU C 100 -1.97 -23.98 19.69
CA GLU C 100 -1.10 -24.07 20.85
C GLU C 100 -1.81 -23.67 22.13
N VAL C 101 -2.74 -22.71 22.07
CA VAL C 101 -3.56 -22.40 23.25
C VAL C 101 -4.31 -23.64 23.70
N GLY C 102 -4.85 -24.41 22.76
CA GLY C 102 -5.55 -25.63 23.11
C GLY C 102 -4.64 -26.69 23.72
N ARG C 103 -3.39 -26.77 23.25
CA ARG C 103 -2.47 -27.77 23.78
C ARG C 103 -2.17 -27.51 25.25
N ARG C 104 -1.81 -26.27 25.60
CA ARG C 104 -1.37 -25.98 26.96
C ARG C 104 -2.52 -25.73 27.92
N PHE C 105 -3.51 -24.97 27.49
CA PHE C 105 -4.59 -24.63 28.41
C PHE C 105 -5.72 -25.63 28.36
N GLY C 106 -6.09 -26.10 27.16
CA GLY C 106 -7.20 -27.00 27.01
C GLY C 106 -8.54 -26.28 27.05
N THR C 107 -8.62 -25.24 27.87
CA THR C 107 -9.86 -24.47 28.03
C THR C 107 -9.51 -22.99 28.16
N LEU C 108 -10.53 -22.16 28.00
CA LEU C 108 -10.44 -20.72 28.20
C LEU C 108 -11.64 -20.25 29.01
N ASP C 109 -11.42 -19.29 29.90
CA ASP C 109 -12.51 -18.60 30.57
C ASP C 109 -12.71 -17.18 30.09
N VAL C 110 -11.65 -16.51 29.67
CA VAL C 110 -11.70 -15.11 29.25
C VAL C 110 -11.01 -14.98 27.90
N VAL C 111 -11.56 -14.15 27.02
CA VAL C 111 -10.89 -13.72 25.80
C VAL C 111 -10.97 -12.21 25.74
N VAL C 112 -9.82 -11.58 25.47
CA VAL C 112 -9.73 -10.12 25.37
C VAL C 112 -9.20 -9.79 23.99
N ASN C 113 -10.10 -9.41 23.07
CA ASN C 113 -9.71 -8.88 21.77
C ASN C 113 -9.15 -7.48 21.95
N ASN C 114 -7.84 -7.36 22.12
CA ASN C 114 -7.20 -6.08 22.34
C ASN C 114 -6.24 -5.66 21.26
N ALA C 115 -5.66 -6.60 20.50
CA ALA C 115 -4.72 -6.24 19.45
C ALA C 115 -5.40 -5.36 18.41
N GLY C 116 -4.75 -4.27 18.05
CA GLY C 116 -5.29 -3.35 17.07
C GLY C 116 -4.22 -2.42 16.56
N VAL C 117 -4.44 -1.89 15.35
CA VAL C 117 -3.52 -0.97 14.70
C VAL C 117 -4.29 0.29 14.32
N ILE C 118 -3.55 1.38 14.15
CA ILE C 118 -4.13 2.67 13.81
C ILE C 118 -3.16 3.41 12.89
N SER C 119 -3.71 4.32 12.08
CA SER C 119 -2.91 5.20 11.24
C SER C 119 -3.70 6.46 10.95
N HIS C 120 -2.97 7.56 10.74
CA HIS C 120 -3.55 8.87 10.49
C HIS C 120 -3.24 9.23 9.04
N VAL C 121 -4.11 8.81 8.12
CA VAL C 121 -3.95 9.05 6.69
C VAL C 121 -5.14 9.86 6.21
N PRO C 122 -4.94 10.92 5.42
CA PRO C 122 -6.08 11.60 4.79
C PRO C 122 -6.91 10.61 3.99
N TYR C 123 -8.23 10.71 4.14
CA TYR C 123 -9.13 9.67 3.64
C TYR C 123 -8.98 9.48 2.14
N ALA C 124 -8.89 10.58 1.38
CA ALA C 124 -8.74 10.46 -0.06
C ALA C 124 -7.41 9.81 -0.44
N GLU C 125 -6.40 9.92 0.42
CA GLU C 125 -5.08 9.35 0.16
C GLU C 125 -4.93 7.93 0.72
N LEU C 126 -5.96 7.39 1.36
CA LEU C 126 -5.82 6.11 2.05
C LEU C 126 -5.62 4.97 1.06
N PRO C 127 -4.46 4.30 1.06
CA PRO C 127 -4.27 3.18 0.14
C PRO C 127 -5.17 2.02 0.50
N VAL C 128 -5.60 1.28 -0.53
CA VAL C 128 -6.51 0.15 -0.31
C VAL C 128 -5.87 -0.89 0.59
N ALA C 129 -4.55 -1.10 0.43
CA ALA C 129 -3.86 -2.06 1.28
C ALA C 129 -3.85 -1.63 2.73
N GLU C 130 -3.80 -0.32 3.00
CA GLU C 130 -3.81 0.17 4.37
C GLU C 130 -5.21 0.09 4.97
N TRP C 131 -6.25 0.37 4.17
CA TRP C 131 -7.61 0.06 4.60
C TRP C 131 -7.74 -1.42 4.90
N GLN C 132 -7.18 -2.27 4.03
CA GLN C 132 -7.29 -3.71 4.23
C GLN C 132 -6.51 -4.17 5.46
N ARG C 133 -5.36 -3.54 5.73
CA ARG C 133 -4.59 -3.92 6.92
C ARG C 133 -5.35 -3.59 8.20
N ILE C 134 -6.00 -2.43 8.25
CA ILE C 134 -6.78 -2.05 9.41
C ILE C 134 -7.97 -3.00 9.59
N VAL C 135 -8.64 -3.35 8.48
CA VAL C 135 -9.77 -4.26 8.55
C VAL C 135 -9.32 -5.66 8.97
N ASP C 136 -8.22 -6.14 8.37
CA ASP C 136 -7.78 -7.51 8.64
C ASP C 136 -7.38 -7.70 10.10
N VAL C 137 -6.78 -6.68 10.71
CA VAL C 137 -6.30 -6.82 12.08
C VAL C 137 -7.37 -6.51 13.10
N ASN C 138 -8.00 -5.33 13.02
CA ASN C 138 -8.87 -4.88 14.09
C ASN C 138 -10.26 -5.51 14.02
N LEU C 139 -10.70 -5.92 12.84
CA LEU C 139 -12.06 -6.43 12.65
C LEU C 139 -12.04 -7.93 12.35
N THR C 140 -11.53 -8.34 11.19
CA THR C 140 -11.49 -9.76 10.87
C THR C 140 -10.61 -10.53 11.84
N GLY C 141 -9.53 -9.91 12.32
CA GLY C 141 -8.68 -10.58 13.29
C GLY C 141 -9.41 -10.91 14.58
N ALA C 142 -10.16 -9.94 15.10
CA ALA C 142 -10.94 -10.19 16.32
C ALA C 142 -12.07 -11.18 16.07
N HIS C 143 -12.58 -11.25 14.84
CA HIS C 143 -13.62 -12.23 14.52
C HIS C 143 -13.08 -13.65 14.51
N LEU C 144 -11.92 -13.85 13.88
CA LEU C 144 -11.35 -15.19 13.83
C LEU C 144 -10.89 -15.65 15.20
N VAL C 145 -10.37 -14.74 16.02
CA VAL C 145 -9.98 -15.09 17.39
C VAL C 145 -11.19 -15.58 18.16
N ILE C 146 -12.32 -14.87 18.06
CA ILE C 146 -13.54 -15.30 18.73
C ILE C 146 -13.99 -16.65 18.18
N GLN C 147 -13.99 -16.80 16.86
CA GLN C 147 -14.49 -18.02 16.24
C GLN C 147 -13.67 -19.23 16.66
N HIS C 148 -12.34 -19.06 16.76
CA HIS C 148 -11.49 -20.14 17.23
C HIS C 148 -11.59 -20.34 18.74
N ALA C 149 -12.03 -19.33 19.48
CA ALA C 149 -12.07 -19.44 20.94
C ALA C 149 -13.33 -20.13 21.44
N ILE C 150 -14.43 -20.03 20.70
CA ILE C 150 -15.74 -20.51 21.15
C ILE C 150 -15.68 -21.98 21.57
N PRO C 151 -15.02 -22.88 20.83
CA PRO C 151 -14.91 -24.26 21.35
C PRO C 151 -14.18 -24.35 22.68
N LEU C 152 -13.13 -23.55 22.88
CA LEU C 152 -12.31 -23.65 24.08
C LEU C 152 -12.96 -23.02 25.30
N LEU C 153 -14.02 -22.22 25.14
CA LEU C 153 -14.69 -21.63 26.28
C LEU C 153 -15.76 -22.53 26.90
N GLY C 154 -16.13 -23.61 26.23
CA GLY C 154 -17.09 -24.54 26.79
C GLY C 154 -18.44 -23.89 27.06
N ASP C 155 -19.11 -24.36 28.09
CA ASP C 155 -20.43 -23.85 28.41
C ASP C 155 -20.39 -22.56 29.23
N LYS C 156 -19.22 -22.00 29.49
CA LYS C 156 -19.14 -20.76 30.27
C LYS C 156 -17.86 -20.01 29.93
N GLY C 157 -18.02 -18.76 29.50
CA GLY C 157 -16.88 -17.93 29.15
C GLY C 157 -17.30 -16.49 28.95
N SER C 158 -16.31 -15.60 29.02
CA SER C 158 -16.53 -14.17 28.89
C SER C 158 -15.61 -13.63 27.80
N VAL C 159 -16.20 -12.97 26.80
CA VAL C 159 -15.46 -12.43 25.67
C VAL C 159 -15.56 -10.90 25.74
N ILE C 160 -14.41 -10.25 25.81
CA ILE C 160 -14.33 -8.79 25.93
C ILE C 160 -13.54 -8.27 24.75
N SER C 161 -14.15 -7.38 23.96
CA SER C 161 -13.49 -6.73 22.84
C SER C 161 -13.27 -5.26 23.17
N ILE C 162 -12.11 -4.74 22.78
CA ILE C 162 -11.74 -3.37 23.09
C ILE C 162 -12.20 -2.47 21.95
N GLY C 163 -13.22 -1.64 22.23
CA GLY C 163 -13.66 -0.62 21.32
C GLY C 163 -13.17 0.76 21.73
N SER C 164 -13.70 1.78 21.05
CA SER C 164 -13.26 3.14 21.31
C SER C 164 -14.45 4.09 21.32
N LYS C 165 -14.45 4.99 22.32
CA LYS C 165 -15.44 6.07 22.35
C LYS C 165 -15.33 6.95 21.11
N SER C 166 -14.13 7.01 20.51
CA SER C 166 -13.94 7.82 19.31
C SER C 166 -14.81 7.37 18.15
N SER C 167 -15.23 6.11 18.14
CA SER C 167 -16.10 5.64 17.06
C SER C 167 -17.47 6.30 17.11
N GLU C 168 -17.88 6.84 18.26
CA GLU C 168 -19.10 7.65 18.33
C GLU C 168 -18.84 9.11 18.04
N VAL C 169 -17.62 9.59 18.26
CA VAL C 169 -17.31 11.00 18.13
C VAL C 169 -16.89 11.36 16.71
N GLY C 170 -16.07 10.53 16.09
CA GLY C 170 -15.55 10.83 14.77
C GLY C 170 -14.27 11.61 14.85
N ILE C 171 -13.22 11.11 14.20
CA ILE C 171 -11.90 11.73 14.22
C ILE C 171 -11.37 11.79 12.80
N PRO C 172 -11.05 12.96 12.26
CA PRO C 172 -10.52 13.03 10.89
C PRO C 172 -9.23 12.25 10.76
N LEU C 173 -8.98 11.77 9.53
CA LEU C 173 -7.80 11.01 9.15
C LEU C 173 -7.79 9.60 9.74
N ARG C 174 -8.87 9.18 10.40
CA ARG C 174 -8.91 7.86 11.03
C ARG C 174 -10.24 7.15 10.81
N ALA C 175 -10.90 7.41 9.68
CA ALA C 175 -12.21 6.81 9.44
C ALA C 175 -12.14 5.29 9.33
N HIS C 176 -11.02 4.76 8.83
CA HIS C 176 -10.86 3.32 8.75
C HIS C 176 -10.73 2.70 10.14
N TYR C 177 -10.05 3.41 11.04
CA TYR C 177 -9.95 2.95 12.42
C TYR C 177 -11.32 2.93 13.10
N THR C 178 -12.05 4.05 13.03
CA THR C 178 -13.35 4.12 13.67
C THR C 178 -14.38 3.19 13.02
N ALA C 179 -14.19 2.83 11.75
CA ALA C 179 -15.09 1.86 11.13
C ALA C 179 -14.95 0.50 11.79
N THR C 180 -13.70 0.06 11.99
CA THR C 180 -13.48 -1.26 12.60
C THR C 180 -13.87 -1.26 14.07
N LYS C 181 -13.56 -0.18 14.79
CA LYS C 181 -13.85 -0.16 16.23
C LYS C 181 -15.35 -0.21 16.50
N HIS C 182 -16.15 0.49 15.68
CA HIS C 182 -17.59 0.42 15.83
C HIS C 182 -18.15 -0.90 15.32
N ALA C 183 -17.49 -1.49 14.31
CA ALA C 183 -17.92 -2.79 13.80
C ALA C 183 -17.93 -3.84 14.90
N LEU C 184 -16.96 -3.77 15.81
CA LEU C 184 -16.88 -4.74 16.91
C LEU C 184 -18.15 -4.74 17.75
N ARG C 185 -18.83 -3.59 17.84
CA ARG C 185 -20.05 -3.53 18.65
C ARG C 185 -21.18 -4.31 17.98
N GLY C 186 -21.34 -4.14 16.67
CA GLY C 186 -22.35 -4.92 15.96
C GLY C 186 -22.07 -6.40 15.95
N LEU C 187 -20.78 -6.78 15.89
CA LEU C 187 -20.42 -8.19 16.01
C LEU C 187 -20.76 -8.72 17.39
N THR C 188 -20.36 -7.98 18.43
CA THR C 188 -20.61 -8.42 19.81
C THR C 188 -22.11 -8.55 20.08
N ARG C 189 -22.89 -7.57 19.64
CA ARG C 189 -24.31 -7.58 19.96
C ARG C 189 -25.01 -8.83 19.40
N SER C 190 -24.65 -9.23 18.18
CA SER C 190 -25.27 -10.42 17.60
C SER C 190 -24.69 -11.70 18.21
N LEU C 191 -23.39 -11.70 18.53
CA LEU C 191 -22.81 -12.87 19.18
C LEU C 191 -23.41 -13.08 20.56
N ALA C 192 -23.71 -11.99 21.28
CA ALA C 192 -24.32 -12.12 22.59
C ALA C 192 -25.69 -12.80 22.50
N LYS C 193 -26.52 -12.33 21.56
CA LYS C 193 -27.84 -12.93 21.40
C LYS C 193 -27.75 -14.38 20.92
N GLU C 194 -26.72 -14.71 20.14
CA GLU C 194 -26.63 -16.05 19.56
C GLU C 194 -26.11 -17.07 20.57
N TYR C 195 -25.20 -16.67 21.45
CA TYR C 195 -24.53 -17.60 22.35
C TYR C 195 -24.86 -17.38 23.83
N GLY C 196 -25.81 -16.49 24.13
CA GLY C 196 -26.11 -16.22 25.52
C GLY C 196 -26.66 -17.42 26.26
N ARG C 197 -27.63 -18.11 25.65
CA ARG C 197 -28.19 -19.30 26.27
C ARG C 197 -27.20 -20.46 26.31
N SER C 198 -26.08 -20.37 25.61
CA SER C 198 -25.01 -21.36 25.71
C SER C 198 -24.03 -21.05 26.84
N GLY C 199 -24.23 -19.96 27.55
CA GLY C 199 -23.36 -19.59 28.65
C GLY C 199 -22.20 -18.70 28.29
N LEU C 200 -22.18 -18.13 27.09
CA LEU C 200 -21.09 -17.26 26.65
C LEU C 200 -21.58 -15.82 26.63
N ARG C 201 -20.79 -14.92 27.22
CA ARG C 201 -21.10 -13.50 27.27
C ARG C 201 -20.13 -12.74 26.37
N PHE C 202 -20.66 -11.73 25.68
CA PHE C 202 -19.87 -10.91 24.76
C PHE C 202 -20.11 -9.45 25.09
N ASN C 203 -19.02 -8.71 25.29
CA ASN C 203 -19.13 -7.31 25.67
C ASN C 203 -17.97 -6.52 25.05
N VAL C 204 -18.20 -5.21 24.92
CA VAL C 204 -17.22 -4.28 24.39
C VAL C 204 -16.83 -3.29 25.47
N LEU C 205 -15.53 -3.07 25.64
CA LEU C 205 -15.02 -1.98 26.46
C LEU C 205 -14.69 -0.81 25.53
N ALA C 206 -15.43 0.28 25.64
CA ALA C 206 -15.16 1.50 24.89
C ALA C 206 -14.19 2.35 25.70
N LEU C 207 -12.95 2.45 25.22
CA LEU C 207 -11.91 3.20 25.89
C LEU C 207 -11.88 4.65 25.43
N GLY C 208 -11.37 5.51 26.30
CA GLY C 208 -11.04 6.88 25.98
C GLY C 208 -9.60 7.01 25.53
N VAL C 209 -8.93 8.07 25.99
CA VAL C 209 -7.52 8.27 25.71
C VAL C 209 -6.72 7.69 26.87
N VAL C 210 -5.93 6.65 26.57
CA VAL C 210 -5.09 5.99 27.56
C VAL C 210 -3.64 6.31 27.23
N GLU C 211 -2.85 6.58 28.27
CA GLU C 211 -1.44 6.91 28.12
C GLU C 211 -0.57 5.66 28.15
N ALA C 224 4.90 16.70 24.37
CA ALA C 224 3.87 15.95 25.09
C ALA C 224 2.90 16.87 25.80
N GLU C 225 2.25 17.76 25.03
CA GLU C 225 1.16 18.57 25.53
C GLU C 225 -0.18 18.10 25.00
N MET C 226 -0.20 16.96 24.28
CA MET C 226 -1.46 16.28 24.00
C MET C 226 -2.23 16.00 25.27
N THR C 227 -1.52 15.79 26.40
CA THR C 227 -2.18 15.51 27.66
C THR C 227 -3.18 16.59 28.03
N LYS C 228 -2.81 17.86 27.86
CA LYS C 228 -3.75 18.93 28.15
C LYS C 228 -4.88 18.98 27.14
N PHE C 229 -4.59 18.64 25.88
CA PHE C 229 -5.62 18.67 24.85
C PHE C 229 -6.72 17.66 25.12
N TYR C 230 -6.34 16.45 25.56
CA TYR C 230 -7.32 15.39 25.80
C TYR C 230 -7.91 15.44 27.19
N SER C 231 -7.16 15.90 28.20
CA SER C 231 -7.70 16.01 29.54
C SER C 231 -8.87 16.99 29.58
N THR C 232 -8.75 18.10 28.85
CA THR C 232 -9.82 19.10 28.83
C THR C 232 -11.14 18.51 28.36
N LYS C 233 -11.08 17.46 27.54
CA LYS C 233 -12.29 16.80 27.05
C LYS C 233 -12.86 15.80 28.05
N THR C 234 -12.07 15.35 29.02
CA THR C 234 -12.53 14.37 29.99
C THR C 234 -13.27 15.05 31.14
N ALA C 235 -14.06 14.26 31.86
CA ALA C 235 -14.73 14.75 33.06
C ALA C 235 -13.82 14.68 34.27
N LEU C 236 -12.94 13.67 34.34
CA LEU C 236 -12.02 13.50 35.46
C LEU C 236 -10.77 14.36 35.34
N GLY C 237 -10.53 14.99 34.18
CA GLY C 237 -9.39 15.86 34.02
C GLY C 237 -8.06 15.15 33.94
N ARG C 238 -8.04 13.90 33.47
CA ARG C 238 -6.79 13.16 33.37
C ARG C 238 -6.95 12.07 32.32
N LEU C 239 -5.82 11.58 31.85
CA LEU C 239 -5.81 10.46 30.91
C LEU C 239 -5.93 9.14 31.67
N GLY C 240 -6.39 8.11 30.95
CA GLY C 240 -6.52 6.80 31.55
C GLY C 240 -5.21 6.02 31.53
N THR C 241 -5.17 4.99 32.36
CA THR C 241 -4.03 4.09 32.43
C THR C 241 -4.46 2.67 32.08
N PRO C 242 -3.55 1.83 31.59
CA PRO C 242 -3.90 0.43 31.32
C PRO C 242 -4.44 -0.31 32.54
N ASP C 243 -4.00 0.04 33.75
CA ASP C 243 -4.51 -0.64 34.94
C ASP C 243 -5.98 -0.31 35.17
N GLU C 244 -6.42 0.91 34.84
CA GLU C 244 -7.83 1.23 34.93
C GLU C 244 -8.66 0.41 33.96
N VAL C 245 -8.11 0.15 32.77
CA VAL C 245 -8.74 -0.79 31.84
C VAL C 245 -8.82 -2.17 32.45
N ALA C 246 -7.75 -2.60 33.11
CA ALA C 246 -7.74 -3.93 33.72
C ALA C 246 -8.83 -4.08 34.78
N GLY C 247 -9.18 -3.00 35.47
CA GLY C 247 -10.26 -3.07 36.44
C GLY C 247 -11.58 -3.43 35.81
N ALA C 248 -11.87 -2.87 34.64
CA ALA C 248 -13.11 -3.22 33.93
C ALA C 248 -13.02 -4.62 33.34
N VAL C 249 -11.86 -4.99 32.79
CA VAL C 249 -11.68 -6.35 32.27
C VAL C 249 -11.90 -7.37 33.37
N ALA C 250 -11.39 -7.08 34.58
CA ALA C 250 -11.54 -8.02 35.69
C ALA C 250 -13.00 -8.21 36.08
N TRP C 251 -13.79 -7.13 36.05
CA TRP C 251 -15.21 -7.24 36.38
C TRP C 251 -15.94 -8.08 35.34
N LEU C 252 -15.75 -7.76 34.06
CA LEU C 252 -16.43 -8.52 33.01
C LEU C 252 -16.02 -9.99 33.02
N ALA C 253 -14.79 -10.29 33.45
CA ALA C 253 -14.34 -11.68 33.52
C ALA C 253 -14.87 -12.41 34.74
N SER C 254 -15.29 -11.69 35.78
CA SER C 254 -15.74 -12.33 37.01
C SER C 254 -17.24 -12.58 36.96
N ASP C 255 -17.70 -13.41 37.91
CA ASP C 255 -19.12 -13.75 38.02
C ASP C 255 -19.96 -12.59 38.53
N LEU C 256 -19.34 -11.49 38.96
CA LEU C 256 -20.12 -10.33 39.39
C LEU C 256 -20.88 -9.69 38.24
N SER C 257 -20.48 -9.95 37.00
CA SER C 257 -21.15 -9.41 35.82
C SER C 257 -21.83 -10.50 35.00
N ARG C 258 -22.29 -11.57 35.67
CA ARG C 258 -22.83 -12.72 34.98
C ARG C 258 -24.14 -12.43 34.24
N TYR C 259 -24.79 -11.31 34.52
CA TYR C 259 -25.98 -10.90 33.79
C TYR C 259 -25.71 -9.77 32.80
N VAL C 260 -24.44 -9.48 32.52
CA VAL C 260 -24.04 -8.41 31.61
C VAL C 260 -23.55 -9.04 30.31
N THR C 261 -24.25 -8.76 29.22
CA THR C 261 -23.83 -9.25 27.91
C THR C 261 -24.40 -8.37 26.82
N GLY C 262 -23.69 -8.31 25.70
CA GLY C 262 -24.11 -7.46 24.58
C GLY C 262 -24.08 -5.99 24.90
N ALA C 263 -23.23 -5.57 25.82
CA ALA C 263 -23.19 -4.19 26.29
C ALA C 263 -21.87 -3.54 25.92
N THR C 264 -21.90 -2.22 25.81
CA THR C 264 -20.71 -1.41 25.57
C THR C 264 -20.42 -0.64 26.86
N ILE C 265 -19.38 -1.08 27.57
CA ILE C 265 -19.00 -0.49 28.86
C ILE C 265 -17.97 0.60 28.59
N HIS C 266 -18.30 1.83 28.97
CA HIS C 266 -17.44 2.97 28.71
C HIS C 266 -16.44 3.13 29.85
N VAL C 267 -15.16 2.95 29.55
CA VAL C 267 -14.07 3.26 30.46
C VAL C 267 -13.28 4.40 29.84
N ASP C 268 -13.81 5.63 29.96
CA ASP C 268 -13.26 6.74 29.20
C ASP C 268 -13.17 8.04 30.00
N GLY C 269 -13.27 7.99 31.33
CA GLY C 269 -13.19 9.19 32.13
C GLY C 269 -14.19 10.26 31.75
N GLY C 270 -15.32 9.86 31.17
CA GLY C 270 -16.32 10.83 30.76
C GLY C 270 -15.87 11.76 29.65
N ILE C 271 -15.01 11.29 28.74
CA ILE C 271 -14.56 12.13 27.65
C ILE C 271 -15.73 12.42 26.72
N SER C 272 -15.66 13.56 26.04
CA SER C 272 -16.74 14.11 25.21
C SER C 272 -17.59 13.06 24.48
N LEU D 23 -39.41 26.10 1.74
CA LEU D 23 -39.44 24.69 2.14
C LEU D 23 -39.78 23.80 0.95
N GLU D 24 -38.77 23.41 0.19
CA GLU D 24 -38.94 22.52 -0.94
C GLU D 24 -37.69 21.67 -1.07
N LEU D 25 -37.87 20.42 -1.50
CA LEU D 25 -36.73 19.52 -1.67
C LEU D 25 -35.76 20.06 -2.71
N GLY D 26 -36.28 20.60 -3.81
CA GLY D 26 -35.43 21.12 -4.87
C GLY D 26 -34.41 20.13 -5.37
N LEU D 27 -34.86 18.93 -5.73
CA LEU D 27 -33.97 17.88 -6.19
C LEU D 27 -33.78 17.85 -7.70
N ARG D 28 -34.65 18.50 -8.46
CA ARG D 28 -34.60 18.43 -9.91
C ARG D 28 -33.28 19.00 -10.43
N GLY D 29 -32.59 18.23 -11.26
CA GLY D 29 -31.32 18.62 -11.83
C GLY D 29 -30.11 18.03 -11.15
N LYS D 30 -30.28 17.44 -9.96
CA LYS D 30 -29.15 16.82 -9.27
C LYS D 30 -28.79 15.49 -9.95
N LYS D 31 -27.55 15.07 -9.70
CA LYS D 31 -27.05 13.79 -10.21
C LYS D 31 -26.71 12.91 -9.01
N ALA D 32 -27.20 11.68 -9.04
CA ALA D 32 -27.09 10.77 -7.90
C ALA D 32 -26.56 9.42 -8.34
N LEU D 33 -25.72 8.82 -7.50
CA LEU D 33 -25.26 7.44 -7.67
C LEU D 33 -25.87 6.59 -6.56
N VAL D 34 -26.50 5.48 -6.94
CA VAL D 34 -27.14 4.56 -6.00
C VAL D 34 -26.66 3.16 -6.33
N THR D 35 -25.97 2.52 -5.40
CA THR D 35 -25.44 1.18 -5.64
C THR D 35 -26.50 0.14 -5.34
N GLY D 36 -26.53 -0.92 -6.15
CA GLY D 36 -27.51 -1.99 -5.99
C GLY D 36 -28.94 -1.52 -6.13
N GLY D 37 -29.30 -0.99 -7.30
CA GLY D 37 -30.59 -0.35 -7.45
C GLY D 37 -31.59 -1.07 -8.34
N SER D 38 -31.39 -2.35 -8.59
CA SER D 38 -32.34 -3.11 -9.39
C SER D 38 -33.44 -3.75 -8.56
N ARG D 39 -33.31 -3.74 -7.24
CA ARG D 39 -34.19 -4.51 -6.38
C ARG D 39 -34.46 -3.72 -5.10
N GLY D 40 -35.68 -3.86 -4.59
CA GLY D 40 -35.93 -3.57 -3.20
C GLY D 40 -35.78 -2.10 -2.86
N VAL D 41 -35.02 -1.82 -1.80
CA VAL D 41 -34.87 -0.44 -1.33
C VAL D 41 -34.16 0.39 -2.40
N GLY D 42 -33.05 -0.14 -2.94
CA GLY D 42 -32.33 0.60 -3.97
C GLY D 42 -33.19 0.95 -5.17
N ARG D 43 -34.01 -0.01 -5.62
CA ARG D 43 -34.89 0.24 -6.76
C ARG D 43 -35.90 1.33 -6.44
N GLY D 44 -36.47 1.31 -5.23
CA GLY D 44 -37.41 2.35 -4.85
C GLY D 44 -36.77 3.73 -4.81
N VAL D 45 -35.52 3.80 -4.35
CA VAL D 45 -34.81 5.07 -4.31
C VAL D 45 -34.51 5.55 -5.73
N VAL D 46 -34.04 4.64 -6.60
CA VAL D 46 -33.70 5.02 -7.96
C VAL D 46 -34.91 5.62 -8.67
N LEU D 47 -36.07 4.96 -8.55
CA LEU D 47 -37.24 5.41 -9.29
C LEU D 47 -37.84 6.68 -8.68
N ALA D 48 -37.86 6.78 -7.35
CA ALA D 48 -38.41 7.97 -6.72
C ALA D 48 -37.58 9.21 -7.05
N LEU D 49 -36.25 9.08 -6.96
CA LEU D 49 -35.39 10.18 -7.35
C LEU D 49 -35.55 10.52 -8.83
N ALA D 50 -35.80 9.50 -9.66
CA ALA D 50 -35.87 9.70 -11.10
C ALA D 50 -37.01 10.65 -11.48
N ARG D 51 -38.21 10.40 -10.96
CA ARG D 51 -39.34 11.27 -11.30
C ARG D 51 -39.18 12.66 -10.69
N ALA D 52 -38.49 12.77 -9.56
CA ALA D 52 -38.24 14.08 -8.96
C ALA D 52 -37.37 14.97 -9.84
N GLY D 53 -36.87 14.46 -10.96
CA GLY D 53 -35.99 15.23 -11.82
C GLY D 53 -34.52 15.07 -11.53
N VAL D 54 -34.12 13.96 -10.91
CA VAL D 54 -32.73 13.67 -10.60
C VAL D 54 -32.20 12.70 -11.64
N ASP D 55 -31.01 12.97 -12.17
CA ASP D 55 -30.32 12.01 -13.02
C ASP D 55 -29.70 10.94 -12.14
N VAL D 56 -30.10 9.69 -12.36
CA VAL D 56 -29.76 8.59 -11.46
C VAL D 56 -28.82 7.63 -12.17
N PHE D 57 -27.65 7.43 -11.57
CA PHE D 57 -26.70 6.39 -11.99
C PHE D 57 -26.75 5.28 -10.96
N THR D 58 -27.05 4.06 -11.40
CA THR D 58 -27.18 2.94 -10.47
C THR D 58 -26.50 1.71 -11.07
N CYS D 59 -26.24 0.73 -10.20
CA CYS D 59 -25.52 -0.47 -10.61
C CYS D 59 -26.17 -1.69 -9.97
N TYR D 60 -25.71 -2.87 -10.40
CA TYR D 60 -26.21 -4.15 -9.91
C TYR D 60 -25.14 -5.20 -10.10
N ARG D 61 -25.23 -6.28 -9.31
CA ARG D 61 -24.14 -7.24 -9.26
C ARG D 61 -24.02 -8.02 -10.57
N GLU D 62 -25.13 -8.61 -11.03
CA GLU D 62 -25.16 -9.38 -12.25
C GLU D 62 -26.50 -9.17 -12.94
N GLU D 63 -26.63 -9.63 -14.18
CA GLU D 63 -27.83 -9.37 -14.95
C GLU D 63 -28.96 -10.27 -14.45
N SER D 64 -30.16 -9.69 -14.35
CA SER D 64 -31.36 -10.43 -13.98
C SER D 64 -32.56 -9.80 -14.68
N ASP D 65 -33.76 -10.34 -14.40
CA ASP D 65 -34.97 -9.74 -14.97
C ASP D 65 -35.29 -8.40 -14.32
N ALA D 66 -34.85 -8.20 -13.07
CA ALA D 66 -35.07 -6.92 -12.41
C ALA D 66 -34.17 -5.84 -13.00
N SER D 67 -32.95 -6.20 -13.38
CA SER D 67 -32.05 -5.26 -14.04
C SER D 67 -32.54 -4.86 -15.44
N ALA D 68 -33.49 -5.60 -16.01
CA ALA D 68 -34.07 -5.27 -17.29
C ALA D 68 -35.32 -4.41 -17.16
N SER D 69 -36.20 -4.75 -16.21
CA SER D 69 -37.37 -3.92 -15.96
C SER D 69 -36.98 -2.54 -15.47
N LEU D 70 -35.91 -2.44 -14.69
CA LEU D 70 -35.43 -1.14 -14.22
C LEU D 70 -34.97 -0.29 -15.41
N ALA D 71 -34.16 -0.87 -16.30
CA ALA D 71 -33.69 -0.13 -17.46
C ALA D 71 -34.84 0.30 -18.36
N ARG D 72 -35.89 -0.51 -18.44
CA ARG D 72 -37.04 -0.14 -19.26
C ARG D 72 -37.79 1.05 -18.65
N GLU D 73 -38.05 1.01 -17.34
CA GLU D 73 -38.76 2.10 -16.70
C GLU D 73 -37.91 3.38 -16.66
N LEU D 74 -36.59 3.23 -16.53
CA LEU D 74 -35.72 4.40 -16.55
C LEU D 74 -35.79 5.12 -17.89
N LYS D 75 -35.72 4.36 -18.99
CA LYS D 75 -35.79 4.97 -20.31
C LYS D 75 -37.14 5.60 -20.60
N GLN D 76 -38.18 5.24 -19.84
CA GLN D 76 -39.52 5.78 -20.05
C GLN D 76 -39.79 7.02 -19.22
N LEU D 77 -38.86 7.44 -18.37
CA LEU D 77 -39.11 8.52 -17.41
C LEU D 77 -38.61 9.89 -17.87
N GLY D 78 -37.59 9.93 -18.72
CA GLY D 78 -37.03 11.20 -19.10
C GLY D 78 -35.92 11.62 -18.17
N GLY D 79 -34.71 11.64 -18.68
CA GLY D 79 -33.53 11.94 -17.87
C GLY D 79 -32.33 11.17 -18.38
N ASP D 80 -31.18 11.49 -17.79
CA ASP D 80 -29.93 10.82 -18.13
C ASP D 80 -29.64 9.79 -17.06
N HIS D 81 -30.37 8.68 -17.12
CA HIS D 81 -30.23 7.59 -16.16
C HIS D 81 -29.41 6.46 -16.75
N HIS D 82 -28.64 5.80 -15.90
CA HIS D 82 -27.77 4.71 -16.33
C HIS D 82 -27.83 3.58 -15.31
N ALA D 83 -27.71 2.35 -15.79
CA ALA D 83 -27.73 1.16 -14.95
C ALA D 83 -26.67 0.19 -15.48
N LEU D 84 -25.62 -0.03 -14.69
CA LEU D 84 -24.45 -0.77 -15.14
C LEU D 84 -24.20 -1.99 -14.26
N ARG D 85 -23.58 -3.00 -14.85
CA ARG D 85 -23.23 -4.22 -14.13
C ARG D 85 -21.90 -4.03 -13.42
N ALA D 86 -21.87 -4.31 -12.12
CA ALA D 86 -20.67 -4.11 -11.32
C ALA D 86 -20.76 -4.93 -10.04
N ASP D 87 -19.70 -5.69 -9.76
CA ASP D 87 -19.60 -6.49 -8.54
C ASP D 87 -18.69 -5.76 -7.57
N LEU D 88 -19.29 -5.18 -6.52
CA LEU D 88 -18.54 -4.38 -5.55
C LEU D 88 -17.60 -5.21 -4.69
N ALA D 89 -17.60 -6.54 -4.81
CA ALA D 89 -16.57 -7.34 -4.18
C ALA D 89 -15.24 -7.24 -4.90
N ASP D 90 -15.22 -6.65 -6.09
CA ASP D 90 -14.00 -6.50 -6.88
C ASP D 90 -13.68 -5.02 -7.03
N PRO D 91 -12.58 -4.53 -6.43
CA PRO D 91 -12.27 -3.10 -6.54
C PRO D 91 -12.04 -2.63 -7.98
N LYS D 92 -11.58 -3.49 -8.87
CA LYS D 92 -11.39 -3.08 -10.26
C LYS D 92 -12.72 -2.72 -10.92
N GLN D 93 -13.78 -3.50 -10.62
CA GLN D 93 -15.09 -3.16 -11.17
C GLN D 93 -15.64 -1.88 -10.56
N ILE D 94 -15.23 -1.54 -9.34
CA ILE D 94 -15.65 -0.27 -8.75
C ILE D 94 -14.93 0.89 -9.43
N ALA D 95 -13.62 0.75 -9.65
CA ALA D 95 -12.85 1.81 -10.30
C ALA D 95 -13.39 2.10 -11.70
N GLU D 96 -13.65 1.05 -12.48
CA GLU D 96 -14.16 1.27 -13.83
C GLU D 96 -15.63 1.67 -13.83
N LEU D 97 -16.39 1.31 -12.79
CA LEU D 97 -17.73 1.87 -12.63
C LEU D 97 -17.68 3.40 -12.55
N PHE D 98 -16.69 3.94 -11.83
CA PHE D 98 -16.56 5.38 -11.72
C PHE D 98 -15.90 5.99 -12.95
N GLN D 99 -15.17 5.21 -13.74
CA GLN D 99 -14.77 5.70 -15.06
C GLN D 99 -15.99 6.01 -15.91
N GLU D 100 -17.03 5.19 -15.79
CA GLU D 100 -18.27 5.43 -16.53
C GLU D 100 -19.09 6.55 -15.92
N VAL D 101 -19.08 6.71 -14.60
CA VAL D 101 -19.77 7.84 -13.99
C VAL D 101 -19.10 9.15 -14.39
N GLY D 102 -17.77 9.20 -14.35
CA GLY D 102 -17.06 10.38 -14.81
C GLY D 102 -17.27 10.65 -16.29
N ARG D 103 -17.46 9.60 -17.08
CA ARG D 103 -17.64 9.76 -18.52
C ARG D 103 -19.05 10.22 -18.87
N ARG D 104 -20.06 9.74 -18.14
CA ARG D 104 -21.45 10.03 -18.48
C ARG D 104 -22.06 11.12 -17.62
N PHE D 105 -21.60 11.30 -16.37
CA PHE D 105 -22.10 12.36 -15.51
C PHE D 105 -21.09 13.48 -15.30
N GLY D 106 -19.84 13.13 -15.00
CA GLY D 106 -18.79 14.09 -14.71
C GLY D 106 -18.83 14.64 -13.29
N THR D 107 -20.03 14.76 -12.73
CA THR D 107 -20.22 15.33 -11.40
C THR D 107 -21.23 14.49 -10.65
N LEU D 108 -21.18 14.59 -9.33
CA LEU D 108 -22.15 13.95 -8.45
C LEU D 108 -22.63 14.95 -7.40
N ASP D 109 -23.93 14.88 -7.08
CA ASP D 109 -24.48 15.63 -5.98
C ASP D 109 -24.88 14.74 -4.80
N VAL D 110 -25.31 13.51 -5.08
CA VAL D 110 -25.76 12.58 -4.04
C VAL D 110 -25.15 11.22 -4.31
N VAL D 111 -24.76 10.53 -3.25
CA VAL D 111 -24.29 9.14 -3.30
C VAL D 111 -25.07 8.36 -2.25
N VAL D 112 -25.61 7.21 -2.65
CA VAL D 112 -26.38 6.37 -1.74
C VAL D 112 -25.75 4.98 -1.74
N ASN D 113 -25.08 4.65 -0.63
CA ASN D 113 -24.53 3.30 -0.43
C ASN D 113 -25.66 2.38 0.00
N ASN D 114 -26.21 1.65 -0.96
CA ASN D 114 -27.30 0.72 -0.68
C ASN D 114 -26.94 -0.73 -0.93
N ALA D 115 -26.01 -1.01 -1.84
CA ALA D 115 -25.68 -2.39 -2.18
C ALA D 115 -25.08 -3.11 -0.99
N GLY D 116 -25.71 -4.21 -0.61
CA GLY D 116 -25.24 -5.05 0.48
C GLY D 116 -25.75 -6.46 0.30
N VAL D 117 -25.13 -7.38 1.03
CA VAL D 117 -25.48 -8.80 0.95
C VAL D 117 -25.80 -9.30 2.35
N ILE D 118 -26.46 -10.45 2.40
CA ILE D 118 -26.93 -11.03 3.66
C ILE D 118 -26.88 -12.56 3.54
N SER D 119 -26.62 -13.22 4.66
CA SER D 119 -26.65 -14.68 4.72
C SER D 119 -26.86 -15.10 6.17
N HIS D 120 -27.56 -16.22 6.35
CA HIS D 120 -27.85 -16.78 7.66
C HIS D 120 -26.97 -18.02 7.86
N VAL D 121 -25.86 -17.85 8.55
CA VAL D 121 -24.94 -18.96 8.83
C VAL D 121 -24.70 -19.04 10.34
N PRO D 122 -24.76 -20.23 10.93
CA PRO D 122 -24.30 -20.37 12.32
C PRO D 122 -22.85 -19.91 12.44
N TYR D 123 -22.60 -19.06 13.46
CA TYR D 123 -21.32 -18.37 13.56
C TYR D 123 -20.14 -19.35 13.57
N ALA D 124 -20.27 -20.44 14.32
CA ALA D 124 -19.18 -21.41 14.39
C ALA D 124 -18.91 -22.09 13.05
N GLU D 125 -19.87 -22.06 12.13
CA GLU D 125 -19.73 -22.66 10.81
C GLU D 125 -19.47 -21.65 9.71
N LEU D 126 -19.42 -20.36 10.05
CA LEU D 126 -19.24 -19.30 9.06
C LEU D 126 -17.89 -19.43 8.36
N PRO D 127 -17.88 -19.73 7.07
CA PRO D 127 -16.60 -19.85 6.36
C PRO D 127 -15.91 -18.49 6.28
N VAL D 128 -14.57 -18.53 6.31
CA VAL D 128 -13.79 -17.29 6.26
C VAL D 128 -14.08 -16.53 4.98
N ALA D 129 -14.25 -17.25 3.87
CA ALA D 129 -14.52 -16.59 2.59
C ALA D 129 -15.88 -15.90 2.59
N GLU D 130 -16.88 -16.47 3.27
CA GLU D 130 -18.18 -15.82 3.37
C GLU D 130 -18.16 -14.65 4.34
N TRP D 131 -17.36 -14.74 5.42
CA TRP D 131 -17.06 -13.56 6.20
C TRP D 131 -16.45 -12.47 5.33
N GLN D 132 -15.36 -12.82 4.63
CA GLN D 132 -14.66 -11.84 3.81
C GLN D 132 -15.54 -11.32 2.70
N ARG D 133 -16.46 -12.14 2.18
CA ARG D 133 -17.35 -11.69 1.11
C ARG D 133 -18.29 -10.60 1.62
N ILE D 134 -18.90 -10.82 2.79
CA ILE D 134 -19.83 -9.83 3.33
C ILE D 134 -19.09 -8.54 3.68
N VAL D 135 -17.87 -8.65 4.21
CA VAL D 135 -17.08 -7.46 4.51
C VAL D 135 -16.68 -6.75 3.21
N ASP D 136 -16.41 -7.52 2.14
CA ASP D 136 -15.95 -6.91 0.90
C ASP D 136 -17.04 -6.05 0.26
N VAL D 137 -18.28 -6.50 0.30
CA VAL D 137 -19.38 -5.78 -0.33
C VAL D 137 -19.96 -4.72 0.60
N ASN D 138 -20.32 -5.12 1.83
CA ASN D 138 -21.07 -4.23 2.71
C ASN D 138 -20.23 -3.12 3.31
N LEU D 139 -18.93 -3.37 3.54
CA LEU D 139 -18.09 -2.39 4.21
C LEU D 139 -17.01 -1.85 3.29
N THR D 140 -16.12 -2.70 2.79
CA THR D 140 -15.07 -2.22 1.90
C THR D 140 -15.63 -1.68 0.59
N GLY D 141 -16.67 -2.33 0.07
CA GLY D 141 -17.32 -1.82 -1.12
C GLY D 141 -17.89 -0.43 -0.93
N ALA D 142 -18.55 -0.20 0.20
CA ALA D 142 -19.07 1.13 0.52
C ALA D 142 -17.93 2.13 0.68
N HIS D 143 -16.82 1.71 1.29
CA HIS D 143 -15.68 2.60 1.46
C HIS D 143 -15.10 3.03 0.13
N LEU D 144 -14.88 2.07 -0.77
CA LEU D 144 -14.26 2.39 -2.06
C LEU D 144 -15.17 3.27 -2.91
N VAL D 145 -16.47 3.05 -2.84
CA VAL D 145 -17.42 3.87 -3.61
C VAL D 145 -17.36 5.32 -3.14
N ILE D 146 -17.36 5.52 -1.82
CA ILE D 146 -17.24 6.87 -1.27
C ILE D 146 -15.93 7.50 -1.71
N GLN D 147 -14.84 6.74 -1.61
CA GLN D 147 -13.52 7.29 -1.93
C GLN D 147 -13.42 7.70 -3.39
N HIS D 148 -13.95 6.87 -4.30
CA HIS D 148 -13.99 7.24 -5.70
C HIS D 148 -14.89 8.44 -5.95
N ALA D 149 -15.95 8.58 -5.15
CA ALA D 149 -16.95 9.62 -5.42
C ALA D 149 -16.53 10.99 -4.89
N ILE D 150 -15.67 11.04 -3.87
CA ILE D 150 -15.29 12.31 -3.28
C ILE D 150 -14.75 13.31 -4.31
N PRO D 151 -13.84 12.93 -5.21
CA PRO D 151 -13.42 13.89 -6.24
C PRO D 151 -14.57 14.41 -7.10
N LEU D 152 -15.60 13.59 -7.33
CA LEU D 152 -16.69 13.98 -8.21
C LEU D 152 -17.75 14.81 -7.52
N LEU D 153 -17.78 14.83 -6.18
CA LEU D 153 -18.76 15.61 -5.46
C LEU D 153 -18.36 17.07 -5.31
N GLY D 154 -17.06 17.36 -5.34
CA GLY D 154 -16.61 18.74 -5.42
C GLY D 154 -16.88 19.52 -4.15
N ASP D 155 -17.56 20.66 -4.30
CA ASP D 155 -17.76 21.62 -3.23
C ASP D 155 -19.01 21.33 -2.40
N LYS D 156 -20.01 20.66 -2.98
CA LYS D 156 -21.23 20.35 -2.27
C LYS D 156 -21.63 18.93 -2.60
N GLY D 157 -21.93 18.15 -1.57
CA GLY D 157 -22.29 16.75 -1.76
C GLY D 157 -22.92 16.14 -0.53
N SER D 158 -23.77 15.14 -0.73
CA SER D 158 -24.46 14.46 0.36
C SER D 158 -24.33 12.97 0.14
N VAL D 159 -23.64 12.29 1.05
CA VAL D 159 -23.43 10.85 0.99
C VAL D 159 -24.36 10.20 2.00
N ILE D 160 -25.14 9.22 1.54
CA ILE D 160 -26.11 8.51 2.38
C ILE D 160 -25.78 7.04 2.32
N SER D 161 -25.56 6.43 3.49
CA SER D 161 -25.24 5.02 3.59
C SER D 161 -26.36 4.30 4.33
N ILE D 162 -26.71 3.11 3.85
CA ILE D 162 -27.85 2.37 4.37
C ILE D 162 -27.35 1.41 5.44
N GLY D 163 -27.71 1.70 6.70
CA GLY D 163 -27.51 0.79 7.80
C GLY D 163 -28.79 0.08 8.19
N SER D 164 -28.80 -0.50 9.38
CA SER D 164 -29.97 -1.20 9.87
C SER D 164 -30.08 -1.05 11.38
N LYS D 165 -31.32 -0.94 11.86
CA LYS D 165 -31.57 -0.95 13.30
C LYS D 165 -31.11 -2.26 13.93
N SER D 166 -31.06 -3.34 13.14
CA SER D 166 -30.70 -4.65 13.70
C SER D 166 -29.27 -4.66 14.23
N SER D 167 -28.39 -3.82 13.70
CA SER D 167 -27.03 -3.75 14.21
C SER D 167 -26.96 -3.20 15.63
N GLU D 168 -28.05 -2.62 16.13
CA GLU D 168 -28.13 -2.23 17.53
C GLU D 168 -28.72 -3.33 18.41
N VAL D 169 -29.61 -4.16 17.86
CA VAL D 169 -30.29 -5.16 18.68
C VAL D 169 -29.59 -6.52 18.65
N GLY D 170 -28.87 -6.84 17.57
CA GLY D 170 -28.18 -8.11 17.46
C GLY D 170 -29.07 -9.25 17.02
N ILE D 171 -28.70 -9.93 15.93
CA ILE D 171 -29.48 -11.02 15.39
C ILE D 171 -28.58 -12.25 15.30
N PRO D 172 -28.95 -13.37 15.93
CA PRO D 172 -28.14 -14.59 15.78
C PRO D 172 -28.11 -15.06 14.34
N LEU D 173 -27.03 -15.77 14.00
CA LEU D 173 -26.71 -16.31 12.68
C LEU D 173 -26.31 -15.23 11.67
N ARG D 174 -26.23 -13.97 12.06
CA ARG D 174 -25.93 -12.88 11.13
C ARG D 174 -25.00 -11.86 11.78
N ALA D 175 -24.07 -12.34 12.62
CA ALA D 175 -23.16 -11.43 13.30
C ALA D 175 -22.23 -10.72 12.34
N HIS D 176 -21.87 -11.37 11.24
CA HIS D 176 -21.01 -10.73 10.23
C HIS D 176 -21.73 -9.58 9.54
N TYR D 177 -23.03 -9.74 9.28
CA TYR D 177 -23.79 -8.68 8.63
C TYR D 177 -23.89 -7.45 9.52
N THR D 178 -24.39 -7.64 10.74
CA THR D 178 -24.55 -6.50 11.66
C THR D 178 -23.20 -5.86 11.98
N ALA D 179 -22.12 -6.64 11.96
CA ALA D 179 -20.78 -6.07 12.12
C ALA D 179 -20.48 -5.07 11.01
N THR D 180 -20.72 -5.46 9.76
CA THR D 180 -20.43 -4.56 8.65
C THR D 180 -21.41 -3.38 8.61
N LYS D 181 -22.67 -3.61 9.01
CA LYS D 181 -23.63 -2.51 9.02
C LYS D 181 -23.31 -1.49 10.09
N HIS D 182 -22.82 -1.94 11.25
CA HIS D 182 -22.47 -0.99 12.31
C HIS D 182 -21.19 -0.23 11.96
N ALA D 183 -20.27 -0.88 11.21
CA ALA D 183 -19.06 -0.20 10.77
C ALA D 183 -19.39 1.04 9.93
N LEU D 184 -20.50 1.01 9.18
CA LEU D 184 -20.86 2.15 8.36
C LEU D 184 -21.10 3.40 9.20
N ARG D 185 -21.57 3.22 10.43
CA ARG D 185 -21.79 4.38 11.29
C ARG D 185 -20.47 4.98 11.76
N GLY D 186 -19.50 4.14 12.11
CA GLY D 186 -18.21 4.66 12.52
C GLY D 186 -17.48 5.34 11.38
N LEU D 187 -17.56 4.77 10.17
CA LEU D 187 -17.00 5.42 8.99
C LEU D 187 -17.68 6.77 8.76
N THR D 188 -19.01 6.78 8.76
CA THR D 188 -19.76 8.00 8.46
C THR D 188 -19.44 9.12 9.43
N ARG D 189 -19.31 8.80 10.72
CA ARG D 189 -19.04 9.82 11.73
C ARG D 189 -17.72 10.54 11.45
N SER D 190 -16.66 9.78 11.21
CA SER D 190 -15.35 10.38 10.98
C SER D 190 -15.32 11.17 9.68
N LEU D 191 -15.88 10.59 8.61
CA LEU D 191 -15.91 11.30 7.33
C LEU D 191 -16.67 12.62 7.45
N ALA D 192 -17.71 12.66 8.28
CA ALA D 192 -18.46 13.90 8.48
C ALA D 192 -17.56 14.98 9.06
N LYS D 193 -16.79 14.65 10.09
CA LYS D 193 -15.93 15.64 10.71
C LYS D 193 -14.75 16.01 9.83
N GLU D 194 -14.29 15.08 8.99
CA GLU D 194 -13.13 15.35 8.14
C GLU D 194 -13.49 16.29 6.99
N TYR D 195 -14.67 16.11 6.40
CA TYR D 195 -15.05 16.83 5.19
C TYR D 195 -16.16 17.84 5.39
N GLY D 196 -16.64 18.02 6.62
CA GLY D 196 -17.76 18.92 6.84
C GLY D 196 -17.48 20.33 6.38
N ARG D 197 -16.26 20.80 6.60
CA ARG D 197 -15.89 22.15 6.18
C ARG D 197 -15.63 22.25 4.68
N SER D 198 -15.61 21.13 3.97
CA SER D 198 -15.46 21.12 2.51
C SER D 198 -16.80 21.07 1.78
N GLY D 199 -17.91 21.08 2.50
CA GLY D 199 -19.23 21.05 1.89
C GLY D 199 -19.82 19.67 1.70
N LEU D 200 -19.16 18.62 2.19
CA LEU D 200 -19.64 17.25 2.04
C LEU D 200 -20.30 16.80 3.35
N ARG D 201 -21.49 16.23 3.23
CA ARG D 201 -22.23 15.70 4.37
C ARG D 201 -22.36 14.19 4.26
N PHE D 202 -22.24 13.50 5.39
CA PHE D 202 -22.27 12.05 5.46
C PHE D 202 -23.26 11.62 6.54
N ASN D 203 -24.23 10.80 6.18
CA ASN D 203 -25.24 10.34 7.11
C ASN D 203 -25.60 8.89 6.83
N VAL D 204 -26.15 8.23 7.84
CA VAL D 204 -26.61 6.84 7.73
C VAL D 204 -28.12 6.82 7.91
N LEU D 205 -28.79 6.02 7.10
CA LEU D 205 -30.20 5.67 7.30
C LEU D 205 -30.24 4.27 7.92
N ALA D 206 -30.68 4.18 9.17
CA ALA D 206 -30.80 2.90 9.85
C ALA D 206 -32.20 2.35 9.58
N LEU D 207 -32.29 1.36 8.70
CA LEU D 207 -33.57 0.85 8.26
C LEU D 207 -34.11 -0.22 9.21
N GLY D 208 -35.42 -0.34 9.25
CA GLY D 208 -36.07 -1.46 9.92
C GLY D 208 -36.28 -2.60 8.97
N VAL D 209 -37.41 -3.30 9.09
CA VAL D 209 -37.74 -4.40 8.20
C VAL D 209 -38.57 -3.85 7.05
N VAL D 210 -38.11 -4.06 5.83
CA VAL D 210 -38.79 -3.55 4.65
C VAL D 210 -39.38 -4.67 3.81
N PHE D 229 -44.49 -11.65 12.47
CA PHE D 229 -43.46 -11.64 13.50
C PHE D 229 -42.77 -10.29 13.59
N TYR D 230 -42.50 -9.67 12.44
CA TYR D 230 -41.81 -8.39 12.43
C TYR D 230 -42.76 -7.22 12.63
N SER D 231 -43.99 -7.32 12.14
CA SER D 231 -44.97 -6.25 12.38
C SER D 231 -45.19 -6.05 13.87
N THR D 232 -45.20 -7.14 14.63
CA THR D 232 -45.45 -7.07 16.07
C THR D 232 -44.44 -6.17 16.77
N LYS D 233 -43.18 -6.20 16.34
CA LYS D 233 -42.12 -5.47 17.01
C LYS D 233 -42.07 -3.99 16.63
N THR D 234 -42.79 -3.58 15.57
CA THR D 234 -42.80 -2.18 15.19
C THR D 234 -43.84 -1.41 16.01
N ALA D 235 -43.68 -0.09 16.03
CA ALA D 235 -44.67 0.76 16.67
C ALA D 235 -45.86 1.01 15.77
N LEU D 236 -45.64 1.12 14.45
CA LEU D 236 -46.70 1.38 13.49
C LEU D 236 -47.48 0.12 13.09
N GLY D 237 -46.95 -1.07 13.38
CA GLY D 237 -47.68 -2.29 13.09
C GLY D 237 -47.60 -2.76 11.65
N ARG D 238 -46.67 -2.23 10.86
CA ARG D 238 -46.51 -2.66 9.48
C ARG D 238 -45.03 -2.64 9.12
N LEU D 239 -44.70 -3.36 8.05
CA LEU D 239 -43.34 -3.31 7.53
C LEU D 239 -43.17 -2.06 6.67
N GLY D 240 -41.90 -1.75 6.37
CA GLY D 240 -41.60 -0.58 5.57
C GLY D 240 -41.67 -0.85 4.07
N THR D 241 -41.68 0.25 3.31
CA THR D 241 -41.65 0.19 1.86
C THR D 241 -40.37 0.84 1.34
N PRO D 242 -39.90 0.43 0.16
CA PRO D 242 -38.79 1.17 -0.47
C PRO D 242 -39.10 2.64 -0.68
N ASP D 243 -40.37 2.99 -0.90
CA ASP D 243 -40.72 4.39 -1.13
C ASP D 243 -40.63 5.21 0.15
N GLU D 244 -40.94 4.60 1.31
CA GLU D 244 -40.77 5.30 2.57
C GLU D 244 -39.30 5.60 2.84
N VAL D 245 -38.41 4.71 2.41
CA VAL D 245 -36.98 4.98 2.51
C VAL D 245 -36.59 6.13 1.58
N ALA D 246 -37.21 6.18 0.40
CA ALA D 246 -36.90 7.24 -0.54
C ALA D 246 -37.28 8.61 0.00
N GLY D 247 -38.28 8.66 0.89
CA GLY D 247 -38.63 9.93 1.52
C GLY D 247 -37.48 10.49 2.33
N ALA D 248 -36.76 9.62 3.04
CA ALA D 248 -35.62 10.07 3.85
C ALA D 248 -34.42 10.39 2.96
N VAL D 249 -34.17 9.57 1.95
CA VAL D 249 -33.10 9.88 0.99
C VAL D 249 -33.35 11.24 0.36
N ALA D 250 -34.60 11.51 -0.01
CA ALA D 250 -34.94 12.80 -0.62
C ALA D 250 -34.63 13.95 0.34
N TRP D 251 -34.91 13.76 1.63
CA TRP D 251 -34.62 14.81 2.61
C TRP D 251 -33.13 15.01 2.79
N LEU D 252 -32.39 13.91 2.98
CA LEU D 252 -30.95 14.02 3.17
C LEU D 252 -30.27 14.55 1.92
N ALA D 253 -30.84 14.31 0.74
CA ALA D 253 -30.27 14.85 -0.48
C ALA D 253 -30.54 16.33 -0.66
N SER D 254 -31.62 16.84 -0.06
CA SER D 254 -32.02 18.22 -0.26
C SER D 254 -31.31 19.16 0.71
N ASP D 255 -31.39 20.46 0.40
CA ASP D 255 -30.85 21.48 1.28
C ASP D 255 -31.69 21.70 2.53
N LEU D 256 -32.86 21.07 2.62
CA LEU D 256 -33.64 21.11 3.85
C LEU D 256 -32.91 20.43 5.00
N SER D 257 -31.91 19.61 4.70
CA SER D 257 -31.10 18.93 5.72
C SER D 257 -29.66 19.44 5.71
N ARG D 258 -29.46 20.72 5.36
CA ARG D 258 -28.11 21.23 5.14
C ARG D 258 -27.29 21.31 6.43
N TYR D 259 -27.93 21.25 7.60
CA TYR D 259 -27.21 21.23 8.85
C TYR D 259 -27.16 19.83 9.47
N VAL D 260 -27.51 18.80 8.71
CA VAL D 260 -27.55 17.44 9.20
C VAL D 260 -26.34 16.70 8.64
N THR D 261 -25.41 16.32 9.53
CA THR D 261 -24.25 15.55 9.11
C THR D 261 -23.75 14.72 10.28
N GLY D 262 -23.18 13.57 9.97
CA GLY D 262 -22.72 12.65 11.00
C GLY D 262 -23.83 12.02 11.80
N ALA D 263 -25.04 11.94 11.25
CA ALA D 263 -26.20 11.46 11.96
C ALA D 263 -26.61 10.07 11.48
N THR D 264 -27.16 9.28 12.38
CA THR D 264 -27.83 8.03 12.05
C THR D 264 -29.33 8.28 12.15
N ILE D 265 -29.99 8.38 11.00
CA ILE D 265 -31.41 8.66 10.94
C ILE D 265 -32.16 7.33 10.88
N HIS D 266 -33.12 7.14 11.77
CA HIS D 266 -33.88 5.90 11.84
C HIS D 266 -35.15 6.03 11.01
N VAL D 267 -35.23 5.24 9.94
CA VAL D 267 -36.46 5.07 9.18
C VAL D 267 -36.97 3.69 9.57
N ASP D 268 -37.68 3.63 10.69
CA ASP D 268 -37.75 2.46 11.53
C ASP D 268 -39.13 1.84 11.65
N GLY D 269 -40.19 2.64 11.59
CA GLY D 269 -41.46 2.15 12.09
C GLY D 269 -41.47 1.91 13.58
N GLY D 270 -40.45 2.36 14.32
CA GLY D 270 -40.38 2.16 15.74
C GLY D 270 -39.98 0.76 16.18
N ILE D 271 -39.42 -0.05 15.28
CA ILE D 271 -39.06 -1.41 15.64
C ILE D 271 -37.94 -1.39 16.67
N SER D 272 -37.87 -2.44 17.48
CA SER D 272 -36.86 -2.53 18.53
C SER D 272 -36.61 -3.99 18.92
N GLU E 22 -44.71 10.69 -5.34
CA GLU E 22 -44.49 12.13 -5.52
C GLU E 22 -43.74 12.70 -4.33
N LEU E 23 -42.45 12.99 -4.53
CA LEU E 23 -41.59 13.49 -3.45
C LEU E 23 -41.81 14.99 -3.31
N GLU E 24 -42.92 15.35 -2.68
CA GLU E 24 -43.22 16.72 -2.30
C GLU E 24 -43.52 16.74 -0.81
N LEU E 25 -43.12 17.83 -0.14
CA LEU E 25 -43.46 17.98 1.27
C LEU E 25 -44.96 17.96 1.49
N GLY E 26 -45.71 18.65 0.62
CA GLY E 26 -47.16 18.62 0.66
C GLY E 26 -47.75 19.10 1.97
N LEU E 27 -47.28 20.26 2.44
CA LEU E 27 -47.67 20.77 3.75
C LEU E 27 -48.85 21.72 3.71
N ARG E 28 -49.19 22.26 2.54
CA ARG E 28 -50.21 23.29 2.43
C ARG E 28 -51.55 22.80 2.98
N GLY E 29 -52.19 23.66 3.78
CA GLY E 29 -53.47 23.35 4.37
C GLY E 29 -53.40 22.66 5.72
N LYS E 30 -52.25 22.10 6.08
CA LYS E 30 -52.11 21.44 7.37
C LYS E 30 -52.18 22.47 8.50
N LYS E 31 -52.41 21.97 9.71
CA LYS E 31 -52.54 22.80 10.90
C LYS E 31 -51.58 22.32 11.96
N ALA E 32 -50.77 23.23 12.50
CA ALA E 32 -49.71 22.89 13.42
C ALA E 32 -49.77 23.77 14.66
N LEU E 33 -49.37 23.21 15.80
CA LEU E 33 -49.18 23.94 17.04
C LEU E 33 -47.70 23.97 17.39
N VAL E 34 -47.18 25.15 17.64
CA VAL E 34 -45.76 25.35 17.98
C VAL E 34 -45.72 26.15 19.27
N THR E 35 -45.25 25.54 20.35
CA THR E 35 -45.12 26.26 21.61
C THR E 35 -43.83 27.07 21.64
N GLY E 36 -43.91 28.26 22.23
CA GLY E 36 -42.78 29.17 22.29
C GLY E 36 -42.26 29.55 20.92
N GLY E 37 -43.09 30.20 20.10
CA GLY E 37 -42.69 30.55 18.76
C GLY E 37 -42.52 32.03 18.53
N SER E 38 -42.21 32.77 19.59
CA SER E 38 -41.99 34.20 19.51
C SER E 38 -40.51 34.57 19.41
N ARG E 39 -39.62 33.62 19.64
CA ARG E 39 -38.18 33.91 19.61
C ARG E 39 -37.44 32.68 19.10
N GLY E 40 -36.25 32.93 18.56
CA GLY E 40 -35.29 31.88 18.29
C GLY E 40 -35.81 30.78 17.37
N VAL E 41 -35.56 29.54 17.79
CA VAL E 41 -35.90 28.38 16.96
C VAL E 41 -37.39 28.33 16.69
N GLY E 42 -38.22 28.56 17.71
CA GLY E 42 -39.66 28.48 17.52
C GLY E 42 -40.18 29.47 16.51
N ARG E 43 -39.71 30.72 16.59
CA ARG E 43 -40.15 31.72 15.61
C ARG E 43 -39.75 31.34 14.20
N GLY E 44 -38.56 30.74 14.05
CA GLY E 44 -38.15 30.25 12.75
C GLY E 44 -39.07 29.17 12.22
N VAL E 45 -39.46 28.23 13.09
CA VAL E 45 -40.35 27.15 12.66
C VAL E 45 -41.73 27.69 12.31
N VAL E 46 -42.22 28.66 13.09
CA VAL E 46 -43.56 29.19 12.84
C VAL E 46 -43.60 29.91 11.49
N LEU E 47 -42.67 30.83 11.26
CA LEU E 47 -42.68 31.62 10.03
C LEU E 47 -42.44 30.74 8.81
N ALA E 48 -41.58 29.73 8.93
CA ALA E 48 -41.31 28.84 7.80
C ALA E 48 -42.54 28.03 7.45
N LEU E 49 -43.21 27.43 8.46
CA LEU E 49 -44.42 26.67 8.20
C LEU E 49 -45.53 27.57 7.66
N ALA E 50 -45.66 28.77 8.22
CA ALA E 50 -46.68 29.70 7.74
C ALA E 50 -46.47 30.02 6.26
N ARG E 51 -45.22 30.25 5.86
CA ARG E 51 -44.93 30.58 4.48
C ARG E 51 -45.28 29.43 3.54
N ALA E 52 -45.12 28.19 4.01
CA ALA E 52 -45.44 27.01 3.20
C ALA E 52 -46.93 26.72 3.14
N GLY E 53 -47.77 27.58 3.71
CA GLY E 53 -49.20 27.36 3.66
C GLY E 53 -49.73 26.49 4.77
N VAL E 54 -49.01 26.37 5.88
CA VAL E 54 -49.48 25.65 7.06
C VAL E 54 -50.16 26.63 7.99
N ASP E 55 -51.37 26.30 8.44
CA ASP E 55 -52.01 27.08 9.49
C ASP E 55 -51.32 26.81 10.82
N VAL E 56 -50.69 27.84 11.38
CA VAL E 56 -49.83 27.70 12.54
C VAL E 56 -50.55 28.24 13.77
N PHE E 57 -50.60 27.44 14.82
CA PHE E 57 -51.03 27.91 16.14
C PHE E 57 -49.80 28.00 17.02
N THR E 58 -49.65 29.13 17.71
CA THR E 58 -48.45 29.40 18.49
C THR E 58 -48.84 29.91 19.86
N CYS E 59 -47.88 29.89 20.79
CA CYS E 59 -48.12 30.43 22.12
C CYS E 59 -46.83 31.02 22.66
N TYR E 60 -46.98 31.78 23.74
CA TYR E 60 -45.84 32.43 24.40
C TYR E 60 -46.23 32.74 25.84
N ARG E 61 -45.30 33.35 26.58
CA ARG E 61 -45.45 33.56 28.01
C ARG E 61 -45.44 35.03 28.40
N GLU E 62 -44.50 35.83 27.90
CA GLU E 62 -44.51 37.25 28.16
C GLU E 62 -44.80 38.01 26.87
N GLU E 63 -45.36 39.21 27.02
CA GLU E 63 -45.75 40.01 25.86
C GLU E 63 -44.76 41.17 25.71
N SER E 64 -43.88 41.04 24.72
CA SER E 64 -42.88 42.04 24.42
C SER E 64 -42.95 42.36 22.93
N ASP E 65 -41.86 42.91 22.40
CA ASP E 65 -41.80 43.19 20.97
C ASP E 65 -41.80 41.93 20.12
N ALA E 66 -41.39 40.79 20.70
CA ALA E 66 -41.31 39.55 19.93
C ALA E 66 -42.70 39.05 19.56
N SER E 67 -43.61 39.00 20.54
CA SER E 67 -44.95 38.49 20.27
C SER E 67 -45.74 39.45 19.38
N ALA E 68 -45.53 40.76 19.53
CA ALA E 68 -46.20 41.73 18.69
C ALA E 68 -45.66 41.68 17.26
N SER E 69 -44.34 41.63 17.11
CA SER E 69 -43.75 41.46 15.79
C SER E 69 -44.24 40.17 15.15
N LEU E 70 -44.24 39.08 15.93
CA LEU E 70 -44.62 37.77 15.39
C LEU E 70 -46.06 37.78 14.90
N ALA E 71 -46.97 38.37 15.68
CA ALA E 71 -48.37 38.40 15.26
C ALA E 71 -48.58 39.27 14.03
N ARG E 72 -47.88 40.40 13.97
CA ARG E 72 -48.03 41.31 12.82
C ARG E 72 -47.72 40.59 11.52
N GLU E 73 -46.56 39.93 11.45
CA GLU E 73 -46.20 39.20 10.23
C GLU E 73 -47.20 38.08 9.97
N LEU E 74 -47.54 37.31 11.01
CA LEU E 74 -48.33 36.08 10.84
C LEU E 74 -49.55 36.30 9.96
N LYS E 75 -50.34 37.35 10.22
CA LYS E 75 -51.51 37.57 9.38
C LYS E 75 -51.18 38.36 8.13
N GLN E 76 -50.12 39.19 8.17
CA GLN E 76 -49.69 39.85 6.94
C GLN E 76 -49.27 38.84 5.88
N LEU E 77 -48.82 37.66 6.30
CA LEU E 77 -48.51 36.60 5.33
C LEU E 77 -49.78 35.97 4.77
N GLY E 78 -50.87 35.97 5.54
CA GLY E 78 -52.12 35.42 5.08
C GLY E 78 -52.35 33.98 5.49
N GLY E 79 -53.25 33.77 6.43
CA GLY E 79 -53.57 32.42 6.87
C GLY E 79 -54.32 32.46 8.20
N ASP E 80 -54.53 31.25 8.74
CA ASP E 80 -55.25 31.08 10.00
C ASP E 80 -54.24 30.79 11.11
N HIS E 81 -53.50 31.83 11.50
CA HIS E 81 -52.41 31.71 12.45
C HIS E 81 -52.69 32.52 13.70
N HIS E 82 -52.70 31.86 14.85
CA HIS E 82 -52.96 32.50 16.13
C HIS E 82 -51.77 32.33 17.05
N ALA E 83 -51.61 33.29 17.96
CA ALA E 83 -50.60 33.22 19.01
C ALA E 83 -51.28 33.65 20.30
N LEU E 84 -51.36 32.73 21.26
CA LEU E 84 -52.11 32.94 22.49
C LEU E 84 -51.20 32.87 23.70
N ARG E 85 -51.53 33.67 24.72
CA ARG E 85 -50.75 33.72 25.94
C ARG E 85 -50.94 32.44 26.74
N ALA E 86 -49.82 31.80 27.12
CA ALA E 86 -49.89 30.56 27.89
C ALA E 86 -48.54 30.32 28.57
N ASP E 87 -48.48 30.50 29.88
CA ASP E 87 -47.35 30.02 30.67
C ASP E 87 -47.53 28.53 30.89
N LEU E 88 -46.72 27.72 30.23
CA LEU E 88 -46.87 26.27 30.26
C LEU E 88 -46.40 25.65 31.57
N ALA E 89 -46.03 26.48 32.55
CA ALA E 89 -45.82 26.01 33.91
C ALA E 89 -47.14 25.93 34.69
N ASP E 90 -48.24 26.31 34.08
CA ASP E 90 -49.56 26.23 34.70
C ASP E 90 -50.44 25.27 33.90
N PRO E 91 -50.82 24.12 34.46
CA PRO E 91 -51.56 23.12 33.67
C PRO E 91 -52.91 23.61 33.17
N LYS E 92 -53.67 24.31 34.01
CA LYS E 92 -54.90 24.94 33.53
C LYS E 92 -54.61 25.96 32.43
N GLN E 93 -53.36 26.40 32.32
CA GLN E 93 -53.03 27.31 31.22
C GLN E 93 -52.82 26.55 29.91
N ILE E 94 -52.46 25.27 29.98
CA ILE E 94 -52.39 24.45 28.78
C ILE E 94 -53.78 24.06 28.32
N ALA E 95 -54.68 23.79 29.27
CA ALA E 95 -56.06 23.42 28.92
C ALA E 95 -56.82 24.59 28.33
N GLU E 96 -56.53 25.81 28.79
CA GLU E 96 -57.18 26.97 28.21
C GLU E 96 -56.72 27.19 26.77
N LEU E 97 -55.45 26.88 26.49
CA LEU E 97 -54.92 27.06 25.14
C LEU E 97 -55.52 26.04 24.17
N PHE E 98 -55.55 24.76 24.58
CA PHE E 98 -56.13 23.74 23.74
C PHE E 98 -57.64 23.87 23.63
N GLN E 99 -58.29 24.60 24.54
CA GLN E 99 -59.71 24.88 24.40
C GLN E 99 -59.96 25.79 23.21
N GLU E 100 -59.16 26.86 23.10
CA GLU E 100 -59.29 27.72 21.93
C GLU E 100 -58.73 27.04 20.68
N VAL E 101 -57.64 26.28 20.80
CA VAL E 101 -57.13 25.54 19.65
C VAL E 101 -58.22 24.62 19.08
N GLY E 102 -58.99 23.97 19.97
CA GLY E 102 -60.02 23.07 19.50
C GLY E 102 -61.17 23.77 18.79
N ARG E 103 -61.43 25.03 19.16
CA ARG E 103 -62.52 25.76 18.52
C ARG E 103 -62.07 26.40 17.20
N ARG E 104 -60.85 26.95 17.16
CA ARG E 104 -60.40 27.61 15.94
C ARG E 104 -59.89 26.65 14.88
N PHE E 105 -59.28 25.54 15.28
CA PHE E 105 -58.72 24.61 14.32
C PHE E 105 -59.54 23.35 14.16
N GLY E 106 -60.04 22.77 15.25
CA GLY E 106 -60.83 21.55 15.17
C GLY E 106 -59.99 20.30 15.06
N THR E 107 -58.83 20.41 14.41
CA THR E 107 -57.88 19.31 14.34
C THR E 107 -56.47 19.86 14.36
N LEU E 108 -55.51 18.94 14.43
CA LEU E 108 -54.10 19.25 14.31
C LEU E 108 -53.44 18.15 13.50
N ASP E 109 -52.45 18.52 12.70
CA ASP E 109 -51.58 17.56 12.05
C ASP E 109 -50.22 17.45 12.70
N VAL E 110 -49.69 18.58 13.17
CA VAL E 110 -48.33 18.67 13.69
C VAL E 110 -48.37 19.37 15.04
N VAL E 111 -47.55 18.88 15.97
CA VAL E 111 -47.28 19.56 17.22
C VAL E 111 -45.76 19.63 17.38
N VAL E 112 -45.27 20.79 17.79
CA VAL E 112 -43.84 21.01 17.99
C VAL E 112 -43.63 21.56 19.40
N ASN E 113 -43.12 20.72 20.29
CA ASN E 113 -42.75 21.18 21.63
C ASN E 113 -41.40 21.88 21.54
N ASN E 114 -41.44 23.19 21.38
CA ASN E 114 -40.24 24.00 21.33
C ASN E 114 -40.02 24.85 22.57
N ALA E 115 -41.08 25.15 23.32
CA ALA E 115 -40.96 26.00 24.50
C ALA E 115 -40.07 25.34 25.55
N GLY E 116 -39.07 26.08 26.03
CA GLY E 116 -38.17 25.58 27.04
C GLY E 116 -37.42 26.72 27.69
N VAL E 117 -36.88 26.44 28.88
CA VAL E 117 -36.14 27.42 29.66
C VAL E 117 -34.79 26.81 30.05
N ILE E 118 -33.86 27.70 30.42
CA ILE E 118 -32.48 27.31 30.71
C ILE E 118 -31.91 28.25 31.77
N SER E 119 -30.91 27.76 32.50
CA SER E 119 -30.19 28.57 33.47
C SER E 119 -28.88 27.87 33.84
N HIS E 120 -27.88 28.67 34.20
CA HIS E 120 -26.55 28.19 34.56
C HIS E 120 -26.35 28.42 36.05
N VAL E 121 -26.59 27.38 36.85
CA VAL E 121 -26.38 27.49 38.30
C VAL E 121 -25.49 26.35 38.77
N PRO E 122 -24.52 26.60 39.64
CA PRO E 122 -23.78 25.49 40.26
C PRO E 122 -24.75 24.54 40.94
N TYR E 123 -24.54 23.24 40.69
CA TYR E 123 -25.54 22.24 41.09
C TYR E 123 -25.79 22.28 42.59
N ALA E 124 -24.75 22.45 43.40
CA ALA E 124 -24.94 22.53 44.85
C ALA E 124 -25.74 23.76 45.24
N GLU E 125 -25.70 24.82 44.42
CA GLU E 125 -26.42 26.05 44.70
C GLU E 125 -27.83 26.07 44.12
N LEU E 126 -28.18 25.11 43.26
CA LEU E 126 -29.43 25.13 42.51
C LEU E 126 -30.63 25.08 43.45
N PRO E 127 -31.42 26.15 43.55
CA PRO E 127 -32.57 26.15 44.46
C PRO E 127 -33.67 25.24 43.93
N VAL E 128 -34.39 24.63 44.88
CA VAL E 128 -35.39 23.62 44.53
C VAL E 128 -36.47 24.21 43.61
N ALA E 129 -36.80 25.49 43.77
CA ALA E 129 -37.81 26.10 42.92
C ALA E 129 -37.30 26.26 41.49
N GLU E 130 -36.00 26.50 41.30
CA GLU E 130 -35.44 26.58 39.97
C GLU E 130 -35.42 25.21 39.30
N TRP E 131 -35.08 24.17 40.06
CA TRP E 131 -35.21 22.81 39.55
C TRP E 131 -36.64 22.54 39.11
N GLN E 132 -37.61 22.95 39.93
CA GLN E 132 -39.01 22.70 39.62
C GLN E 132 -39.48 23.53 38.42
N ARG E 133 -38.92 24.73 38.24
CA ARG E 133 -39.33 25.57 37.12
C ARG E 133 -38.91 24.95 35.78
N ILE E 134 -37.65 24.51 35.69
CA ILE E 134 -37.17 23.91 34.45
C ILE E 134 -37.92 22.60 34.17
N VAL E 135 -38.22 21.84 35.23
CA VAL E 135 -38.96 20.59 35.04
C VAL E 135 -40.38 20.86 34.58
N ASP E 136 -41.05 21.83 35.21
CA ASP E 136 -42.44 22.12 34.86
C ASP E 136 -42.58 22.66 33.45
N VAL E 137 -41.58 23.38 32.95
CA VAL E 137 -41.66 23.96 31.61
C VAL E 137 -41.16 22.99 30.56
N ASN E 138 -39.96 22.42 30.74
CA ASN E 138 -39.33 21.63 29.68
C ASN E 138 -39.89 20.21 29.59
N LEU E 139 -40.34 19.63 30.70
CA LEU E 139 -40.78 18.24 30.71
C LEU E 139 -42.28 18.11 30.92
N THR E 140 -42.84 18.69 31.98
CA THR E 140 -44.26 18.53 32.24
C THR E 140 -45.09 19.34 31.25
N GLY E 141 -44.65 20.57 30.94
CA GLY E 141 -45.33 21.35 29.93
C GLY E 141 -45.43 20.62 28.60
N ALA E 142 -44.32 20.01 28.17
CA ALA E 142 -44.34 19.23 26.94
C ALA E 142 -45.28 18.04 27.04
N HIS E 143 -45.28 17.37 28.20
CA HIS E 143 -46.16 16.21 28.38
C HIS E 143 -47.63 16.60 28.34
N LEU E 144 -47.99 17.72 28.97
CA LEU E 144 -49.39 18.12 28.98
C LEU E 144 -49.84 18.62 27.61
N VAL E 145 -48.95 19.32 26.89
CA VAL E 145 -49.27 19.75 25.54
C VAL E 145 -49.56 18.53 24.65
N ILE E 146 -48.69 17.53 24.72
CA ILE E 146 -48.91 16.32 23.93
C ILE E 146 -50.21 15.63 24.35
N GLN E 147 -50.48 15.58 25.65
CA GLN E 147 -51.66 14.87 26.13
C GLN E 147 -52.93 15.54 25.64
N HIS E 148 -53.01 16.88 25.76
CA HIS E 148 -54.16 17.59 25.22
C HIS E 148 -54.23 17.51 23.70
N ALA E 149 -53.09 17.32 23.03
CA ALA E 149 -53.06 17.33 21.58
C ALA E 149 -53.56 16.03 20.97
N ILE E 150 -53.37 14.90 21.66
CA ILE E 150 -53.72 13.60 21.09
C ILE E 150 -55.18 13.54 20.64
N PRO E 151 -56.16 13.98 21.42
CA PRO E 151 -57.55 13.96 20.90
C PRO E 151 -57.73 14.73 19.61
N LEU E 152 -56.98 15.82 19.41
CA LEU E 152 -57.13 16.66 18.24
C LEU E 152 -56.40 16.11 17.01
N LEU E 153 -55.40 15.25 17.20
CA LEU E 153 -54.67 14.70 16.07
C LEU E 153 -55.41 13.51 15.46
N GLY E 154 -56.12 12.74 16.28
CA GLY E 154 -56.97 11.68 15.79
C GLY E 154 -56.25 10.51 15.13
N ASP E 155 -56.50 10.31 13.83
CA ASP E 155 -56.04 9.15 13.10
C ASP E 155 -54.67 9.34 12.47
N LYS E 156 -54.27 10.58 12.18
CA LYS E 156 -52.95 10.85 11.64
C LYS E 156 -52.41 12.12 12.29
N GLY E 157 -51.14 12.07 12.71
CA GLY E 157 -50.52 13.20 13.36
C GLY E 157 -49.03 13.01 13.57
N SER E 158 -48.29 14.12 13.60
CA SER E 158 -46.85 14.09 13.77
C SER E 158 -46.48 14.98 14.95
N VAL E 159 -45.99 14.37 16.03
CA VAL E 159 -45.55 15.09 17.21
C VAL E 159 -44.03 15.18 17.19
N ILE E 160 -43.51 16.40 17.34
CA ILE E 160 -42.08 16.65 17.30
C ILE E 160 -41.68 17.38 18.58
N SER E 161 -40.64 16.89 19.24
CA SER E 161 -40.17 17.46 20.49
C SER E 161 -38.74 17.94 20.31
N ILE E 162 -38.45 19.16 20.77
CA ILE E 162 -37.14 19.77 20.56
C ILE E 162 -36.24 19.33 21.71
N GLY E 163 -35.34 18.39 21.41
CA GLY E 163 -34.32 17.97 22.35
C GLY E 163 -32.99 18.67 22.09
N SER E 164 -31.95 18.16 22.74
CA SER E 164 -30.63 18.74 22.64
C SER E 164 -29.58 17.64 22.59
N LYS E 165 -28.57 17.83 21.74
CA LYS E 165 -27.43 16.93 21.73
C LYS E 165 -26.62 17.05 23.02
N SER E 166 -26.69 18.19 23.71
CA SER E 166 -25.93 18.40 24.93
C SER E 166 -26.33 17.45 26.04
N SER E 167 -27.56 16.93 26.02
CA SER E 167 -27.94 15.94 27.03
C SER E 167 -27.23 14.61 26.83
N GLU E 168 -26.56 14.41 25.70
CA GLU E 168 -25.69 13.26 25.54
C GLU E 168 -24.26 13.54 25.96
N VAL E 169 -23.84 14.80 25.99
CA VAL E 169 -22.45 15.14 26.24
C VAL E 169 -22.29 15.54 27.70
N GLY E 170 -23.32 16.15 28.26
CA GLY E 170 -23.24 16.69 29.60
C GLY E 170 -22.56 18.04 29.62
N ILE E 171 -23.22 19.04 30.22
CA ILE E 171 -22.71 20.40 30.27
C ILE E 171 -22.74 20.87 31.72
N PRO E 172 -21.61 21.26 32.31
CA PRO E 172 -21.61 21.67 33.72
C PRO E 172 -22.52 22.87 33.95
N LEU E 173 -23.06 22.94 35.17
CA LEU E 173 -23.99 23.95 35.65
C LEU E 173 -25.36 23.84 34.99
N ARG E 174 -25.62 22.83 34.17
CA ARG E 174 -26.87 22.70 33.44
C ARG E 174 -27.44 21.29 33.55
N ALA E 175 -27.20 20.61 34.67
CA ALA E 175 -27.71 19.24 34.79
C ALA E 175 -29.23 19.21 34.80
N HIS E 176 -29.87 20.24 35.37
CA HIS E 176 -31.33 20.28 35.36
C HIS E 176 -31.87 20.43 33.94
N TYR E 177 -31.18 21.16 33.09
CA TYR E 177 -31.62 21.32 31.70
C TYR E 177 -31.47 20.02 30.93
N THR E 178 -30.26 19.42 30.95
CA THR E 178 -30.03 18.20 30.19
C THR E 178 -30.86 17.04 30.70
N ALA E 179 -31.20 17.04 32.00
CA ALA E 179 -32.08 16.01 32.52
C ALA E 179 -33.46 16.09 31.86
N THR E 180 -33.99 17.30 31.69
CA THR E 180 -35.31 17.44 31.11
C THR E 180 -35.28 17.19 29.61
N LYS E 181 -34.23 17.64 28.92
CA LYS E 181 -34.15 17.42 27.48
C LYS E 181 -33.98 15.94 27.16
N HIS E 182 -33.21 15.21 27.99
CA HIS E 182 -33.08 13.78 27.77
C HIS E 182 -34.37 13.05 28.12
N ALA E 183 -35.15 13.59 29.07
CA ALA E 183 -36.43 12.98 29.42
C ALA E 183 -37.39 12.94 28.24
N LEU E 184 -37.32 13.93 27.35
CA LEU E 184 -38.23 13.96 26.20
C LEU E 184 -38.00 12.77 25.28
N ARG E 185 -36.79 12.21 25.26
CA ARG E 185 -36.53 11.04 24.43
C ARG E 185 -37.23 9.81 24.96
N GLY E 186 -37.14 9.58 26.28
CA GLY E 186 -37.82 8.45 26.89
C GLY E 186 -39.33 8.60 26.86
N LEU E 187 -39.82 9.83 27.00
CA LEU E 187 -41.25 10.09 26.81
C LEU E 187 -41.66 9.79 25.38
N THR E 188 -40.88 10.27 24.41
CA THR E 188 -41.22 10.08 23.00
C THR E 188 -41.22 8.61 22.62
N ARG E 189 -40.21 7.87 23.07
CA ARG E 189 -40.06 6.48 22.66
C ARG E 189 -41.27 5.64 23.07
N SER E 190 -41.76 5.83 24.29
CA SER E 190 -42.93 5.06 24.74
C SER E 190 -44.20 5.52 24.05
N LEU E 191 -44.35 6.83 23.85
CA LEU E 191 -45.51 7.33 23.13
C LEU E 191 -45.58 6.75 21.72
N ALA E 192 -44.42 6.60 21.07
CA ALA E 192 -44.40 6.00 19.73
C ALA E 192 -44.88 4.56 19.78
N LYS E 193 -44.43 3.79 20.78
CA LYS E 193 -44.91 2.43 20.94
C LYS E 193 -46.40 2.38 21.22
N GLU E 194 -46.93 3.39 21.92
CA GLU E 194 -48.31 3.33 22.38
C GLU E 194 -49.30 3.73 21.30
N TYR E 195 -48.98 4.72 20.48
CA TYR E 195 -49.92 5.27 19.53
C TYR E 195 -49.55 5.00 18.07
N GLY E 196 -48.57 4.13 17.83
CA GLY E 196 -48.18 3.85 16.45
C GLY E 196 -49.30 3.22 15.64
N ARG E 197 -50.00 2.25 16.23
CA ARG E 197 -51.12 1.62 15.55
C ARG E 197 -52.25 2.60 15.25
N SER E 198 -52.33 3.70 15.99
CA SER E 198 -53.37 4.70 15.79
C SER E 198 -53.03 5.70 14.70
N GLY E 199 -51.84 5.62 14.10
CA GLY E 199 -51.42 6.56 13.09
C GLY E 199 -50.75 7.81 13.61
N LEU E 200 -50.34 7.84 14.87
CA LEU E 200 -49.65 8.98 15.46
C LEU E 200 -48.16 8.71 15.52
N ARG E 201 -47.36 9.71 15.18
CA ARG E 201 -45.91 9.60 15.16
C ARG E 201 -45.32 10.58 16.15
N PHE E 202 -44.27 10.15 16.83
CA PHE E 202 -43.60 10.94 17.86
C PHE E 202 -42.10 10.87 17.62
N ASN E 203 -41.45 12.03 17.55
CA ASN E 203 -40.02 12.09 17.30
C ASN E 203 -39.41 13.24 18.08
N VAL E 204 -38.09 13.17 18.28
CA VAL E 204 -37.31 14.21 18.93
C VAL E 204 -36.28 14.72 17.95
N LEU E 205 -36.19 16.04 17.80
CA LEU E 205 -35.10 16.68 17.07
C LEU E 205 -34.06 17.12 18.08
N ALA E 206 -32.88 16.49 18.04
CA ALA E 206 -31.77 16.84 18.90
C ALA E 206 -31.00 18.00 18.25
N LEU E 207 -31.16 19.20 18.80
CA LEU E 207 -30.50 20.38 18.25
C LEU E 207 -29.10 20.53 18.83
N GLY E 208 -28.21 21.06 18.02
CA GLY E 208 -26.89 21.47 18.45
C GLY E 208 -26.91 22.90 18.94
N VAL E 209 -25.80 23.60 18.75
CA VAL E 209 -25.74 25.03 19.03
C VAL E 209 -26.38 25.75 17.85
N VAL E 210 -27.57 26.30 18.07
CA VAL E 210 -28.27 27.00 17.01
C VAL E 210 -27.91 28.48 17.04
N PHE E 229 -15.75 29.45 18.43
CA PHE E 229 -15.46 28.53 19.54
C PHE E 229 -16.33 27.27 19.47
N TYR E 230 -17.65 27.45 19.35
CA TYR E 230 -18.52 26.30 19.16
C TYR E 230 -18.41 25.74 17.75
N SER E 231 -18.00 26.58 16.78
CA SER E 231 -17.80 26.10 15.41
C SER E 231 -16.73 25.02 15.37
N THR E 232 -15.70 25.15 16.20
CA THR E 232 -14.63 24.15 16.23
C THR E 232 -15.12 22.79 16.70
N LYS E 233 -16.27 22.74 17.38
CA LYS E 233 -16.84 21.46 17.80
C LYS E 233 -17.67 20.82 16.68
N THR E 234 -18.25 21.63 15.80
CA THR E 234 -19.08 21.10 14.72
C THR E 234 -18.23 20.45 13.64
N ALA E 235 -18.84 19.52 12.91
CA ALA E 235 -18.20 18.98 11.72
C ALA E 235 -18.19 19.99 10.58
N LEU E 236 -19.19 20.87 10.53
CA LEU E 236 -19.34 21.83 9.45
C LEU E 236 -18.61 23.14 9.70
N GLY E 237 -18.04 23.34 10.89
CA GLY E 237 -17.36 24.59 11.20
C GLY E 237 -18.29 25.78 11.26
N ARG E 238 -19.51 25.59 11.73
CA ARG E 238 -20.55 26.60 11.58
C ARG E 238 -21.65 26.34 12.60
N LEU E 239 -22.24 27.42 13.10
CA LEU E 239 -23.39 27.31 13.99
C LEU E 239 -24.67 27.17 13.18
N GLY E 240 -25.71 26.64 13.84
CA GLY E 240 -26.97 26.42 13.17
C GLY E 240 -27.89 27.62 13.20
N THR E 241 -28.93 27.56 12.37
CA THR E 241 -29.94 28.60 12.25
C THR E 241 -31.33 28.02 12.49
N PRO E 242 -32.28 28.84 12.95
CA PRO E 242 -33.65 28.34 13.14
C PRO E 242 -34.28 27.77 11.88
N ASP E 243 -33.90 28.27 10.70
CA ASP E 243 -34.51 27.78 9.47
C ASP E 243 -34.02 26.40 9.09
N GLU E 244 -32.79 26.05 9.47
CA GLU E 244 -32.32 24.68 9.27
C GLU E 244 -33.07 23.71 10.17
N VAL E 245 -33.41 24.14 11.39
CA VAL E 245 -34.31 23.35 12.21
C VAL E 245 -35.65 23.20 11.52
N ALA E 246 -36.14 24.28 10.91
CA ALA E 246 -37.42 24.23 10.20
C ALA E 246 -37.39 23.24 9.04
N GLY E 247 -36.21 23.06 8.42
CA GLY E 247 -36.10 22.05 7.37
C GLY E 247 -36.36 20.65 7.87
N ALA E 248 -35.94 20.37 9.11
CA ALA E 248 -36.19 19.05 9.69
C ALA E 248 -37.63 18.92 10.19
N VAL E 249 -38.15 19.97 10.84
CA VAL E 249 -39.56 19.98 11.23
C VAL E 249 -40.45 19.75 10.02
N ALA E 250 -40.11 20.38 8.89
CA ALA E 250 -40.92 20.21 7.68
C ALA E 250 -40.89 18.76 7.20
N TRP E 251 -39.74 18.11 7.28
CA TRP E 251 -39.66 16.72 6.87
C TRP E 251 -40.49 15.81 7.77
N LEU E 252 -40.35 15.99 9.09
CA LEU E 252 -41.07 15.15 10.03
C LEU E 252 -42.57 15.40 9.98
N ALA E 253 -42.99 16.61 9.61
CA ALA E 253 -44.41 16.89 9.45
C ALA E 253 -44.98 16.28 8.17
N SER E 254 -44.13 15.99 7.19
CA SER E 254 -44.55 15.53 5.89
C SER E 254 -44.74 14.01 5.87
N ASP E 255 -45.48 13.54 4.86
CA ASP E 255 -45.67 12.12 4.65
C ASP E 255 -44.42 11.42 4.12
N LEU E 256 -43.39 12.19 3.75
CA LEU E 256 -42.11 11.57 3.37
C LEU E 256 -41.46 10.87 4.55
N SER E 257 -41.88 11.17 5.78
CA SER E 257 -41.39 10.49 6.97
C SER E 257 -42.47 9.63 7.62
N ARG E 258 -43.39 9.09 6.81
CA ARG E 258 -44.53 8.35 7.35
C ARG E 258 -44.12 7.07 8.06
N TYR E 259 -42.90 6.57 7.81
CA TYR E 259 -42.39 5.40 8.51
C TYR E 259 -41.35 5.76 9.57
N VAL E 260 -41.25 7.02 9.95
CA VAL E 260 -40.29 7.49 10.94
C VAL E 260 -41.04 7.80 12.22
N THR E 261 -40.77 7.04 13.28
CA THR E 261 -41.38 7.29 14.58
C THR E 261 -40.48 6.74 15.67
N GLY E 262 -40.57 7.35 16.85
CA GLY E 262 -39.74 6.94 17.98
C GLY E 262 -38.26 7.14 17.75
N ALA E 263 -37.89 8.09 16.91
CA ALA E 263 -36.49 8.33 16.56
C ALA E 263 -36.03 9.68 17.10
N THR E 264 -34.72 9.80 17.30
CA THR E 264 -34.07 11.05 17.66
C THR E 264 -33.22 11.48 16.48
N ILE E 265 -33.66 12.52 15.78
CA ILE E 265 -32.99 13.01 14.57
C ILE E 265 -32.10 14.18 14.96
N HIS E 266 -30.81 14.05 14.68
CA HIS E 266 -29.84 15.09 15.03
C HIS E 266 -29.79 16.14 13.92
N VAL E 267 -30.01 17.39 14.32
CA VAL E 267 -29.77 18.54 13.44
C VAL E 267 -28.77 19.41 14.17
N ASP E 268 -27.49 19.05 14.09
CA ASP E 268 -26.49 19.64 14.97
C ASP E 268 -25.16 19.92 14.29
N GLY E 269 -25.06 19.77 12.96
CA GLY E 269 -23.80 19.99 12.29
C GLY E 269 -22.68 19.09 12.76
N GLY E 270 -22.98 18.02 13.47
CA GLY E 270 -21.96 17.08 13.91
C GLY E 270 -21.16 17.51 15.12
N ILE E 271 -21.78 18.21 16.08
CA ILE E 271 -21.08 18.54 17.33
C ILE E 271 -20.75 17.27 18.09
N SER E 272 -19.78 17.39 19.00
CA SER E 272 -19.42 16.31 19.90
C SER E 272 -18.68 16.83 21.12
N LEU F 25 43.65 -19.19 -40.71
CA LEU F 25 43.57 -19.74 -39.36
C LEU F 25 44.96 -20.10 -38.85
N GLY F 26 45.62 -21.02 -39.55
CA GLY F 26 47.02 -21.35 -39.31
C GLY F 26 47.36 -21.82 -37.91
N LEU F 27 46.69 -22.87 -37.44
CA LEU F 27 46.90 -23.38 -36.09
C LEU F 27 48.00 -24.43 -36.01
N ARG F 28 48.39 -25.02 -37.14
CA ARG F 28 49.34 -26.13 -37.13
C ARG F 28 50.69 -25.68 -36.58
N GLY F 29 51.19 -26.42 -35.60
CA GLY F 29 52.47 -26.14 -34.99
C GLY F 29 52.42 -25.35 -33.69
N LYS F 30 51.27 -24.75 -33.37
CA LYS F 30 51.14 -24.01 -32.13
C LYS F 30 51.13 -24.95 -30.93
N LYS F 31 51.37 -24.39 -29.76
CA LYS F 31 51.33 -25.12 -28.50
C LYS F 31 50.27 -24.51 -27.60
N ALA F 32 49.38 -25.35 -27.07
CA ALA F 32 48.22 -24.90 -26.33
C ALA F 32 48.06 -25.68 -25.03
N LEU F 33 47.67 -24.98 -23.97
CA LEU F 33 47.31 -25.58 -22.70
C LEU F 33 45.81 -25.45 -22.49
N VAL F 34 45.16 -26.57 -22.20
CA VAL F 34 43.72 -26.62 -21.99
C VAL F 34 43.47 -27.33 -20.65
N THR F 35 43.05 -26.57 -19.65
CA THR F 35 42.76 -27.16 -18.35
C THR F 35 41.42 -27.90 -18.39
N GLY F 36 41.34 -28.96 -17.59
CA GLY F 36 40.13 -29.78 -17.49
C GLY F 36 39.65 -30.33 -18.82
N GLY F 37 40.52 -31.04 -19.53
CA GLY F 37 40.19 -31.50 -20.87
C GLY F 37 39.88 -32.98 -20.99
N SER F 38 39.49 -33.63 -19.90
CA SER F 38 39.15 -35.04 -19.95
C SER F 38 37.67 -35.29 -20.21
N ARG F 39 36.83 -34.26 -20.12
CA ARG F 39 35.39 -34.43 -20.25
C ARG F 39 34.77 -33.20 -20.89
N GLY F 40 33.66 -33.41 -21.59
CA GLY F 40 32.79 -32.32 -21.99
C GLY F 40 33.47 -31.32 -22.92
N VAL F 41 33.30 -30.03 -22.59
CA VAL F 41 33.82 -28.96 -23.43
C VAL F 41 35.34 -29.05 -23.54
N GLY F 42 36.02 -29.31 -22.43
CA GLY F 42 37.47 -29.40 -22.45
C GLY F 42 37.96 -30.51 -23.36
N ARG F 43 37.32 -31.69 -23.29
CA ARG F 43 37.73 -32.81 -24.13
C ARG F 43 37.48 -32.51 -25.61
N GLY F 44 36.37 -31.86 -25.92
CA GLY F 44 36.10 -31.49 -27.30
C GLY F 44 37.12 -30.51 -27.84
N VAL F 45 37.46 -29.50 -27.04
CA VAL F 45 38.45 -28.51 -27.47
C VAL F 45 39.81 -29.15 -27.64
N VAL F 46 40.22 -29.99 -26.69
CA VAL F 46 41.52 -30.65 -26.76
C VAL F 46 41.63 -31.48 -28.05
N LEU F 47 40.65 -32.37 -28.27
CA LEU F 47 40.72 -33.26 -29.43
C LEU F 47 40.63 -32.48 -30.73
N ALA F 48 39.83 -31.42 -30.77
CA ALA F 48 39.69 -30.64 -31.99
C ALA F 48 40.98 -29.90 -32.33
N LEU F 49 41.64 -29.32 -31.33
CA LEU F 49 42.91 -28.64 -31.57
C LEU F 49 43.98 -29.64 -32.01
N ALA F 50 43.99 -30.83 -31.41
CA ALA F 50 45.00 -31.83 -31.74
C ALA F 50 44.86 -32.29 -33.18
N ARG F 51 43.63 -32.58 -33.62
CA ARG F 51 43.41 -33.00 -35.00
C ARG F 51 43.77 -31.90 -35.99
N ALA F 52 43.78 -30.64 -35.55
CA ALA F 52 44.18 -29.54 -36.41
C ALA F 52 45.69 -29.34 -36.46
N GLY F 53 46.45 -30.12 -35.70
CA GLY F 53 47.89 -29.96 -35.69
C GLY F 53 48.45 -29.11 -34.58
N VAL F 54 47.69 -28.88 -33.51
CA VAL F 54 48.17 -28.13 -32.36
C VAL F 54 48.73 -29.12 -31.34
N ASP F 55 49.90 -28.82 -30.80
CA ASP F 55 50.43 -29.57 -29.66
C ASP F 55 49.67 -29.16 -28.41
N VAL F 56 48.87 -30.07 -27.86
CA VAL F 56 47.91 -29.76 -26.80
C VAL F 56 48.38 -30.38 -25.49
N PHE F 57 48.59 -29.53 -24.49
CA PHE F 57 48.84 -29.95 -23.13
C PHE F 57 47.55 -29.78 -22.33
N THR F 58 47.09 -30.85 -21.69
CA THR F 58 45.85 -30.78 -20.94
C THR F 58 46.03 -31.42 -19.56
N CYS F 59 45.06 -31.21 -18.69
CA CYS F 59 45.14 -31.73 -17.34
C CYS F 59 43.74 -32.09 -16.83
N TYR F 60 43.73 -32.76 -15.69
CA TYR F 60 42.50 -33.26 -15.08
C TYR F 60 42.78 -33.45 -13.59
N ARG F 61 41.71 -33.57 -12.81
CA ARG F 61 41.87 -33.63 -11.36
C ARG F 61 42.13 -35.04 -10.84
N GLU F 62 41.52 -36.05 -11.44
CA GLU F 62 41.55 -37.41 -10.92
C GLU F 62 41.66 -38.41 -12.05
N GLU F 63 42.43 -39.48 -11.81
CA GLU F 63 42.56 -40.57 -12.77
C GLU F 63 41.23 -41.32 -12.86
N SER F 64 40.57 -41.24 -14.02
CA SER F 64 39.31 -41.94 -14.21
C SER F 64 39.31 -42.58 -15.60
N ASP F 65 38.16 -43.14 -15.98
CA ASP F 65 38.00 -43.70 -17.32
C ASP F 65 38.20 -42.62 -18.38
N ALA F 66 37.71 -41.41 -18.11
CA ALA F 66 37.75 -40.34 -19.11
C ALA F 66 39.18 -39.93 -19.43
N SER F 67 40.03 -39.75 -18.42
CA SER F 67 41.41 -39.35 -18.69
C SER F 67 42.22 -40.48 -19.31
N ALA F 68 41.89 -41.73 -18.97
CA ALA F 68 42.62 -42.86 -19.56
C ALA F 68 42.30 -42.98 -21.05
N SER F 69 41.01 -42.90 -21.41
CA SER F 69 40.66 -42.88 -22.82
C SER F 69 41.19 -41.63 -23.51
N LEU F 70 41.30 -40.52 -22.78
CA LEU F 70 41.85 -39.30 -23.36
C LEU F 70 43.31 -39.48 -23.73
N ALA F 71 44.12 -40.04 -22.82
CA ALA F 71 45.51 -40.32 -23.14
C ALA F 71 45.61 -41.30 -24.30
N ARG F 72 44.75 -42.32 -24.30
CA ARG F 72 44.77 -43.31 -25.37
C ARG F 72 44.54 -42.66 -26.73
N GLU F 73 43.57 -41.76 -26.82
CA GLU F 73 43.28 -41.10 -28.09
C GLU F 73 44.35 -40.07 -28.44
N LEU F 74 44.85 -39.31 -27.44
CA LEU F 74 45.90 -38.34 -27.71
C LEU F 74 47.14 -39.00 -28.30
N LYS F 75 47.46 -40.22 -27.86
CA LYS F 75 48.59 -40.94 -28.43
C LYS F 75 48.28 -41.42 -29.85
N GLN F 76 47.03 -41.79 -30.13
CA GLN F 76 46.66 -42.27 -31.46
C GLN F 76 46.76 -41.18 -32.53
N LEU F 77 46.84 -39.92 -32.13
CA LEU F 77 46.98 -38.81 -33.06
C LEU F 77 48.44 -38.37 -33.13
N GLY F 78 48.83 -37.91 -34.32
CA GLY F 78 50.20 -37.45 -34.51
C GLY F 78 50.45 -36.07 -33.97
N GLY F 79 51.16 -35.98 -32.86
CA GLY F 79 51.46 -34.69 -32.27
C GLY F 79 52.09 -34.84 -30.91
N ASP F 80 52.58 -33.72 -30.40
CA ASP F 80 53.28 -33.67 -29.12
C ASP F 80 52.29 -33.24 -28.04
N HIS F 81 51.46 -34.19 -27.62
CA HIS F 81 50.39 -33.95 -26.67
C HIS F 81 50.71 -34.59 -25.32
N HIS F 82 50.16 -34.01 -24.26
CA HIS F 82 50.38 -34.49 -22.90
C HIS F 82 49.11 -34.32 -22.08
N ALA F 83 48.89 -35.27 -21.16
CA ALA F 83 47.74 -35.25 -20.26
C ALA F 83 48.23 -35.64 -18.88
N LEU F 84 48.16 -34.71 -17.92
CA LEU F 84 48.72 -34.88 -16.60
C LEU F 84 47.67 -34.59 -15.53
N ARG F 85 47.71 -35.36 -14.44
CA ARG F 85 46.82 -35.09 -13.33
C ARG F 85 47.28 -33.84 -12.58
N ALA F 86 46.34 -32.96 -12.25
CA ALA F 86 46.66 -31.72 -11.56
C ALA F 86 45.37 -31.16 -10.96
N ASP F 87 45.33 -31.04 -9.63
CA ASP F 87 44.18 -30.48 -8.94
C ASP F 87 44.38 -28.96 -8.85
N LEU F 88 43.58 -28.21 -9.60
CA LEU F 88 43.73 -26.76 -9.66
C LEU F 88 43.31 -26.06 -8.38
N ALA F 89 42.67 -26.77 -7.44
CA ALA F 89 42.38 -26.19 -6.13
C ALA F 89 43.61 -26.11 -5.25
N ASP F 90 44.73 -26.66 -5.69
CA ASP F 90 45.97 -26.68 -4.92
C ASP F 90 47.04 -25.91 -5.70
N PRO F 91 47.43 -24.72 -5.24
CA PRO F 91 48.42 -23.94 -6.00
C PRO F 91 49.75 -24.65 -6.16
N LYS F 92 50.13 -25.51 -5.22
CA LYS F 92 51.32 -26.32 -5.42
C LYS F 92 51.20 -27.09 -6.73
N GLN F 93 50.07 -27.77 -6.92
CA GLN F 93 49.91 -28.63 -8.10
C GLN F 93 49.86 -27.86 -9.41
N ILE F 94 49.38 -26.62 -9.38
CA ILE F 94 49.49 -25.76 -10.56
C ILE F 94 50.95 -25.49 -10.87
N ALA F 95 51.75 -25.19 -9.85
CA ALA F 95 53.16 -24.94 -10.07
C ALA F 95 53.86 -26.17 -10.65
N GLU F 96 53.55 -27.36 -10.13
CA GLU F 96 54.15 -28.57 -10.70
C GLU F 96 53.68 -28.78 -12.15
N LEU F 97 52.39 -28.53 -12.43
CA LEU F 97 51.89 -28.70 -13.79
C LEU F 97 52.65 -27.81 -14.78
N PHE F 98 52.93 -26.57 -14.38
CA PHE F 98 53.65 -25.67 -15.27
C PHE F 98 55.15 -25.92 -15.30
N GLN F 99 55.68 -26.61 -14.29
CA GLN F 99 57.07 -27.04 -14.36
C GLN F 99 57.29 -27.97 -15.55
N GLU F 100 56.38 -28.93 -15.74
CA GLU F 100 56.54 -29.87 -16.85
C GLU F 100 55.92 -29.37 -18.14
N VAL F 101 55.07 -28.34 -18.11
CA VAL F 101 54.73 -27.65 -19.35
C VAL F 101 55.95 -26.95 -19.91
N GLY F 102 56.67 -26.22 -19.06
CA GLY F 102 57.91 -25.60 -19.49
C GLY F 102 59.02 -26.59 -19.78
N ARG F 103 58.93 -27.80 -19.22
CA ARG F 103 59.95 -28.81 -19.47
C ARG F 103 59.74 -29.48 -20.82
N ARG F 104 58.49 -29.84 -21.13
CA ARG F 104 58.20 -30.54 -22.38
C ARG F 104 57.90 -29.59 -23.52
N PHE F 105 57.27 -28.45 -23.26
CA PHE F 105 56.89 -27.50 -24.33
C PHE F 105 57.83 -26.31 -24.43
N GLY F 106 58.20 -25.69 -23.32
CA GLY F 106 59.08 -24.53 -23.37
C GLY F 106 58.35 -23.24 -23.68
N THR F 107 57.34 -23.30 -24.53
CA THR F 107 56.52 -22.15 -24.86
C THR F 107 55.06 -22.56 -24.97
N LEU F 108 54.20 -21.56 -24.93
CA LEU F 108 52.77 -21.73 -25.18
C LEU F 108 52.31 -20.64 -26.13
N ASP F 109 51.38 -20.98 -27.01
CA ASP F 109 50.72 -20.00 -27.85
C ASP F 109 49.30 -19.70 -27.41
N VAL F 110 48.61 -20.69 -26.86
CA VAL F 110 47.19 -20.59 -26.50
C VAL F 110 47.00 -21.18 -25.12
N VAL F 111 46.31 -20.46 -24.24
CA VAL F 111 45.88 -20.97 -22.95
C VAL F 111 44.36 -20.92 -22.92
N VAL F 112 43.73 -22.03 -22.52
CA VAL F 112 42.27 -22.14 -22.49
C VAL F 112 41.89 -22.55 -21.07
N ASN F 113 41.48 -21.56 -20.27
CA ASN F 113 40.92 -21.84 -18.94
C ASN F 113 39.54 -22.44 -19.11
N ASN F 114 39.42 -23.75 -19.00
CA ASN F 114 38.13 -24.41 -19.13
C ASN F 114 37.72 -25.21 -17.90
N ALA F 115 38.67 -25.67 -17.10
CA ALA F 115 38.32 -26.45 -15.91
C ALA F 115 37.43 -25.63 -14.98
N GLY F 116 36.38 -26.25 -14.49
CA GLY F 116 35.47 -25.60 -13.56
C GLY F 116 34.57 -26.61 -12.90
N VAL F 117 33.97 -26.20 -11.79
CA VAL F 117 33.05 -27.06 -11.05
C VAL F 117 31.75 -26.29 -10.82
N ILE F 118 30.71 -27.04 -10.47
CA ILE F 118 29.39 -26.46 -10.23
C ILE F 118 28.66 -27.36 -9.25
N SER F 119 27.71 -26.77 -8.53
CA SER F 119 26.84 -27.52 -7.64
C SER F 119 25.56 -26.73 -7.44
N HIS F 120 24.48 -27.46 -7.14
CA HIS F 120 23.16 -26.87 -6.93
C HIS F 120 22.85 -26.96 -5.44
N VAL F 121 23.13 -25.90 -4.71
CA VAL F 121 22.85 -25.83 -3.28
C VAL F 121 21.98 -24.61 -3.00
N PRO F 122 20.90 -24.75 -2.22
CA PRO F 122 20.20 -23.55 -1.74
C PRO F 122 21.18 -22.63 -1.04
N TYR F 123 21.06 -21.33 -1.32
CA TYR F 123 22.10 -20.38 -0.92
C TYR F 123 22.27 -20.33 0.59
N ALA F 124 21.16 -20.42 1.34
CA ALA F 124 21.26 -20.35 2.80
C ALA F 124 21.94 -21.58 3.38
N GLU F 125 21.89 -22.72 2.68
CA GLU F 125 22.51 -23.95 3.14
C GLU F 125 23.91 -24.14 2.57
N LEU F 126 24.37 -23.27 1.67
CA LEU F 126 25.67 -23.42 1.03
C LEU F 126 26.79 -23.37 2.05
N PRO F 127 27.52 -24.46 2.26
CA PRO F 127 28.60 -24.46 3.24
C PRO F 127 29.78 -23.62 2.77
N VAL F 128 30.49 -23.06 3.75
CA VAL F 128 31.63 -22.18 3.44
C VAL F 128 32.69 -22.93 2.65
N ALA F 129 32.87 -24.23 2.93
CA ALA F 129 33.88 -25.00 2.21
C ALA F 129 33.47 -25.25 0.76
N GLU F 130 32.17 -25.40 0.49
CA GLU F 130 31.72 -25.55 -0.88
C GLU F 130 31.76 -24.23 -1.65
N TRP F 131 31.50 -23.11 -0.96
CA TRP F 131 31.77 -21.81 -1.55
C TRP F 131 33.25 -21.67 -1.88
N GLN F 132 34.12 -22.04 -0.94
CA GLN F 132 35.55 -21.91 -1.18
C GLN F 132 36.03 -22.86 -2.27
N ARG F 133 35.43 -24.04 -2.38
CA ARG F 133 35.83 -24.97 -3.43
C ARG F 133 35.52 -24.41 -4.80
N ILE F 134 34.33 -23.83 -4.98
CA ILE F 134 33.95 -23.28 -6.28
C ILE F 134 34.82 -22.07 -6.60
N VAL F 135 35.15 -21.25 -5.60
CA VAL F 135 36.01 -20.10 -5.85
C VAL F 135 37.43 -20.54 -6.17
N ASP F 136 37.94 -21.55 -5.46
CA ASP F 136 39.32 -21.97 -5.65
C ASP F 136 39.58 -22.58 -7.02
N VAL F 137 38.60 -23.29 -7.57
CA VAL F 137 38.77 -23.95 -8.87
C VAL F 137 38.41 -23.03 -10.02
N ASN F 138 37.23 -22.42 -9.96
CA ASN F 138 36.73 -21.64 -11.09
C ASN F 138 37.43 -20.30 -11.25
N LEU F 139 37.87 -19.69 -10.15
CA LEU F 139 38.37 -18.32 -10.17
C LEU F 139 39.85 -18.25 -9.80
N THR F 140 40.21 -18.63 -8.58
CA THR F 140 41.63 -18.60 -8.19
C THR F 140 42.46 -19.54 -9.04
N GLY F 141 41.89 -20.68 -9.45
CA GLY F 141 42.64 -21.60 -10.28
C GLY F 141 42.92 -21.05 -11.67
N ALA F 142 41.89 -20.50 -12.32
CA ALA F 142 42.10 -19.88 -13.63
C ALA F 142 43.09 -18.73 -13.54
N HIS F 143 43.03 -17.96 -12.46
CA HIS F 143 43.97 -16.85 -12.29
C HIS F 143 45.41 -17.37 -12.17
N LEU F 144 45.62 -18.39 -11.34
CA LEU F 144 46.97 -18.92 -11.16
C LEU F 144 47.48 -19.57 -12.45
N VAL F 145 46.60 -20.26 -13.19
CA VAL F 145 47.00 -20.81 -14.47
C VAL F 145 47.47 -19.71 -15.41
N ILE F 146 46.73 -18.61 -15.48
CA ILE F 146 47.12 -17.48 -16.31
C ILE F 146 48.45 -16.91 -15.83
N GLN F 147 48.59 -16.72 -14.52
CA GLN F 147 49.79 -16.08 -13.98
C GLN F 147 51.04 -16.92 -14.29
N HIS F 148 50.94 -18.24 -14.13
CA HIS F 148 52.06 -19.11 -14.47
C HIS F 148 52.35 -19.12 -15.96
N ALA F 149 51.32 -18.97 -16.79
CA ALA F 149 51.51 -19.08 -18.23
C ALA F 149 52.06 -17.81 -18.87
N ILE F 150 51.91 -16.65 -18.21
CA ILE F 150 52.40 -15.39 -18.79
C ILE F 150 53.85 -15.48 -19.22
N PRO F 151 54.79 -15.96 -18.39
CA PRO F 151 56.19 -16.02 -18.84
C PRO F 151 56.41 -16.88 -20.07
N LEU F 152 55.60 -17.94 -20.26
CA LEU F 152 55.82 -18.87 -21.36
C LEU F 152 55.08 -18.47 -22.63
N LEU F 153 54.16 -17.51 -22.57
CA LEU F 153 53.49 -17.05 -23.77
C LEU F 153 54.40 -16.18 -24.64
N GLY F 154 55.31 -15.45 -24.02
CA GLY F 154 56.31 -14.71 -24.78
C GLY F 154 55.75 -13.47 -25.46
N ASP F 155 56.28 -13.19 -26.65
CA ASP F 155 55.91 -12.00 -27.40
C ASP F 155 54.49 -12.04 -27.93
N LYS F 156 53.87 -13.21 -27.95
CA LYS F 156 52.57 -13.36 -28.62
C LYS F 156 51.86 -14.56 -28.00
N GLY F 157 50.61 -14.35 -27.59
CA GLY F 157 49.85 -15.41 -26.97
C GLY F 157 48.39 -15.04 -26.87
N SER F 158 47.54 -16.06 -26.80
CA SER F 158 46.10 -15.88 -26.76
C SER F 158 45.55 -16.66 -25.56
N VAL F 159 44.93 -15.95 -24.62
CA VAL F 159 44.35 -16.54 -23.42
C VAL F 159 42.83 -16.49 -23.56
N ILE F 160 42.20 -17.65 -23.45
CA ILE F 160 40.76 -17.79 -23.59
C ILE F 160 40.21 -18.40 -22.30
N SER F 161 39.23 -17.74 -21.70
CA SER F 161 38.58 -18.24 -20.50
C SER F 161 37.13 -18.57 -20.79
N ILE F 162 36.68 -19.69 -20.25
CA ILE F 162 35.32 -20.17 -20.50
C ILE F 162 34.40 -19.52 -19.47
N GLY F 163 33.55 -18.60 -19.94
CA GLY F 163 32.47 -18.05 -19.15
C GLY F 163 31.14 -18.71 -19.49
N SER F 164 30.07 -18.07 -19.03
CA SER F 164 28.74 -18.57 -19.33
C SER F 164 27.76 -17.41 -19.42
N LYS F 165 26.77 -17.56 -20.30
CA LYS F 165 25.68 -16.61 -20.39
C LYS F 165 24.88 -16.55 -19.10
N SER F 166 24.87 -17.64 -18.32
CA SER F 166 24.03 -17.71 -17.14
C SER F 166 24.41 -16.66 -16.09
N SER F 167 25.66 -16.21 -16.09
CA SER F 167 26.06 -15.20 -15.11
C SER F 167 25.41 -13.84 -15.40
N GLU F 168 24.97 -13.61 -16.63
CA GLU F 168 24.17 -12.42 -16.91
C GLU F 168 22.70 -12.65 -16.59
N VAL F 169 22.23 -13.89 -16.70
CA VAL F 169 20.82 -14.21 -16.48
C VAL F 169 20.54 -14.48 -15.01
N GLY F 170 21.44 -15.18 -14.34
CA GLY F 170 21.22 -15.56 -12.95
C GLY F 170 20.38 -16.82 -12.85
N ILE F 171 20.88 -17.79 -12.09
CA ILE F 171 20.22 -19.08 -11.95
C ILE F 171 20.16 -19.41 -10.46
N PRO F 172 18.97 -19.67 -9.90
CA PRO F 172 18.89 -20.02 -8.48
C PRO F 172 19.71 -21.26 -8.17
N LEU F 173 20.14 -21.35 -6.91
CA LEU F 173 20.92 -22.46 -6.36
C LEU F 173 22.35 -22.52 -6.92
N ARG F 174 22.77 -21.55 -7.72
CA ARG F 174 24.11 -21.53 -8.30
C ARG F 174 24.70 -20.12 -8.27
N ALA F 175 24.42 -19.37 -7.20
CA ALA F 175 24.96 -18.02 -7.11
C ALA F 175 26.48 -18.05 -7.00
N HIS F 176 27.03 -19.06 -6.32
CA HIS F 176 28.47 -19.18 -6.21
C HIS F 176 29.10 -19.50 -7.56
N TYR F 177 28.42 -20.30 -8.39
CA TYR F 177 28.93 -20.59 -9.72
C TYR F 177 28.93 -19.33 -10.59
N THR F 178 27.78 -18.64 -10.68
CA THR F 178 27.72 -17.45 -11.52
C THR F 178 28.63 -16.34 -11.01
N ALA F 179 28.86 -16.28 -9.71
CA ALA F 179 29.82 -15.32 -9.18
C ALA F 179 31.20 -15.54 -9.78
N THR F 180 31.65 -16.79 -9.81
CA THR F 180 32.99 -17.09 -10.32
C THR F 180 33.06 -16.90 -11.83
N LYS F 181 32.04 -17.36 -12.57
CA LYS F 181 32.08 -17.22 -14.02
C LYS F 181 32.03 -15.76 -14.45
N HIS F 182 31.33 -14.91 -13.69
CA HIS F 182 31.32 -13.49 -14.03
C HIS F 182 32.62 -12.81 -13.64
N ALA F 183 33.31 -13.31 -12.61
CA ALA F 183 34.59 -12.73 -12.22
C ALA F 183 35.62 -12.89 -13.32
N LEU F 184 35.54 -13.97 -14.11
CA LEU F 184 36.47 -14.16 -15.21
C LEU F 184 36.41 -13.02 -16.21
N ARG F 185 35.23 -12.41 -16.36
CA ARG F 185 35.11 -11.27 -17.27
C ARG F 185 35.87 -10.06 -16.73
N GLY F 186 35.73 -9.78 -15.44
CA GLY F 186 36.47 -8.66 -14.85
C GLY F 186 37.96 -8.88 -14.85
N LEU F 187 38.39 -10.12 -14.60
CA LEU F 187 39.81 -10.46 -14.67
C LEU F 187 40.34 -10.24 -16.09
N THR F 188 39.67 -10.83 -17.08
CA THR F 188 40.12 -10.75 -18.46
C THR F 188 40.21 -9.30 -18.94
N ARG F 189 39.23 -8.48 -18.57
CA ARG F 189 39.17 -7.12 -19.08
C ARG F 189 40.39 -6.31 -18.64
N SER F 190 40.80 -6.46 -17.38
CA SER F 190 41.97 -5.72 -16.90
C SER F 190 43.27 -6.32 -17.43
N LEU F 191 43.34 -7.64 -17.53
CA LEU F 191 44.53 -8.28 -18.09
C LEU F 191 44.73 -7.88 -19.54
N ALA F 192 43.64 -7.73 -20.29
CA ALA F 192 43.76 -7.30 -21.68
C ALA F 192 44.36 -5.91 -21.77
N LYS F 193 43.97 -5.02 -20.85
CA LYS F 193 44.54 -3.68 -20.82
C LYS F 193 46.02 -3.72 -20.44
N GLU F 194 46.39 -4.56 -19.47
CA GLU F 194 47.75 -4.54 -18.95
C GLU F 194 48.75 -5.09 -19.95
N TYR F 195 48.40 -6.18 -20.64
CA TYR F 195 49.36 -6.90 -21.48
C TYR F 195 49.09 -6.73 -22.97
N GLY F 196 48.18 -5.83 -23.36
CA GLY F 196 47.88 -5.66 -24.77
C GLY F 196 49.08 -5.27 -25.59
N ARG F 197 49.83 -4.27 -25.13
CA ARG F 197 51.02 -3.82 -25.84
C ARG F 197 52.17 -4.81 -25.78
N SER F 198 52.06 -5.85 -24.95
CA SER F 198 53.05 -6.93 -24.92
C SER F 198 52.75 -8.03 -25.91
N GLY F 199 51.67 -7.93 -26.67
CA GLY F 199 51.31 -8.96 -27.63
C GLY F 199 50.43 -10.07 -27.09
N LEU F 200 49.87 -9.92 -25.90
CA LEU F 200 49.04 -10.95 -25.28
C LEU F 200 47.58 -10.51 -25.35
N ARG F 201 46.73 -11.41 -25.84
CA ARG F 201 45.30 -11.16 -25.94
C ARG F 201 44.54 -12.02 -24.93
N PHE F 202 43.56 -11.41 -24.26
CA PHE F 202 42.72 -12.08 -23.28
C PHE F 202 41.27 -11.91 -23.68
N ASN F 203 40.53 -13.02 -23.69
CA ASN F 203 39.11 -12.97 -24.03
C ASN F 203 38.37 -14.03 -23.24
N VAL F 204 37.05 -13.88 -23.19
CA VAL F 204 36.15 -14.84 -22.53
C VAL F 204 35.19 -15.38 -23.58
N LEU F 205 34.91 -16.68 -23.50
CA LEU F 205 33.85 -17.30 -24.26
C LEU F 205 32.65 -17.49 -23.35
N ALA F 206 31.53 -16.85 -23.68
CA ALA F 206 30.29 -17.01 -22.92
C ALA F 206 29.50 -18.16 -23.54
N LEU F 207 29.36 -19.25 -22.81
CA LEU F 207 28.70 -20.45 -23.31
C LEU F 207 27.24 -20.48 -22.92
N GLY F 208 26.41 -21.06 -23.79
CA GLY F 208 25.02 -21.33 -23.49
C GLY F 208 24.88 -22.64 -22.76
N VAL F 209 24.03 -23.54 -23.25
CA VAL F 209 23.93 -24.89 -22.72
C VAL F 209 24.56 -25.84 -23.74
N VAL F 210 25.60 -26.54 -23.31
CA VAL F 210 26.31 -27.48 -24.17
C VAL F 210 25.99 -28.89 -23.70
N GLU F 211 25.64 -29.76 -24.64
CA GLU F 211 25.38 -31.16 -24.30
C GLU F 211 26.70 -31.86 -24.03
N THR F 212 26.81 -32.47 -22.85
CA THR F 212 28.03 -33.19 -22.47
C THR F 212 27.70 -34.60 -22.04
N GLU F 213 27.45 -34.80 -20.76
CA GLU F 213 27.09 -36.11 -20.22
C GLU F 213 25.60 -36.19 -19.89
N GLU F 214 24.76 -35.44 -20.59
CA GLU F 214 23.33 -35.70 -20.56
C GLU F 214 23.02 -37.08 -21.11
N LEU F 215 23.95 -37.66 -21.88
CA LEU F 215 23.81 -39.02 -22.37
C LEU F 215 23.81 -40.04 -21.23
N HIS F 216 24.36 -39.69 -20.08
CA HIS F 216 24.37 -40.58 -18.93
C HIS F 216 23.03 -40.61 -18.19
N ALA F 217 22.13 -39.67 -18.49
CA ALA F 217 20.81 -39.66 -17.88
C ALA F 217 19.78 -40.20 -18.88
N LEU F 218 18.53 -40.23 -18.44
CA LEU F 218 17.37 -40.62 -19.24
C LEU F 218 16.33 -39.51 -19.15
N PRO F 219 15.62 -39.19 -20.26
CA PRO F 219 14.74 -38.04 -20.48
C PRO F 219 14.50 -37.12 -19.28
N THR F 227 16.48 -30.85 -21.70
CA THR F 227 16.86 -30.69 -23.11
C THR F 227 15.89 -29.76 -23.84
N LYS F 228 14.60 -30.14 -23.85
CA LYS F 228 13.59 -29.25 -24.42
C LYS F 228 13.45 -27.98 -23.59
N PHE F 229 13.66 -28.07 -22.27
CA PHE F 229 13.54 -26.89 -21.42
C PHE F 229 14.52 -25.81 -21.83
N TYR F 230 15.74 -26.20 -22.23
CA TYR F 230 16.73 -25.23 -22.65
C TYR F 230 16.67 -24.92 -24.14
N SER F 231 16.28 -25.90 -24.97
CA SER F 231 16.12 -25.65 -26.40
C SER F 231 15.05 -24.60 -26.66
N THR F 232 14.01 -24.56 -25.84
CA THR F 232 13.00 -23.51 -25.96
C THR F 232 13.61 -22.13 -25.76
N LYS F 233 14.61 -22.03 -24.89
CA LYS F 233 15.23 -20.75 -24.59
C LYS F 233 16.21 -20.29 -25.66
N THR F 234 16.71 -21.19 -26.50
CA THR F 234 17.68 -20.81 -27.51
C THR F 234 16.98 -20.26 -28.75
N ALA F 235 17.74 -19.49 -29.52
CA ALA F 235 17.24 -18.98 -30.79
C ALA F 235 17.32 -20.03 -31.90
N LEU F 236 18.31 -20.93 -31.82
CA LEU F 236 18.51 -21.94 -32.84
C LEU F 236 17.70 -23.21 -32.60
N GLY F 237 17.18 -23.41 -31.39
CA GLY F 237 16.37 -24.58 -31.12
C GLY F 237 17.16 -25.85 -30.88
N ARG F 238 18.40 -25.73 -30.41
CA ARG F 238 19.20 -26.92 -30.12
C ARG F 238 20.26 -26.57 -29.09
N LEU F 239 20.68 -27.58 -28.33
CA LEU F 239 21.77 -27.38 -27.38
C LEU F 239 23.10 -27.30 -28.12
N GLY F 240 24.10 -26.76 -27.43
CA GLY F 240 25.41 -26.64 -28.02
C GLY F 240 26.19 -27.93 -27.98
N THR F 241 27.24 -27.97 -28.80
CA THR F 241 28.11 -29.12 -28.96
C THR F 241 29.56 -28.71 -28.68
N PRO F 242 30.33 -29.55 -27.98
CA PRO F 242 31.71 -29.19 -27.65
C PRO F 242 32.55 -28.81 -28.87
N ASP F 243 32.24 -29.33 -30.06
CA ASP F 243 33.00 -28.98 -31.24
C ASP F 243 32.70 -27.56 -31.71
N GLU F 244 31.49 -27.05 -31.42
CA GLU F 244 31.17 -25.68 -31.78
C GLU F 244 31.89 -24.69 -30.89
N VAL F 245 32.07 -25.02 -29.61
CA VAL F 245 32.94 -24.23 -28.75
C VAL F 245 34.36 -24.25 -29.29
N ALA F 246 34.80 -25.42 -29.78
CA ALA F 246 36.13 -25.53 -30.38
C ALA F 246 36.27 -24.64 -31.61
N GLY F 247 35.18 -24.46 -32.37
CA GLY F 247 35.25 -23.57 -33.51
C GLY F 247 35.54 -22.13 -33.11
N ALA F 248 34.99 -21.70 -31.99
CA ALA F 248 35.27 -20.35 -31.49
C ALA F 248 36.67 -20.27 -30.89
N VAL F 249 37.06 -21.28 -30.10
CA VAL F 249 38.40 -21.32 -29.54
C VAL F 249 39.45 -21.25 -30.65
N ALA F 250 39.19 -21.94 -31.76
CA ALA F 250 40.13 -21.92 -32.87
C ALA F 250 40.26 -20.53 -33.48
N TRP F 251 39.16 -19.78 -33.52
CA TRP F 251 39.22 -18.42 -34.04
C TRP F 251 40.02 -17.51 -33.11
N LEU F 252 39.78 -17.61 -31.79
CA LEU F 252 40.55 -16.80 -30.84
C LEU F 252 42.02 -17.22 -30.81
N ALA F 253 42.31 -18.48 -31.08
CA ALA F 253 43.71 -18.92 -31.18
C ALA F 253 44.38 -18.37 -32.43
N SER F 254 43.60 -18.12 -33.48
CA SER F 254 44.13 -17.74 -34.78
C SER F 254 44.43 -16.25 -34.86
N ASP F 255 45.28 -15.88 -35.81
CA ASP F 255 45.60 -14.49 -36.06
C ASP F 255 44.49 -13.76 -36.83
N LEU F 256 43.44 -14.47 -37.24
CA LEU F 256 42.27 -13.80 -37.78
C LEU F 256 41.56 -12.95 -36.73
N SER F 257 41.86 -13.19 -35.44
CA SER F 257 41.28 -12.44 -34.33
C SER F 257 42.32 -11.58 -33.61
N ARG F 258 43.38 -11.18 -34.31
CA ARG F 258 44.50 -10.51 -33.66
C ARG F 258 44.14 -9.13 -33.13
N TYR F 259 43.04 -8.53 -33.58
CA TYR F 259 42.56 -7.27 -33.03
C TYR F 259 41.41 -7.46 -32.06
N VAL F 260 41.21 -8.69 -31.57
CA VAL F 260 40.14 -9.00 -30.63
C VAL F 260 40.80 -9.28 -29.28
N THR F 261 40.61 -8.36 -28.33
CA THR F 261 41.08 -8.56 -26.96
C THR F 261 40.13 -7.88 -26.00
N GLY F 262 40.07 -8.41 -24.78
CA GLY F 262 39.18 -7.87 -23.77
C GLY F 262 37.71 -8.05 -24.04
N ALA F 263 37.33 -9.04 -24.86
CA ALA F 263 35.96 -9.21 -25.31
C ALA F 263 35.34 -10.47 -24.73
N THR F 264 34.02 -10.45 -24.59
CA THR F 264 33.22 -11.62 -24.25
C THR F 264 32.50 -12.06 -25.50
N ILE F 265 32.86 -13.23 -26.02
CA ILE F 265 32.30 -13.78 -27.25
C ILE F 265 31.23 -14.79 -26.86
N HIS F 266 29.99 -14.54 -27.26
CA HIS F 266 28.87 -15.41 -26.92
C HIS F 266 28.78 -16.54 -27.93
N VAL F 267 28.94 -17.76 -27.45
CA VAL F 267 28.71 -18.97 -28.24
C VAL F 267 27.59 -19.73 -27.53
N ASP F 268 26.35 -19.23 -27.68
CA ASP F 268 25.25 -19.69 -26.85
C ASP F 268 23.97 -19.97 -27.63
N GLY F 269 24.00 -19.88 -28.96
CA GLY F 269 22.78 -20.07 -29.73
C GLY F 269 21.70 -19.06 -29.45
N GLY F 270 22.08 -17.87 -28.98
CA GLY F 270 21.11 -16.83 -28.67
C GLY F 270 20.16 -17.16 -27.54
N ILE F 271 20.64 -17.87 -26.51
CA ILE F 271 19.76 -18.39 -25.48
C ILE F 271 19.24 -17.25 -24.60
N SER F 272 17.93 -17.26 -24.35
CA SER F 272 17.23 -16.31 -23.49
C SER F 272 17.76 -14.87 -23.56
N GLU G 24 7.57 9.86 0.54
CA GLU G 24 8.80 9.84 -0.24
C GLU G 24 9.50 8.51 -0.12
N LEU G 25 10.78 8.56 0.25
CA LEU G 25 11.56 7.35 0.45
C LEU G 25 11.04 6.53 1.62
N GLY G 26 10.51 7.19 2.66
CA GLY G 26 9.99 6.50 3.81
C GLY G 26 11.02 5.64 4.51
N LEU G 27 12.20 6.21 4.77
CA LEU G 27 13.29 5.48 5.38
C LEU G 27 13.26 5.49 6.89
N ARG G 28 12.62 6.48 7.50
CA ARG G 28 12.69 6.68 8.95
C ARG G 28 12.18 5.45 9.69
N GLY G 29 13.02 4.92 10.59
CA GLY G 29 12.67 3.80 11.41
C GLY G 29 13.26 2.47 10.98
N LYS G 30 13.70 2.37 9.73
CA LYS G 30 14.21 1.10 9.23
C LYS G 30 15.62 0.85 9.76
N LYS G 31 16.07 -0.41 9.63
CA LYS G 31 17.35 -0.84 10.15
C LYS G 31 18.27 -1.25 9.00
N ALA G 32 19.53 -0.85 9.09
CA ALA G 32 20.49 -1.05 8.02
C ALA G 32 21.82 -1.53 8.58
N LEU G 33 22.49 -2.39 7.81
CA LEU G 33 23.87 -2.80 8.07
C LEU G 33 24.74 -2.32 6.91
N VAL G 34 25.75 -1.52 7.22
CA VAL G 34 26.67 -0.98 6.22
C VAL G 34 28.08 -1.38 6.61
N THR G 35 28.68 -2.30 5.87
CA THR G 35 30.05 -2.72 6.16
C THR G 35 31.05 -1.70 5.65
N GLY G 36 32.13 -1.53 6.41
CA GLY G 36 33.15 -0.57 6.03
C GLY G 36 32.65 0.86 6.05
N GLY G 37 32.12 1.29 7.18
CA GLY G 37 31.57 2.62 7.34
C GLY G 37 32.45 3.60 8.08
N SER G 38 33.73 3.28 8.28
CA SER G 38 34.60 4.19 9.02
C SER G 38 35.17 5.29 8.12
N ARG G 39 35.31 5.01 6.83
CA ARG G 39 35.95 5.95 5.93
C ARG G 39 35.20 5.98 4.60
N GLY G 40 35.57 6.94 3.77
CA GLY G 40 35.16 7.00 2.37
C GLY G 40 33.67 6.86 2.14
N VAL G 41 33.34 6.09 1.09
CA VAL G 41 31.95 5.96 0.65
C VAL G 41 31.07 5.41 1.76
N GLY G 42 31.56 4.43 2.51
CA GLY G 42 30.76 3.85 3.57
C GLY G 42 30.40 4.85 4.65
N ARG G 43 31.37 5.67 5.07
CA ARG G 43 31.10 6.69 6.07
C ARG G 43 30.02 7.66 5.60
N GLY G 44 30.05 8.02 4.32
CA GLY G 44 29.02 8.89 3.78
C GLY G 44 27.65 8.25 3.80
N VAL G 45 27.57 6.96 3.44
CA VAL G 45 26.28 6.28 3.43
C VAL G 45 25.75 6.10 4.85
N VAL G 46 26.63 5.70 5.78
CA VAL G 46 26.22 5.52 7.17
C VAL G 46 25.66 6.82 7.73
N LEU G 47 26.42 7.91 7.59
CA LEU G 47 26.01 9.19 8.17
C LEU G 47 24.74 9.73 7.51
N ALA G 48 24.58 9.51 6.20
CA ALA G 48 23.39 10.01 5.53
C ALA G 48 22.16 9.21 5.92
N LEU G 49 22.30 7.88 6.04
CA LEU G 49 21.19 7.05 6.47
C LEU G 49 20.79 7.37 7.91
N ALA G 50 21.79 7.63 8.77
CA ALA G 50 21.49 7.96 10.16
C ALA G 50 20.69 9.25 10.26
N ARG G 51 21.14 10.30 9.57
CA ARG G 51 20.44 11.58 9.60
C ARG G 51 19.03 11.49 9.03
N ALA G 52 18.73 10.45 8.26
CA ALA G 52 17.39 10.27 7.71
C ALA G 52 16.46 9.50 8.63
N GLY G 53 16.94 9.09 9.82
CA GLY G 53 16.12 8.32 10.73
C GLY G 53 16.22 6.82 10.55
N VAL G 54 17.30 6.33 9.97
CA VAL G 54 17.54 4.90 9.83
C VAL G 54 18.48 4.47 10.95
N ASP G 55 18.11 3.39 11.65
CA ASP G 55 19.02 2.78 12.61
C ASP G 55 20.12 2.06 11.84
N VAL G 56 21.37 2.47 12.06
CA VAL G 56 22.49 2.06 11.21
C VAL G 56 23.46 1.25 12.05
N PHE G 57 23.72 0.02 11.63
CA PHE G 57 24.75 -0.85 12.21
C PHE G 57 25.88 -0.92 11.20
N THR G 58 27.07 -0.48 11.60
CA THR G 58 28.21 -0.49 10.70
C THR G 58 29.38 -1.23 11.34
N CYS G 59 30.38 -1.55 10.52
CA CYS G 59 31.56 -2.24 11.02
C CYS G 59 32.80 -1.67 10.34
N TYR G 60 33.95 -1.98 10.93
CA TYR G 60 35.25 -1.57 10.44
C TYR G 60 36.25 -2.67 10.77
N ARG G 61 37.45 -2.55 10.21
CA ARG G 61 38.44 -3.62 10.38
C ARG G 61 39.41 -3.34 11.52
N GLU G 62 39.87 -2.10 11.67
CA GLU G 62 40.86 -1.74 12.68
C GLU G 62 40.45 -0.49 13.42
N GLU G 63 40.71 -0.47 14.73
CA GLU G 63 40.44 0.70 15.54
C GLU G 63 41.34 1.85 15.12
N SER G 64 40.75 2.94 14.65
CA SER G 64 41.51 4.07 14.14
C SER G 64 40.85 5.37 14.60
N ASP G 65 41.46 6.50 14.22
CA ASP G 65 40.83 7.79 14.48
C ASP G 65 39.52 7.94 13.72
N ALA G 66 39.43 7.33 12.54
CA ALA G 66 38.19 7.40 11.77
C ALA G 66 37.08 6.60 12.42
N SER G 67 37.41 5.44 12.99
CA SER G 67 36.38 4.63 13.63
C SER G 67 35.98 5.22 14.99
N ALA G 68 36.91 5.89 15.67
CA ALA G 68 36.54 6.56 16.92
C ALA G 68 35.74 7.83 16.64
N SER G 69 36.15 8.61 15.65
CA SER G 69 35.34 9.74 15.21
C SER G 69 33.96 9.28 14.76
N LEU G 70 33.90 8.17 14.05
CA LEU G 70 32.63 7.62 13.60
C LEU G 70 31.75 7.23 14.79
N ALA G 71 32.31 6.48 15.74
CA ALA G 71 31.54 6.04 16.89
C ALA G 71 30.97 7.23 17.67
N ARG G 72 31.68 8.35 17.70
CA ARG G 72 31.17 9.52 18.41
C ARG G 72 30.03 10.18 17.67
N GLU G 73 30.25 10.49 16.39
CA GLU G 73 29.22 11.15 15.60
C GLU G 73 27.94 10.33 15.57
N LEU G 74 28.06 9.00 15.51
CA LEU G 74 26.89 8.14 15.60
C LEU G 74 26.22 8.25 16.96
N LYS G 75 27.01 8.24 18.03
CA LYS G 75 26.45 8.28 19.38
C LYS G 75 25.76 9.60 19.68
N GLN G 76 26.03 10.64 18.91
CA GLN G 76 25.45 11.96 19.12
C GLN G 76 24.14 12.17 18.35
N LEU G 77 23.81 11.30 17.41
CA LEU G 77 22.56 11.42 16.68
C LEU G 77 21.43 10.74 17.44
N GLY G 78 20.21 11.18 17.15
CA GLY G 78 19.04 10.58 17.77
C GLY G 78 18.79 9.18 17.25
N GLY G 79 19.76 8.30 17.44
CA GLY G 79 19.67 7.01 16.79
C GLY G 79 20.22 5.83 17.53
N ASP G 80 19.66 4.67 17.22
CA ASP G 80 20.16 3.40 17.73
C ASP G 80 21.21 2.86 16.74
N HIS G 81 22.37 3.50 16.76
CA HIS G 81 23.46 3.19 15.85
C HIS G 81 24.57 2.46 16.58
N HIS G 82 25.26 1.58 15.85
CA HIS G 82 26.33 0.77 16.41
C HIS G 82 27.47 0.64 15.42
N ALA G 83 28.69 0.59 15.94
CA ALA G 83 29.90 0.42 15.12
C ALA G 83 30.82 -0.54 15.84
N LEU G 84 30.95 -1.76 15.31
CA LEU G 84 31.80 -2.78 15.89
C LEU G 84 32.97 -3.08 14.97
N ARG G 85 34.02 -3.69 15.54
CA ARG G 85 35.16 -4.15 14.77
C ARG G 85 34.86 -5.54 14.23
N ALA G 86 35.10 -5.73 12.93
CA ALA G 86 34.89 -7.04 12.32
C ALA G 86 35.75 -7.11 11.07
N ASP G 87 36.75 -7.99 11.07
CA ASP G 87 37.58 -8.24 9.89
C ASP G 87 36.85 -9.25 9.01
N LEU G 88 36.35 -8.77 7.87
CA LEU G 88 35.50 -9.60 7.01
C LEU G 88 36.26 -10.68 6.26
N ALA G 89 37.59 -10.71 6.35
CA ALA G 89 38.36 -11.84 5.84
C ALA G 89 38.39 -13.00 6.83
N ASP G 90 37.70 -12.89 7.95
CA ASP G 90 37.66 -13.93 8.98
C ASP G 90 36.21 -14.34 9.18
N PRO G 91 35.80 -15.51 8.67
CA PRO G 91 34.37 -15.87 8.68
C PRO G 91 33.74 -15.88 10.06
N LYS G 92 34.51 -16.16 11.11
CA LYS G 92 33.93 -16.21 12.44
C LYS G 92 33.80 -14.83 13.09
N GLN G 93 34.59 -13.85 12.65
CA GLN G 93 34.31 -12.48 13.05
C GLN G 93 33.04 -11.96 12.39
N ILE G 94 32.72 -12.46 11.19
CA ILE G 94 31.46 -12.12 10.55
C ILE G 94 30.30 -12.76 11.30
N ALA G 95 30.45 -14.02 11.71
CA ALA G 95 29.41 -14.69 12.49
C ALA G 95 29.21 -14.00 13.83
N GLU G 96 30.30 -13.56 14.46
CA GLU G 96 30.19 -12.80 15.70
C GLU G 96 29.47 -11.49 15.47
N LEU G 97 29.85 -10.76 14.41
CA LEU G 97 29.21 -9.50 14.07
C LEU G 97 27.69 -9.66 13.97
N PHE G 98 27.24 -10.76 13.35
CA PHE G 98 25.80 -10.94 13.18
C PHE G 98 25.12 -11.48 14.43
N GLN G 99 25.85 -12.13 15.34
CA GLN G 99 25.27 -12.41 16.64
C GLN G 99 24.94 -11.12 17.38
N GLU G 100 25.83 -10.12 17.26
CA GLU G 100 25.59 -8.84 17.92
C GLU G 100 24.54 -8.01 17.20
N VAL G 101 24.47 -8.09 15.87
CA VAL G 101 23.40 -7.42 15.14
C VAL G 101 22.05 -8.06 15.49
N GLY G 102 22.02 -9.39 15.60
CA GLY G 102 20.78 -10.07 15.96
C GLY G 102 20.32 -9.75 17.37
N ARG G 103 21.25 -9.45 18.27
CA ARG G 103 20.87 -9.10 19.64
C ARG G 103 20.46 -7.63 19.74
N ARG G 104 21.18 -6.73 19.06
CA ARG G 104 20.90 -5.31 19.18
C ARG G 104 19.80 -4.82 18.25
N PHE G 105 19.70 -5.39 17.05
CA PHE G 105 18.64 -5.01 16.11
C PHE G 105 17.53 -6.03 16.00
N GLY G 106 17.86 -7.31 16.00
CA GLY G 106 16.85 -8.36 15.85
C GLY G 106 16.45 -8.57 14.40
N THR G 107 16.41 -7.50 13.63
CA THR G 107 15.97 -7.58 12.24
C THR G 107 16.74 -6.55 11.41
N LEU G 108 16.66 -6.72 10.09
CA LEU G 108 17.29 -5.80 9.15
C LEU G 108 16.34 -5.57 7.98
N ASP G 109 16.38 -4.35 7.45
CA ASP G 109 15.62 -3.99 6.26
C ASP G 109 16.49 -3.85 5.02
N VAL G 110 17.71 -3.34 5.18
CA VAL G 110 18.61 -3.11 4.05
C VAL G 110 20.02 -3.46 4.49
N VAL G 111 20.79 -4.04 3.57
CA VAL G 111 22.19 -4.36 3.78
C VAL G 111 22.99 -3.73 2.64
N VAL G 112 24.13 -3.14 2.97
CA VAL G 112 24.98 -2.45 2.01
C VAL G 112 26.38 -3.07 2.08
N ASN G 113 26.72 -3.89 1.09
CA ASN G 113 28.05 -4.48 0.98
C ASN G 113 29.00 -3.43 0.44
N ASN G 114 29.60 -2.65 1.34
CA ASN G 114 30.51 -1.58 0.92
C ASN G 114 31.97 -1.88 1.18
N ALA G 115 32.29 -2.64 2.22
CA ALA G 115 33.68 -2.88 2.58
C ALA G 115 34.43 -3.54 1.43
N GLY G 116 35.61 -3.02 1.13
CA GLY G 116 36.44 -3.58 0.07
C GLY G 116 37.84 -3.02 0.17
N VAL G 117 38.76 -3.72 -0.48
CA VAL G 117 40.16 -3.31 -0.51
C VAL G 117 40.63 -3.32 -1.96
N ILE G 118 41.72 -2.59 -2.21
CA ILE G 118 42.32 -2.49 -3.53
C ILE G 118 43.81 -2.30 -3.35
N SER G 119 44.58 -2.81 -4.31
CA SER G 119 46.01 -2.56 -4.36
C SER G 119 46.44 -2.50 -5.82
N HIS G 120 47.57 -1.83 -6.05
CA HIS G 120 48.10 -1.63 -7.39
C HIS G 120 49.39 -2.44 -7.50
N VAL G 121 49.26 -3.65 -8.05
CA VAL G 121 50.39 -4.58 -8.16
C VAL G 121 50.52 -5.05 -9.60
N PRO G 122 51.73 -4.99 -10.19
CA PRO G 122 51.93 -5.65 -11.49
C PRO G 122 51.47 -7.10 -11.43
N TYR G 123 50.64 -7.48 -12.39
CA TYR G 123 49.96 -8.77 -12.32
C TYR G 123 50.96 -9.92 -12.16
N ALA G 124 52.06 -9.89 -12.92
CA ALA G 124 53.05 -10.96 -12.82
C ALA G 124 53.69 -11.01 -11.45
N GLU G 125 53.72 -9.90 -10.73
CA GLU G 125 54.32 -9.82 -9.41
C GLU G 125 53.33 -10.02 -8.28
N LEU G 126 52.06 -10.27 -8.57
CA LEU G 126 51.03 -10.35 -7.54
C LEU G 126 51.17 -11.63 -6.74
N PRO G 127 51.50 -11.55 -5.45
CA PRO G 127 51.60 -12.79 -4.64
C PRO G 127 50.21 -13.36 -4.37
N VAL G 128 50.18 -14.69 -4.20
CA VAL G 128 48.91 -15.38 -4.02
C VAL G 128 48.20 -14.90 -2.75
N ALA G 129 48.97 -14.47 -1.75
CA ALA G 129 48.35 -14.00 -0.51
C ALA G 129 47.59 -12.71 -0.72
N GLU G 130 48.17 -11.77 -1.47
CA GLU G 130 47.47 -10.53 -1.76
C GLU G 130 46.26 -10.77 -2.66
N TRP G 131 46.37 -11.72 -3.59
CA TRP G 131 45.21 -12.16 -4.36
C TRP G 131 44.12 -12.69 -3.43
N GLN G 132 44.52 -13.57 -2.50
CA GLN G 132 43.55 -14.16 -1.59
C GLN G 132 42.91 -13.10 -0.71
N ARG G 133 43.69 -12.11 -0.27
CA ARG G 133 43.16 -11.06 0.60
C ARG G 133 42.06 -10.28 -0.11
N ILE G 134 42.30 -9.89 -1.36
CA ILE G 134 41.28 -9.15 -2.11
C ILE G 134 40.05 -10.02 -2.33
N VAL G 135 40.25 -11.33 -2.57
CA VAL G 135 39.10 -12.21 -2.75
C VAL G 135 38.36 -12.41 -1.43
N ASP G 136 39.09 -12.61 -0.33
CA ASP G 136 38.45 -12.89 0.96
C ASP G 136 37.62 -11.70 1.44
N VAL G 137 38.11 -10.49 1.21
CA VAL G 137 37.41 -9.29 1.69
C VAL G 137 36.33 -8.85 0.71
N ASN G 138 36.69 -8.67 -0.57
CA ASN G 138 35.75 -8.11 -1.53
C ASN G 138 34.69 -9.11 -1.96
N LEU G 139 35.03 -10.39 -2.05
CA LEU G 139 34.12 -11.39 -2.60
C LEU G 139 33.53 -12.31 -1.53
N THR G 140 34.36 -13.07 -0.84
CA THR G 140 33.83 -13.99 0.17
C THR G 140 33.18 -13.23 1.31
N GLY G 141 33.73 -12.08 1.68
CA GLY G 141 33.12 -11.27 2.73
C GLY G 141 31.72 -10.83 2.38
N ALA G 142 31.54 -10.29 1.17
CA ALA G 142 30.22 -9.88 0.74
C ALA G 142 29.25 -11.05 0.72
N HIS G 143 29.72 -12.22 0.28
CA HIS G 143 28.87 -13.40 0.26
C HIS G 143 28.46 -13.81 1.68
N LEU G 144 29.42 -13.82 2.62
CA LEU G 144 29.11 -14.27 3.97
C LEU G 144 28.20 -13.28 4.69
N VAL G 145 28.43 -11.97 4.48
CA VAL G 145 27.56 -10.96 5.08
C VAL G 145 26.13 -11.15 4.59
N ILE G 146 25.97 -11.34 3.27
CA ILE G 146 24.65 -11.61 2.73
C ILE G 146 24.06 -12.88 3.32
N GLN G 147 24.87 -13.93 3.41
CA GLN G 147 24.35 -15.21 3.88
C GLN G 147 23.89 -15.13 5.33
N HIS G 148 24.59 -14.36 6.16
CA HIS G 148 24.17 -14.18 7.54
C HIS G 148 22.96 -13.25 7.65
N ALA G 149 22.84 -12.28 6.74
CA ALA G 149 21.79 -11.27 6.84
C ALA G 149 20.44 -11.75 6.34
N ILE G 150 20.40 -12.81 5.52
CA ILE G 150 19.12 -13.29 4.99
C ILE G 150 18.15 -13.69 6.10
N PRO G 151 18.54 -14.44 7.13
CA PRO G 151 17.59 -14.71 8.22
C PRO G 151 17.05 -13.44 8.88
N LEU G 152 17.88 -12.40 9.01
CA LEU G 152 17.48 -11.17 9.67
C LEU G 152 16.60 -10.27 8.80
N LEU G 153 16.67 -10.43 7.47
CA LEU G 153 15.86 -9.59 6.58
C LEU G 153 14.40 -10.02 6.55
N GLY G 154 14.11 -11.29 6.88
CA GLY G 154 12.72 -11.71 6.98
C GLY G 154 12.04 -11.82 5.63
N ASP G 155 10.81 -11.32 5.56
CA ASP G 155 9.98 -11.40 4.37
C ASP G 155 10.18 -10.25 3.40
N LYS G 156 10.98 -9.25 3.77
CA LYS G 156 11.12 -8.04 2.96
C LYS G 156 12.48 -7.43 3.25
N GLY G 157 13.26 -7.19 2.21
CA GLY G 157 14.60 -6.67 2.38
C GLY G 157 15.19 -6.22 1.07
N SER G 158 16.22 -5.39 1.18
CA SER G 158 16.90 -4.81 0.02
C SER G 158 18.40 -4.88 0.27
N VAL G 159 19.11 -5.67 -0.54
CA VAL G 159 20.54 -5.86 -0.40
C VAL G 159 21.23 -5.11 -1.55
N ILE G 160 22.09 -4.16 -1.18
CA ILE G 160 22.84 -3.35 -2.14
C ILE G 160 24.31 -3.69 -2.00
N SER G 161 24.96 -4.01 -3.11
CA SER G 161 26.38 -4.31 -3.14
C SER G 161 27.09 -3.25 -3.98
N ILE G 162 28.23 -2.79 -3.48
CA ILE G 162 28.98 -1.70 -4.13
C ILE G 162 29.89 -2.31 -5.18
N GLY G 163 29.56 -2.09 -6.46
CA GLY G 163 30.39 -2.49 -7.56
C GLY G 163 31.16 -1.32 -8.14
N SER G 164 31.75 -1.56 -9.31
CA SER G 164 32.61 -0.55 -9.94
C SER G 164 32.41 -0.57 -11.45
N LYS G 165 32.38 0.63 -12.04
CA LYS G 165 32.42 0.73 -13.50
C LYS G 165 33.76 0.24 -14.06
N SER G 166 34.82 0.27 -13.25
CA SER G 166 36.13 -0.16 -13.71
C SER G 166 36.15 -1.64 -14.08
N SER G 167 35.25 -2.44 -13.51
CA SER G 167 35.22 -3.86 -13.85
C SER G 167 34.72 -4.09 -15.27
N GLU G 168 34.07 -3.10 -15.89
CA GLU G 168 33.71 -3.18 -17.30
C GLU G 168 34.79 -2.59 -18.20
N VAL G 169 35.56 -1.63 -17.70
CA VAL G 169 36.57 -0.97 -18.52
C VAL G 169 37.88 -1.74 -18.48
N GLY G 170 38.25 -2.27 -17.32
CA GLY G 170 39.53 -2.93 -17.17
C GLY G 170 40.61 -1.94 -16.78
N ILE G 171 41.37 -2.26 -15.72
CA ILE G 171 42.42 -1.35 -15.25
C ILE G 171 43.69 -2.15 -14.96
N PRO G 172 44.78 -1.87 -15.66
CA PRO G 172 46.05 -2.57 -15.37
C PRO G 172 46.48 -2.34 -13.93
N LEU G 173 47.19 -3.33 -13.40
CA LEU G 173 47.67 -3.42 -12.02
C LEU G 173 46.57 -3.72 -11.02
N ARG G 174 45.34 -3.98 -11.48
CA ARG G 174 44.22 -4.18 -10.56
C ARG G 174 43.25 -5.24 -11.07
N ALA G 175 43.76 -6.24 -11.80
CA ALA G 175 42.88 -7.28 -12.32
C ALA G 175 42.23 -8.08 -11.20
N HIS G 176 42.92 -8.24 -10.07
CA HIS G 176 42.32 -8.93 -8.94
C HIS G 176 41.16 -8.12 -8.35
N TYR G 177 41.29 -6.80 -8.31
CA TYR G 177 40.20 -5.96 -7.83
C TYR G 177 38.99 -6.05 -8.76
N THR G 178 39.19 -5.81 -10.06
CA THR G 178 38.06 -5.84 -10.99
C THR G 178 37.47 -7.23 -11.11
N ALA G 179 38.25 -8.27 -10.83
CA ALA G 179 37.69 -9.62 -10.78
C ALA G 179 36.64 -9.72 -9.67
N THR G 180 36.97 -9.26 -8.46
CA THR G 180 36.02 -9.39 -7.36
C THR G 180 34.81 -8.48 -7.54
N LYS G 181 35.02 -7.24 -8.00
CA LYS G 181 33.89 -6.33 -8.14
C LYS G 181 32.94 -6.79 -9.24
N HIS G 182 33.44 -7.45 -10.27
CA HIS G 182 32.56 -8.01 -11.29
C HIS G 182 31.90 -9.30 -10.81
N ALA G 183 32.54 -10.03 -9.91
CA ALA G 183 31.91 -11.20 -9.31
C ALA G 183 30.65 -10.83 -8.55
N LEU G 184 30.64 -9.65 -7.93
CA LEU G 184 29.47 -9.21 -7.17
C LEU G 184 28.22 -9.10 -8.04
N ARG G 185 28.40 -8.87 -9.34
CA ARG G 185 27.24 -8.81 -10.23
C ARG G 185 26.69 -10.19 -10.54
N GLY G 186 27.57 -11.16 -10.78
CA GLY G 186 27.10 -12.51 -11.01
C GLY G 186 26.41 -13.09 -9.79
N LEU G 187 26.96 -12.82 -8.61
CA LEU G 187 26.30 -13.23 -7.37
C LEU G 187 24.92 -12.58 -7.26
N THR G 188 24.85 -11.26 -7.46
CA THR G 188 23.60 -10.53 -7.25
C THR G 188 22.51 -10.99 -8.20
N ARG G 189 22.87 -11.29 -9.45
CA ARG G 189 21.86 -11.69 -10.43
C ARG G 189 21.20 -13.01 -10.05
N SER G 190 21.98 -13.96 -9.52
CA SER G 190 21.40 -15.24 -9.14
C SER G 190 20.65 -15.16 -7.81
N LEU G 191 21.13 -14.35 -6.86
CA LEU G 191 20.39 -14.17 -5.62
C LEU G 191 19.07 -13.47 -5.86
N ALA G 192 19.06 -12.51 -6.79
CA ALA G 192 17.81 -11.84 -7.15
C ALA G 192 16.76 -12.85 -7.60
N LYS G 193 17.16 -13.79 -8.45
CA LYS G 193 16.20 -14.75 -8.97
C LYS G 193 15.86 -15.83 -7.95
N GLU G 194 16.75 -16.11 -7.01
CA GLU G 194 16.49 -17.14 -6.01
C GLU G 194 15.54 -16.64 -4.92
N TYR G 195 15.68 -15.38 -4.50
CA TYR G 195 14.94 -14.85 -3.36
C TYR G 195 13.90 -13.81 -3.76
N GLY G 196 13.65 -13.61 -5.06
CA GLY G 196 12.71 -12.59 -5.47
C GLY G 196 11.31 -12.82 -4.95
N ARG G 197 10.84 -14.06 -5.00
CA ARG G 197 9.49 -14.37 -4.55
C ARG G 197 9.36 -14.42 -3.04
N SER G 198 10.47 -14.37 -2.32
CA SER G 198 10.47 -14.31 -0.86
C SER G 198 10.47 -12.88 -0.34
N GLY G 199 10.46 -11.88 -1.22
CA GLY G 199 10.44 -10.50 -0.82
C GLY G 199 11.79 -9.82 -0.69
N LEU G 200 12.87 -10.48 -1.12
CA LEU G 200 14.21 -9.94 -1.01
C LEU G 200 14.67 -9.44 -2.38
N ARG G 201 15.24 -8.24 -2.41
CA ARG G 201 15.76 -7.64 -3.62
C ARG G 201 17.27 -7.48 -3.50
N PHE G 202 17.97 -7.72 -4.62
CA PHE G 202 19.43 -7.67 -4.67
C PHE G 202 19.85 -6.82 -5.86
N ASN G 203 20.68 -5.81 -5.60
CA ASN G 203 21.14 -4.92 -6.65
C ASN G 203 22.60 -4.55 -6.41
N VAL G 204 23.25 -4.08 -7.48
CA VAL G 204 24.61 -3.59 -7.44
C VAL G 204 24.60 -2.11 -7.80
N LEU G 205 25.39 -1.32 -7.08
CA LEU G 205 25.69 0.05 -7.45
C LEU G 205 27.07 0.10 -8.08
N ALA G 206 27.12 0.33 -9.40
CA ALA G 206 28.38 0.50 -10.09
C ALA G 206 28.83 1.94 -9.91
N LEU G 207 29.90 2.13 -9.15
CA LEU G 207 30.43 3.47 -8.85
C LEU G 207 31.49 3.87 -9.85
N GLY G 208 31.58 5.18 -10.09
CA GLY G 208 32.69 5.73 -10.84
C GLY G 208 33.82 6.08 -9.91
N VAL G 209 34.49 7.19 -10.16
CA VAL G 209 35.57 7.66 -9.29
C VAL G 209 34.99 8.59 -8.25
N VAL G 210 35.13 8.23 -6.98
CA VAL G 210 34.58 9.01 -5.87
C VAL G 210 35.67 9.84 -5.19
N ALA G 224 45.25 17.52 -7.99
CA ALA G 224 44.43 18.17 -9.02
C ALA G 224 44.83 17.69 -10.41
N GLU G 225 46.12 17.37 -10.59
CA GLU G 225 46.57 16.61 -11.75
C GLU G 225 46.27 15.13 -11.58
N MET G 226 45.10 14.85 -11.01
CA MET G 226 44.61 13.51 -10.71
C MET G 226 43.08 13.61 -10.75
N THR G 227 42.57 14.65 -10.10
CA THR G 227 41.14 14.97 -10.19
C THR G 227 40.73 15.20 -11.64
N LYS G 228 41.57 15.86 -12.43
CA LYS G 228 41.20 16.20 -13.79
C LYS G 228 41.48 15.07 -14.78
N PHE G 229 42.42 14.17 -14.48
CA PHE G 229 42.56 12.98 -15.32
C PHE G 229 41.29 12.16 -15.30
N TYR G 230 40.62 12.07 -14.15
CA TYR G 230 39.36 11.35 -14.05
C TYR G 230 38.17 12.21 -14.41
N SER G 231 38.22 13.51 -14.12
CA SER G 231 37.12 14.41 -14.52
C SER G 231 36.95 14.41 -16.04
N THR G 232 38.06 14.42 -16.77
CA THR G 232 37.98 14.43 -18.24
C THR G 232 37.24 13.22 -18.77
N LYS G 233 37.31 12.09 -18.05
CA LYS G 233 36.62 10.88 -18.48
C LYS G 233 35.14 10.89 -18.15
N THR G 234 34.70 11.74 -17.23
CA THR G 234 33.30 11.77 -16.84
C THR G 234 32.49 12.63 -17.81
N ALA G 235 31.18 12.37 -17.84
CA ALA G 235 30.28 13.18 -18.65
C ALA G 235 29.98 14.51 -17.97
N LEU G 236 29.98 14.55 -16.63
CA LEU G 236 29.66 15.75 -15.88
C LEU G 236 30.88 16.59 -15.52
N GLY G 237 32.08 16.08 -15.75
CA GLY G 237 33.28 16.86 -15.50
C GLY G 237 33.67 17.02 -14.04
N ARG G 238 33.21 16.13 -13.17
CA ARG G 238 33.55 16.23 -11.75
C ARG G 238 33.54 14.83 -11.15
N LEU G 239 34.27 14.69 -10.04
CA LEU G 239 34.27 13.44 -9.30
C LEU G 239 33.01 13.34 -8.44
N GLY G 240 32.69 12.12 -8.03
CA GLY G 240 31.53 11.89 -7.19
C GLY G 240 31.83 12.09 -5.71
N THR G 241 30.76 12.25 -4.94
CA THR G 241 30.86 12.39 -3.50
C THR G 241 30.12 11.24 -2.82
N PRO G 242 30.56 10.84 -1.62
CA PRO G 242 29.83 9.79 -0.90
C PRO G 242 28.35 10.05 -0.76
N ASP G 243 27.93 11.31 -0.62
CA ASP G 243 26.51 11.59 -0.42
C ASP G 243 25.68 11.34 -1.67
N GLU G 244 26.29 11.45 -2.85
CA GLU G 244 25.58 11.08 -4.06
C GLU G 244 25.39 9.56 -4.15
N VAL G 245 26.36 8.80 -3.63
CA VAL G 245 26.15 7.37 -3.46
C VAL G 245 25.00 7.11 -2.50
N ALA G 246 24.94 7.89 -1.42
CA ALA G 246 23.85 7.75 -0.46
C ALA G 246 22.49 8.02 -1.11
N GLY G 247 22.46 8.85 -2.15
CA GLY G 247 21.21 9.11 -2.84
C GLY G 247 20.69 7.89 -3.57
N ALA G 248 21.58 7.14 -4.23
CA ALA G 248 21.16 5.90 -4.87
C ALA G 248 20.85 4.83 -3.84
N VAL G 249 21.73 4.67 -2.84
CA VAL G 249 21.48 3.71 -1.77
C VAL G 249 20.11 3.95 -1.15
N ALA G 250 19.77 5.22 -0.90
CA ALA G 250 18.47 5.54 -0.30
C ALA G 250 17.33 5.11 -1.20
N TRP G 251 17.45 5.32 -2.51
CA TRP G 251 16.38 4.93 -3.43
C TRP G 251 16.19 3.42 -3.44
N LEU G 252 17.30 2.66 -3.49
CA LEU G 252 17.19 1.21 -3.48
C LEU G 252 16.69 0.68 -2.14
N ALA G 253 16.88 1.42 -1.05
CA ALA G 253 16.36 1.00 0.24
C ALA G 253 14.87 1.29 0.40
N SER G 254 14.29 2.11 -0.47
CA SER G 254 12.90 2.52 -0.33
C SER G 254 11.99 1.67 -1.22
N ASP G 255 10.70 1.75 -0.94
CA ASP G 255 9.69 1.04 -1.73
C ASP G 255 9.46 1.68 -3.09
N LEU G 256 10.09 2.82 -3.38
CA LEU G 256 10.02 3.39 -4.72
C LEU G 256 10.75 2.52 -5.73
N SER G 257 11.66 1.66 -5.28
CA SER G 257 12.40 0.75 -6.15
C SER G 257 11.93 -0.70 -5.95
N ARG G 258 10.68 -0.87 -5.55
CA ARG G 258 10.20 -2.20 -5.16
C ARG G 258 10.12 -3.17 -6.33
N TYR G 259 10.16 -2.67 -7.56
CA TYR G 259 10.20 -3.54 -8.74
C TYR G 259 11.58 -3.61 -9.37
N VAL G 260 12.61 -3.17 -8.64
CA VAL G 260 13.99 -3.15 -9.12
C VAL G 260 14.76 -4.24 -8.39
N THR G 261 15.23 -5.24 -9.13
CA THR G 261 16.03 -6.31 -8.57
C THR G 261 16.88 -6.91 -9.67
N GLY G 262 18.04 -7.47 -9.28
CA GLY G 262 18.96 -8.03 -10.25
C GLY G 262 19.58 -7.02 -11.18
N ALA G 263 19.59 -5.75 -10.80
CA ALA G 263 20.07 -4.67 -11.67
C ALA G 263 21.43 -4.18 -11.18
N THR G 264 22.16 -3.58 -12.10
CA THR G 264 23.39 -2.86 -11.82
C THR G 264 23.11 -1.39 -12.09
N ILE G 265 23.04 -0.60 -11.03
CA ILE G 265 22.72 0.82 -11.13
C ILE G 265 24.02 1.60 -11.20
N HIS G 266 24.20 2.37 -12.27
CA HIS G 266 25.42 3.13 -12.48
C HIS G 266 25.31 4.49 -11.82
N VAL G 267 26.17 4.74 -10.84
CA VAL G 267 26.32 6.05 -10.23
C VAL G 267 27.76 6.49 -10.46
N ASP G 268 28.06 6.86 -11.72
CA ASP G 268 29.44 7.09 -12.14
C ASP G 268 29.63 8.40 -12.91
N GLY G 269 28.61 9.25 -12.98
CA GLY G 269 28.74 10.47 -13.76
C GLY G 269 29.01 10.26 -15.22
N GLY G 270 28.62 9.10 -15.75
CA GLY G 270 28.85 8.79 -17.16
C GLY G 270 30.30 8.60 -17.53
N ILE G 271 31.11 8.07 -16.62
CA ILE G 271 32.55 8.02 -16.83
C ILE G 271 32.90 7.02 -17.94
N SER G 272 33.99 7.30 -18.63
CA SER G 272 34.47 6.51 -19.77
C SER G 272 33.43 6.46 -20.88
N LEU H 23 38.75 -28.20 -38.46
CA LEU H 23 38.76 -26.76 -38.32
C LEU H 23 39.25 -26.07 -39.58
N GLU H 24 38.31 -25.78 -40.47
CA GLU H 24 38.57 -25.10 -41.72
C GLU H 24 37.45 -24.10 -41.96
N LEU H 25 37.79 -22.92 -42.46
CA LEU H 25 36.77 -22.04 -43.02
C LEU H 25 36.43 -22.57 -44.40
N GLY H 26 35.20 -23.06 -44.57
CA GLY H 26 34.77 -23.52 -45.88
C GLY H 26 34.15 -22.39 -46.67
N LEU H 27 34.94 -21.39 -47.03
CA LEU H 27 34.41 -20.19 -47.66
C LEU H 27 34.41 -20.24 -49.18
N ARG H 28 35.24 -21.08 -49.78
CA ARG H 28 35.34 -21.12 -51.24
C ARG H 28 34.01 -21.55 -51.84
N GLY H 29 33.52 -20.76 -52.81
CA GLY H 29 32.27 -21.03 -53.47
C GLY H 29 31.06 -20.31 -52.90
N LYS H 30 31.15 -19.78 -51.69
CA LYS H 30 30.04 -19.05 -51.11
C LYS H 30 29.78 -17.75 -51.88
N LYS H 31 28.60 -17.19 -51.65
CA LYS H 31 28.17 -15.95 -52.29
C LYS H 31 27.79 -14.95 -51.21
N ALA H 32 28.39 -13.76 -51.28
CA ALA H 32 28.23 -12.75 -50.24
C ALA H 32 27.74 -11.45 -50.83
N LEU H 33 26.98 -10.71 -50.02
CA LEU H 33 26.60 -9.34 -50.32
C LEU H 33 27.18 -8.44 -49.23
N VAL H 34 28.03 -7.51 -49.62
CA VAL H 34 28.65 -6.56 -48.70
C VAL H 34 28.26 -5.16 -49.18
N THR H 35 27.44 -4.46 -48.40
CA THR H 35 27.03 -3.12 -48.79
C THR H 35 28.12 -2.11 -48.47
N GLY H 36 28.27 -1.11 -49.34
CA GLY H 36 29.24 -0.07 -49.14
C GLY H 36 30.67 -0.57 -49.23
N GLY H 37 31.02 -1.21 -50.34
CA GLY H 37 32.31 -1.84 -50.51
C GLY H 37 33.34 -1.07 -51.29
N SER H 38 33.09 0.20 -51.62
CA SER H 38 34.04 0.94 -52.44
C SER H 38 35.22 1.47 -51.63
N ARG H 39 35.02 1.76 -50.34
CA ARG H 39 36.06 2.38 -49.53
C ARG H 39 36.10 1.75 -48.15
N GLY H 40 37.20 2.02 -47.45
CA GLY H 40 37.29 1.75 -46.03
C GLY H 40 37.13 0.29 -45.66
N VAL H 41 36.37 0.06 -44.58
CA VAL H 41 36.22 -1.28 -44.01
C VAL H 41 35.58 -2.22 -45.02
N GLY H 42 34.52 -1.77 -45.70
CA GLY H 42 33.82 -2.62 -46.64
C GLY H 42 34.68 -3.03 -47.82
N ARG H 43 35.56 -2.14 -48.28
CA ARG H 43 36.47 -2.51 -49.35
C ARG H 43 37.46 -3.57 -48.89
N GLY H 44 37.94 -3.47 -47.65
CA GLY H 44 38.81 -4.51 -47.11
C GLY H 44 38.10 -5.84 -46.99
N VAL H 45 36.82 -5.82 -46.60
CA VAL H 45 36.08 -7.06 -46.44
C VAL H 45 35.77 -7.68 -47.81
N VAL H 46 35.39 -6.85 -48.78
CA VAL H 46 35.11 -7.36 -50.13
C VAL H 46 36.34 -8.05 -50.70
N LEU H 47 37.48 -7.34 -50.71
CA LEU H 47 38.69 -7.88 -51.34
C LEU H 47 39.19 -9.12 -50.60
N ALA H 48 39.09 -9.12 -49.26
CA ALA H 48 39.55 -10.28 -48.51
C ALA H 48 38.67 -11.51 -48.79
N LEU H 49 37.35 -11.32 -48.83
CA LEU H 49 36.46 -12.44 -49.15
C LEU H 49 36.66 -12.91 -50.58
N ALA H 50 36.89 -11.99 -51.51
CA ALA H 50 37.07 -12.37 -52.91
C ALA H 50 38.34 -13.18 -53.10
N ARG H 51 39.45 -12.75 -52.48
CA ARG H 51 40.69 -13.51 -52.57
C ARG H 51 40.56 -14.91 -51.95
N ALA H 52 39.60 -15.11 -51.06
CA ALA H 52 39.40 -16.40 -50.41
C ALA H 52 38.50 -17.34 -51.22
N GLY H 53 38.08 -16.94 -52.41
CA GLY H 53 37.19 -17.77 -53.20
C GLY H 53 35.71 -17.57 -52.94
N VAL H 54 35.32 -16.41 -52.41
CA VAL H 54 33.91 -16.07 -52.21
C VAL H 54 33.48 -15.18 -53.37
N ASP H 55 32.33 -15.48 -53.95
CA ASP H 55 31.74 -14.60 -54.95
C ASP H 55 31.05 -13.44 -54.24
N VAL H 56 31.56 -12.23 -54.46
CA VAL H 56 31.19 -11.07 -53.64
C VAL H 56 30.37 -10.10 -54.48
N PHE H 57 29.16 -9.82 -54.02
CA PHE H 57 28.33 -8.76 -54.56
C PHE H 57 28.43 -7.56 -53.62
N THR H 58 28.70 -6.38 -54.18
CA THR H 58 28.87 -5.19 -53.35
C THR H 58 28.17 -4.01 -54.04
N CYS H 59 27.99 -2.94 -53.27
CA CYS H 59 27.33 -1.75 -53.77
C CYS H 59 28.04 -0.51 -53.25
N TYR H 60 27.67 0.64 -53.81
CA TYR H 60 28.20 1.93 -53.41
C TYR H 60 27.19 2.99 -53.81
N ARG H 61 27.36 4.19 -53.26
CA ARG H 61 26.38 5.25 -53.44
C ARG H 61 26.63 6.09 -54.68
N GLU H 62 27.88 6.39 -55.00
CA GLU H 62 28.19 7.27 -56.12
C GLU H 62 29.36 6.72 -56.92
N GLU H 63 29.34 6.99 -58.23
CA GLU H 63 30.44 6.61 -59.10
C GLU H 63 31.65 7.48 -58.77
N SER H 64 32.71 6.86 -58.26
CA SER H 64 33.94 7.54 -57.92
C SER H 64 35.10 6.77 -58.54
N ASP H 65 36.32 7.24 -58.28
CA ASP H 65 37.48 6.45 -58.64
C ASP H 65 37.70 5.29 -57.67
N ALA H 66 37.14 5.37 -56.46
CA ALA H 66 37.18 4.23 -55.56
C ALA H 66 36.36 3.07 -56.12
N SER H 67 35.14 3.36 -56.61
CA SER H 67 34.30 2.31 -57.17
C SER H 67 34.92 1.72 -58.43
N ALA H 68 35.48 2.57 -59.30
CA ALA H 68 36.11 2.07 -60.51
C ALA H 68 37.35 1.24 -60.19
N SER H 69 38.16 1.70 -59.23
CA SER H 69 39.32 0.92 -58.79
C SER H 69 38.90 -0.42 -58.20
N LEU H 70 37.79 -0.45 -57.47
CA LEU H 70 37.32 -1.70 -56.89
C LEU H 70 36.88 -2.67 -57.97
N ALA H 71 36.09 -2.20 -58.93
CA ALA H 71 35.62 -3.06 -59.99
C ALA H 71 36.79 -3.63 -60.79
N ARG H 72 37.83 -2.83 -61.02
CA ARG H 72 38.98 -3.31 -61.77
C ARG H 72 39.77 -4.34 -60.99
N GLU H 73 39.97 -4.12 -59.69
CA GLU H 73 40.69 -5.11 -58.89
C GLU H 73 39.88 -6.38 -58.70
N LEU H 74 38.55 -6.27 -58.65
CA LEU H 74 37.72 -7.47 -58.63
C LEU H 74 37.85 -8.25 -59.93
N LYS H 75 38.02 -7.55 -61.05
CA LYS H 75 38.14 -8.23 -62.34
C LYS H 75 39.45 -9.01 -62.44
N GLN H 76 40.52 -8.46 -61.87
CA GLN H 76 41.79 -9.18 -61.84
C GLN H 76 41.69 -10.48 -61.05
N LEU H 77 40.71 -10.59 -60.17
CA LEU H 77 40.42 -11.85 -59.47
C LEU H 77 39.32 -12.60 -60.21
N GLY H 78 38.98 -13.78 -59.70
CA GLY H 78 37.80 -14.51 -60.13
C GLY H 78 37.21 -15.22 -58.91
N GLY H 79 35.94 -15.64 -58.97
CA GLY H 79 35.11 -15.51 -60.15
C GLY H 79 34.22 -14.27 -60.17
N ASP H 80 32.93 -14.46 -60.41
CA ASP H 80 32.05 -13.34 -60.73
C ASP H 80 31.75 -12.54 -59.48
N HIS H 81 32.41 -11.40 -59.35
CA HIS H 81 32.05 -10.36 -58.40
C HIS H 81 31.29 -9.27 -59.13
N HIS H 82 30.47 -8.54 -58.38
CA HIS H 82 29.68 -7.48 -58.97
C HIS H 82 29.68 -6.27 -58.05
N ALA H 83 29.78 -5.08 -58.65
CA ALA H 83 29.73 -3.82 -57.92
C ALA H 83 28.73 -2.94 -58.65
N LEU H 84 27.62 -2.62 -57.99
CA LEU H 84 26.56 -1.83 -58.60
C LEU H 84 26.20 -0.66 -57.70
N ARG H 85 25.94 0.49 -58.31
CA ARG H 85 25.54 1.66 -57.55
C ARG H 85 24.15 1.48 -56.98
N ALA H 86 23.98 1.87 -55.72
CA ALA H 86 22.68 1.75 -55.06
C ALA H 86 22.67 2.67 -53.84
N ASP H 87 21.89 3.74 -53.91
CA ASP H 87 21.73 4.66 -52.78
C ASP H 87 20.71 4.06 -51.81
N LEU H 88 21.20 3.53 -50.69
CA LEU H 88 20.35 2.81 -49.75
C LEU H 88 19.45 3.72 -48.92
N ALA H 89 19.58 5.04 -49.06
CA ALA H 89 18.53 5.92 -48.53
C ALA H 89 17.28 5.88 -49.40
N ASP H 90 17.34 5.20 -50.53
CA ASP H 90 16.21 5.11 -51.47
C ASP H 90 15.74 3.66 -51.52
N PRO H 91 14.55 3.35 -51.01
CA PRO H 91 14.08 1.96 -51.04
C PRO H 91 13.97 1.38 -52.44
N LYS H 92 13.72 2.22 -53.44
CA LYS H 92 13.60 1.72 -54.81
C LYS H 92 14.93 1.20 -55.33
N GLN H 93 16.03 1.86 -54.96
CA GLN H 93 17.35 1.41 -55.41
C GLN H 93 17.82 0.16 -54.68
N ILE H 94 17.33 -0.09 -53.47
CA ILE H 94 17.61 -1.36 -52.80
C ILE H 94 16.84 -2.48 -53.49
N ALA H 95 15.62 -2.20 -53.93
CA ALA H 95 14.88 -3.18 -54.72
C ALA H 95 15.58 -3.47 -56.03
N GLU H 96 16.10 -2.42 -56.70
CA GLU H 96 16.92 -2.62 -57.89
C GLU H 96 18.11 -3.51 -57.60
N LEU H 97 18.83 -3.21 -56.51
CA LEU H 97 20.03 -3.97 -56.17
C LEU H 97 19.73 -5.46 -56.01
N PHE H 98 18.61 -5.78 -55.37
CA PHE H 98 18.28 -7.18 -55.13
C PHE H 98 17.62 -7.85 -56.32
N GLN H 99 17.09 -7.08 -57.27
CA GLN H 99 16.77 -7.66 -58.56
C GLN H 99 18.02 -8.17 -59.24
N GLU H 100 19.09 -7.38 -59.20
CA GLU H 100 20.34 -7.76 -59.85
C GLU H 100 21.05 -8.90 -59.11
N VAL H 101 20.91 -8.97 -57.78
CA VAL H 101 21.55 -10.04 -57.03
C VAL H 101 20.86 -11.37 -57.32
N GLY H 102 19.53 -11.41 -57.23
CA GLY H 102 18.81 -12.63 -57.55
C GLY H 102 18.95 -13.05 -59.00
N ARG H 103 19.28 -12.10 -59.87
CA ARG H 103 19.37 -12.37 -61.29
C ARG H 103 20.76 -12.87 -61.70
N ARG H 104 21.81 -12.36 -61.07
CA ARG H 104 23.18 -12.78 -61.34
C ARG H 104 23.66 -13.87 -60.39
N PHE H 105 23.17 -13.89 -59.15
CA PHE H 105 23.55 -14.89 -58.15
C PHE H 105 22.46 -15.92 -57.90
N GLY H 106 21.22 -15.47 -57.69
CA GLY H 106 20.11 -16.36 -57.39
C GLY H 106 20.05 -16.84 -55.96
N THR H 107 21.13 -16.72 -55.19
CA THR H 107 21.21 -17.23 -53.83
C THR H 107 22.23 -16.42 -53.07
N LEU H 108 22.04 -16.29 -51.76
CA LEU H 108 23.01 -15.67 -50.88
C LEU H 108 23.35 -16.60 -49.72
N ASP H 109 24.61 -16.55 -49.30
CA ASP H 109 25.05 -17.23 -48.09
C ASP H 109 25.42 -16.29 -46.96
N VAL H 110 25.95 -15.10 -47.29
CA VAL H 110 26.41 -14.14 -46.29
C VAL H 110 25.91 -12.76 -46.69
N VAL H 111 25.49 -11.98 -45.70
CA VAL H 111 25.16 -10.57 -45.88
C VAL H 111 25.91 -9.77 -44.83
N VAL H 112 26.60 -8.72 -45.26
CA VAL H 112 27.32 -7.82 -44.37
C VAL H 112 26.73 -6.44 -44.53
N ASN H 113 26.09 -5.93 -43.47
CA ASN H 113 25.60 -4.56 -43.44
C ASN H 113 26.76 -3.65 -43.04
N ASN H 114 27.42 -3.06 -44.02
CA ASN H 114 28.58 -2.22 -43.75
C ASN H 114 28.37 -0.76 -44.12
N ALA H 115 27.49 -0.45 -45.08
CA ALA H 115 27.31 0.93 -45.50
C ALA H 115 26.82 1.79 -44.34
N GLY H 116 27.49 2.91 -44.11
CA GLY H 116 27.10 3.82 -43.06
C GLY H 116 27.69 5.20 -43.29
N VAL H 117 27.06 6.19 -42.66
CA VAL H 117 27.50 7.58 -42.72
C VAL H 117 27.63 8.12 -41.31
N ILE H 118 28.36 9.23 -41.18
CA ILE H 118 28.59 9.88 -39.89
C ILE H 118 28.88 11.35 -40.15
N SER H 119 28.58 12.19 -39.16
CA SER H 119 28.88 13.61 -39.25
C SER H 119 28.96 14.16 -37.83
N HIS H 120 29.72 15.27 -37.69
CA HIS H 120 29.81 16.01 -36.42
C HIS H 120 28.89 17.21 -36.52
N VAL H 121 27.77 17.17 -35.80
CA VAL H 121 26.92 18.35 -35.68
C VAL H 121 26.63 18.55 -34.21
N PRO H 122 26.86 19.74 -33.66
CA PRO H 122 26.32 20.06 -32.33
C PRO H 122 24.84 19.70 -32.28
N TYR H 123 24.47 18.91 -31.28
CA TYR H 123 23.15 18.30 -31.24
C TYR H 123 22.04 19.34 -31.31
N ALA H 124 22.25 20.51 -30.69
CA ALA H 124 21.26 21.57 -30.77
C ALA H 124 21.15 22.14 -32.18
N GLU H 125 22.19 22.02 -32.99
CA GLU H 125 22.18 22.51 -34.36
C GLU H 125 21.77 21.45 -35.37
N LEU H 126 21.50 20.22 -34.94
CA LEU H 126 21.31 19.10 -35.87
C LEU H 126 20.02 19.25 -36.66
N PRO H 127 20.08 19.53 -37.96
CA PRO H 127 18.85 19.68 -38.74
C PRO H 127 18.16 18.35 -38.95
N VAL H 128 16.84 18.42 -39.10
CA VAL H 128 16.02 17.20 -39.18
C VAL H 128 16.40 16.35 -40.39
N ALA H 129 16.79 17.00 -41.50
CA ALA H 129 17.14 16.24 -42.70
C ALA H 129 18.45 15.48 -42.50
N GLU H 130 19.36 15.99 -41.67
CA GLU H 130 20.60 15.27 -41.40
C GLU H 130 20.36 14.11 -40.43
N TRP H 131 19.51 14.31 -39.43
CA TRP H 131 19.07 13.19 -38.60
C TRP H 131 18.42 12.12 -39.48
N GLN H 132 17.53 12.53 -40.37
CA GLN H 132 16.83 11.58 -41.22
C GLN H 132 17.77 10.87 -42.18
N ARG H 133 18.81 11.55 -42.66
CA ARG H 133 19.77 10.92 -43.56
C ARG H 133 20.51 9.80 -42.84
N ILE H 134 21.00 10.07 -41.64
CA ILE H 134 21.76 9.06 -40.89
C ILE H 134 20.84 7.89 -40.53
N VAL H 135 19.58 8.17 -40.20
CA VAL H 135 18.64 7.09 -39.91
C VAL H 135 18.35 6.29 -41.18
N ASP H 136 18.20 6.96 -42.32
CA ASP H 136 17.82 6.26 -43.55
C ASP H 136 18.89 5.28 -44.00
N VAL H 137 20.16 5.63 -43.83
CA VAL H 137 21.24 4.77 -44.32
C VAL H 137 21.66 3.75 -43.27
N ASN H 138 21.89 4.20 -42.03
CA ASN H 138 22.50 3.33 -41.03
C ASN H 138 21.50 2.33 -40.44
N LEU H 139 20.22 2.68 -40.39
CA LEU H 139 19.22 1.83 -39.74
C LEU H 139 18.16 1.33 -40.72
N THR H 140 17.47 2.22 -41.42
CA THR H 140 16.44 1.78 -42.36
C THR H 140 17.07 1.08 -43.56
N GLY H 141 18.19 1.59 -44.05
CA GLY H 141 18.86 0.94 -45.17
C GLY H 141 19.28 -0.48 -44.87
N ALA H 142 19.94 -0.67 -43.73
CA ALA H 142 20.35 -2.02 -43.32
C ALA H 142 19.14 -2.92 -43.13
N HIS H 143 18.04 -2.38 -42.60
CA HIS H 143 16.84 -3.18 -42.40
C HIS H 143 16.26 -3.65 -43.72
N LEU H 144 16.20 -2.77 -44.71
CA LEU H 144 15.67 -3.16 -46.01
C LEU H 144 16.58 -4.18 -46.70
N VAL H 145 17.90 -4.01 -46.55
CA VAL H 145 18.85 -4.96 -47.14
C VAL H 145 18.63 -6.36 -46.55
N ILE H 146 18.48 -6.44 -45.23
CA ILE H 146 18.24 -7.73 -44.60
C ILE H 146 16.90 -8.30 -45.05
N GLN H 147 15.87 -7.45 -45.11
CA GLN H 147 14.53 -7.93 -45.48
C GLN H 147 14.50 -8.43 -46.92
N HIS H 148 15.21 -7.76 -47.82
CA HIS H 148 15.29 -8.24 -49.20
C HIS H 148 16.20 -9.46 -49.35
N ALA H 149 17.15 -9.63 -48.43
CA ALA H 149 18.11 -10.73 -48.56
C ALA H 149 17.60 -12.04 -47.99
N ILE H 150 16.64 -12.00 -47.06
CA ILE H 150 16.17 -13.23 -46.43
C ILE H 150 15.63 -14.23 -47.45
N PRO H 151 14.78 -13.86 -48.41
CA PRO H 151 14.32 -14.86 -49.39
C PRO H 151 15.46 -15.52 -50.16
N LEU H 152 16.60 -14.83 -50.30
CA LEU H 152 17.74 -15.37 -51.02
C LEU H 152 18.66 -16.20 -50.14
N LEU H 153 18.56 -16.08 -48.81
CA LEU H 153 19.41 -16.83 -47.91
C LEU H 153 18.89 -18.24 -47.63
N GLY H 154 17.60 -18.47 -47.77
CA GLY H 154 17.08 -19.84 -47.72
C GLY H 154 17.16 -20.44 -46.33
N ASP H 155 17.58 -21.71 -46.29
CA ASP H 155 17.62 -22.49 -45.06
C ASP H 155 18.95 -22.39 -44.33
N LYS H 156 19.93 -21.70 -44.90
CA LYS H 156 21.23 -21.52 -44.25
C LYS H 156 21.81 -20.19 -44.71
N GLY H 157 22.23 -19.38 -43.75
CA GLY H 157 22.76 -18.07 -44.07
C GLY H 157 23.34 -17.41 -42.85
N SER H 158 24.14 -16.37 -43.08
CA SER H 158 24.81 -15.64 -42.02
C SER H 158 24.72 -14.16 -42.31
N VAL H 159 24.07 -13.41 -41.42
CA VAL H 159 23.89 -11.97 -41.57
C VAL H 159 24.76 -11.28 -40.53
N ILE H 160 25.68 -10.45 -41.00
CA ILE H 160 26.59 -9.68 -40.15
C ILE H 160 26.28 -8.20 -40.35
N SER H 161 26.10 -7.49 -39.25
CA SER H 161 25.90 -6.05 -39.28
C SER H 161 27.06 -5.37 -38.58
N ILE H 162 27.60 -4.32 -39.18
CA ILE H 162 28.77 -3.63 -38.65
C ILE H 162 28.27 -2.60 -37.64
N GLY H 163 28.60 -2.81 -36.37
CA GLY H 163 28.28 -1.89 -35.31
C GLY H 163 29.48 -1.11 -34.87
N SER H 164 29.36 -0.46 -33.70
CA SER H 164 30.41 0.40 -33.18
C SER H 164 30.50 0.31 -31.67
N LYS H 165 31.72 0.15 -31.16
CA LYS H 165 31.93 0.23 -29.73
C LYS H 165 31.53 1.59 -29.19
N SER H 166 31.60 2.64 -30.02
CA SER H 166 31.28 3.98 -29.55
C SER H 166 29.82 4.14 -29.16
N SER H 167 28.94 3.25 -29.62
CA SER H 167 27.53 3.40 -29.27
C SER H 167 27.27 3.07 -27.80
N GLU H 168 28.20 2.39 -27.12
CA GLU H 168 28.06 2.17 -25.69
C GLU H 168 28.96 3.06 -24.85
N VAL H 169 29.90 3.78 -25.46
CA VAL H 169 30.66 4.76 -24.70
C VAL H 169 30.04 6.15 -24.80
N GLY H 170 29.41 6.48 -25.93
CA GLY H 170 28.86 7.81 -26.13
C GLY H 170 29.90 8.79 -26.60
N ILE H 171 29.59 9.53 -27.66
CA ILE H 171 30.53 10.50 -28.22
C ILE H 171 29.78 11.79 -28.55
N PRO H 172 30.21 12.93 -28.01
CA PRO H 172 29.53 14.19 -28.33
C PRO H 172 29.57 14.49 -29.82
N LEU H 173 28.57 15.24 -30.28
CA LEU H 173 28.41 15.67 -31.66
C LEU H 173 28.07 14.52 -32.62
N ARG H 174 27.77 13.34 -32.09
CA ARG H 174 27.47 12.18 -32.92
C ARG H 174 26.38 11.31 -32.32
N ALA H 175 25.45 11.93 -31.59
CA ALA H 175 24.40 11.14 -30.95
C ALA H 175 23.51 10.47 -31.99
N HIS H 176 23.26 11.14 -33.12
CA HIS H 176 22.47 10.53 -34.18
C HIS H 176 23.17 9.30 -34.75
N TYR H 177 24.50 9.34 -34.84
CA TYR H 177 25.24 8.19 -35.32
C TYR H 177 25.18 7.03 -34.33
N THR H 178 25.43 7.31 -33.05
CA THR H 178 25.43 6.21 -32.06
C THR H 178 24.03 5.68 -31.83
N ALA H 179 23.00 6.50 -32.03
CA ALA H 179 21.63 5.99 -31.94
C ALA H 179 21.37 4.93 -33.00
N THR H 180 21.84 5.16 -34.23
CA THR H 180 21.59 4.19 -35.29
C THR H 180 22.47 2.95 -35.15
N LYS H 181 23.73 3.13 -34.74
CA LYS H 181 24.60 1.96 -34.60
C LYS H 181 24.16 1.06 -33.46
N HIS H 182 23.60 1.64 -32.39
CA HIS H 182 23.10 0.82 -31.30
C HIS H 182 21.78 0.16 -31.68
N ALA H 183 21.00 0.80 -32.55
CA ALA H 183 19.75 0.19 -33.01
C ALA H 183 20.01 -1.14 -33.70
N LEU H 184 21.14 -1.25 -34.41
CA LEU H 184 21.46 -2.49 -35.12
C LEU H 184 21.55 -3.68 -34.17
N ARG H 185 21.99 -3.46 -32.93
CA ARG H 185 22.05 -4.56 -31.98
C ARG H 185 20.66 -5.06 -31.63
N GLY H 186 19.73 -4.12 -31.36
CA GLY H 186 18.36 -4.53 -31.05
C GLY H 186 17.67 -5.20 -32.21
N LEU H 187 17.89 -4.70 -33.42
CA LEU H 187 17.39 -5.37 -34.61
C LEU H 187 17.94 -6.79 -34.70
N THR H 188 19.27 -6.92 -34.55
CA THR H 188 19.93 -8.20 -34.75
C THR H 188 19.43 -9.24 -33.76
N ARG H 189 19.29 -8.86 -32.50
CA ARG H 189 18.94 -9.84 -31.46
C ARG H 189 17.55 -10.43 -31.70
N SER H 190 16.57 -9.59 -32.05
CA SER H 190 15.23 -10.12 -32.29
C SER H 190 15.17 -10.93 -33.57
N LEU H 191 15.87 -10.49 -34.62
CA LEU H 191 15.94 -11.29 -35.84
C LEU H 191 16.57 -12.65 -35.59
N ALA H 192 17.53 -12.72 -34.67
CA ALA H 192 18.14 -14.00 -34.35
C ALA H 192 17.14 -14.94 -33.68
N LYS H 193 16.32 -14.40 -32.78
CA LYS H 193 15.26 -15.21 -32.17
C LYS H 193 14.26 -15.68 -33.20
N GLU H 194 13.90 -14.82 -34.15
CA GLU H 194 12.79 -15.14 -35.05
C GLU H 194 13.20 -16.19 -36.08
N TYR H 195 14.40 -16.08 -36.64
CA TYR H 195 14.82 -16.92 -37.76
C TYR H 195 15.85 -17.97 -37.38
N GLY H 196 16.16 -18.12 -36.10
CA GLY H 196 17.19 -19.07 -35.72
C GLY H 196 16.85 -20.50 -36.09
N ARG H 197 15.58 -20.88 -35.91
CA ARG H 197 15.14 -22.23 -36.27
C ARG H 197 14.96 -22.42 -37.77
N SER H 198 15.11 -21.36 -38.56
CA SER H 198 15.07 -21.44 -40.01
C SER H 198 16.46 -21.58 -40.62
N GLY H 199 17.51 -21.62 -39.80
CA GLY H 199 18.86 -21.74 -40.29
C GLY H 199 19.59 -20.44 -40.56
N LEU H 200 19.02 -19.30 -40.16
CA LEU H 200 19.66 -18.01 -40.34
C LEU H 200 20.23 -17.51 -39.02
N ARG H 201 21.44 -16.97 -39.08
CA ARG H 201 22.13 -16.42 -37.92
C ARG H 201 22.35 -14.93 -38.13
N PHE H 202 22.25 -14.16 -37.04
CA PHE H 202 22.36 -12.71 -37.09
C PHE H 202 23.29 -12.26 -35.97
N ASN H 203 24.33 -11.48 -36.33
CA ASN H 203 25.30 -11.02 -35.34
C ASN H 203 25.76 -9.61 -35.69
N VAL H 204 26.29 -8.92 -34.68
CA VAL H 204 26.84 -7.57 -34.81
C VAL H 204 28.33 -7.64 -34.56
N LEU H 205 29.10 -6.92 -35.37
CA LEU H 205 30.52 -6.68 -35.14
C LEU H 205 30.67 -5.25 -34.65
N ALA H 206 30.97 -5.08 -33.37
CA ALA H 206 31.22 -3.75 -32.81
C ALA H 206 32.67 -3.38 -33.05
N LEU H 207 32.90 -2.38 -33.89
CA LEU H 207 34.24 -1.98 -34.27
C LEU H 207 34.76 -0.89 -33.34
N GLY H 208 36.08 -0.85 -33.20
CA GLY H 208 36.74 0.25 -32.52
C GLY H 208 37.10 1.33 -33.51
N VAL H 209 38.32 1.85 -33.42
CA VAL H 209 38.83 2.84 -34.38
C VAL H 209 39.64 2.09 -35.42
N VAL H 210 39.10 2.01 -36.64
CA VAL H 210 39.76 1.35 -37.76
C VAL H 210 40.29 2.43 -38.68
N GLU H 211 41.59 2.40 -38.96
CA GLU H 211 42.16 3.34 -39.91
C GLU H 211 41.62 3.05 -41.30
N THR H 212 41.07 4.08 -41.93
CA THR H 212 40.62 3.98 -43.32
C THR H 212 41.48 4.94 -44.13
N GLU H 213 40.90 5.67 -45.08
CA GLU H 213 41.63 6.83 -45.60
C GLU H 213 41.44 8.04 -44.72
N GLU H 214 41.45 7.81 -43.41
CA GLU H 214 41.98 8.75 -42.43
C GLU H 214 43.27 9.32 -42.99
N LEU H 215 44.00 8.50 -43.77
CA LEU H 215 45.33 8.67 -44.29
C LEU H 215 45.50 9.82 -45.27
N HIS H 216 44.44 10.55 -45.54
CA HIS H 216 44.50 11.67 -46.44
C HIS H 216 44.31 12.97 -45.71
N ALA H 217 43.62 12.92 -44.58
CA ALA H 217 43.48 14.12 -43.80
C ALA H 217 44.74 14.09 -43.01
N LEU H 218 45.84 14.01 -43.72
CA LEU H 218 47.16 14.00 -43.14
C LEU H 218 47.47 15.48 -42.84
N PRO H 219 48.52 15.76 -42.09
CA PRO H 219 49.36 14.70 -41.53
C PRO H 219 49.46 14.91 -40.01
N ASP H 220 50.04 16.04 -39.62
CA ASP H 220 50.16 16.45 -38.24
C ASP H 220 48.78 16.27 -37.62
N ASP H 221 47.73 16.68 -38.35
CA ASP H 221 46.36 16.47 -37.88
C ASP H 221 46.26 14.97 -37.68
N GLU H 222 46.95 14.28 -38.54
CA GLU H 222 46.97 12.83 -38.44
C GLU H 222 48.20 12.21 -37.79
N ARG H 223 49.36 12.86 -37.93
CA ARG H 223 50.67 12.40 -37.44
C ARG H 223 50.40 12.74 -35.99
N ALA H 224 49.76 11.79 -35.32
CA ALA H 224 49.76 11.33 -33.96
C ALA H 224 48.94 11.90 -32.88
N GLU H 225 47.78 12.45 -33.27
CA GLU H 225 46.99 13.62 -32.74
C GLU H 225 45.91 12.52 -32.84
N MET H 226 45.49 12.16 -34.05
CA MET H 226 44.41 11.19 -34.18
C MET H 226 44.86 9.79 -33.79
N THR H 227 45.95 9.31 -34.40
CA THR H 227 46.42 7.95 -34.13
C THR H 227 46.79 7.77 -32.66
N LYS H 228 47.53 8.73 -32.10
CA LYS H 228 47.99 8.57 -30.72
C LYS H 228 46.85 8.72 -29.72
N PHE H 229 45.92 9.66 -29.98
CA PHE H 229 44.80 9.85 -29.06
C PHE H 229 43.94 8.60 -28.95
N TYR H 230 43.75 7.90 -30.07
CA TYR H 230 42.93 6.70 -30.06
C TYR H 230 43.72 5.45 -29.66
N SER H 231 45.00 5.36 -30.04
CA SER H 231 45.81 4.23 -29.60
C SER H 231 45.96 4.21 -28.09
N THR H 232 46.01 5.39 -27.44
CA THR H 232 46.07 5.43 -25.99
C THR H 232 44.87 4.74 -25.35
N LYS H 233 43.70 4.85 -25.99
CA LYS H 233 42.49 4.23 -25.48
C LYS H 233 42.44 2.72 -25.71
N THR H 234 43.20 2.21 -26.68
CA THR H 234 43.17 0.79 -26.97
C THR H 234 44.06 0.01 -26.02
N ALA H 235 43.78 -1.29 -25.92
CA ALA H 235 44.64 -2.17 -25.13
C ALA H 235 45.91 -2.55 -25.89
N LEU H 236 45.82 -2.68 -27.21
CA LEU H 236 46.95 -3.07 -28.05
C LEU H 236 47.84 -1.91 -28.47
N GLY H 237 47.39 -0.67 -28.27
CA GLY H 237 48.19 0.48 -28.64
C GLY H 237 48.29 0.74 -30.12
N ARG H 238 47.26 0.38 -30.88
CA ARG H 238 47.28 0.58 -32.33
C ARG H 238 45.86 0.56 -32.85
N LEU H 239 45.66 1.20 -34.00
CA LEU H 239 44.37 1.21 -34.65
C LEU H 239 44.12 -0.14 -35.33
N GLY H 240 42.86 -0.36 -35.69
CA GLY H 240 42.52 -1.53 -36.46
C GLY H 240 42.62 -1.28 -37.96
N THR H 241 42.73 -2.37 -38.71
CA THR H 241 42.73 -2.32 -40.16
C THR H 241 41.49 -3.01 -40.72
N PRO H 242 41.08 -2.65 -41.93
CA PRO H 242 39.96 -3.37 -42.56
C PRO H 242 40.18 -4.87 -42.62
N ASP H 243 41.41 -5.33 -42.81
CA ASP H 243 41.67 -6.76 -42.93
C ASP H 243 41.45 -7.49 -41.61
N GLU H 244 41.64 -6.81 -40.48
CA GLU H 244 41.33 -7.45 -39.19
C GLU H 244 39.83 -7.55 -38.98
N VAL H 245 39.06 -6.57 -39.46
CA VAL H 245 37.60 -6.71 -39.49
C VAL H 245 37.22 -7.89 -40.36
N ALA H 246 37.90 -8.04 -41.50
CA ALA H 246 37.62 -9.14 -42.41
C ALA H 246 37.87 -10.49 -41.75
N GLY H 247 38.81 -10.57 -40.82
CA GLY H 247 39.03 -11.80 -40.10
C GLY H 247 37.83 -12.21 -39.27
N ALA H 248 37.16 -11.23 -38.66
CA ALA H 248 35.94 -11.52 -37.90
C ALA H 248 34.78 -11.86 -38.83
N VAL H 249 34.62 -11.09 -39.91
CA VAL H 249 33.61 -11.39 -40.91
C VAL H 249 33.79 -12.81 -41.44
N ALA H 250 35.04 -13.24 -41.59
CA ALA H 250 35.32 -14.58 -42.08
C ALA H 250 34.79 -15.64 -41.12
N TRP H 251 35.14 -15.51 -39.84
CA TRP H 251 34.69 -16.48 -38.85
C TRP H 251 33.17 -16.56 -38.81
N LEU H 252 32.49 -15.41 -38.71
CA LEU H 252 31.04 -15.41 -38.61
C LEU H 252 30.39 -15.98 -39.87
N ALA H 253 31.03 -15.81 -41.02
CA ALA H 253 30.52 -16.42 -42.25
C ALA H 253 30.74 -17.93 -42.29
N SER H 254 31.59 -18.46 -41.43
CA SER H 254 31.98 -19.86 -41.48
C SER H 254 31.11 -20.71 -40.56
N ASP H 255 31.17 -22.03 -40.78
CA ASP H 255 30.50 -22.98 -39.90
C ASP H 255 31.24 -23.20 -38.60
N LEU H 256 32.43 -22.62 -38.44
CA LEU H 256 33.06 -22.59 -37.12
C LEU H 256 32.25 -21.77 -36.13
N SER H 257 31.36 -20.89 -36.61
CA SER H 257 30.52 -20.06 -35.76
C SER H 257 29.04 -20.43 -35.88
N ARG H 258 28.74 -21.67 -36.28
CA ARG H 258 27.37 -22.08 -36.55
C ARG H 258 26.50 -22.06 -35.29
N TYR H 259 27.09 -21.99 -34.10
CA TYR H 259 26.32 -21.84 -32.87
C TYR H 259 26.37 -20.42 -32.32
N VAL H 260 26.87 -19.47 -33.08
CA VAL H 260 26.97 -18.07 -32.65
C VAL H 260 25.87 -17.29 -33.36
N THR H 261 24.90 -16.79 -32.60
CA THR H 261 23.83 -15.97 -33.16
C THR H 261 23.32 -15.02 -32.09
N GLY H 262 22.82 -13.87 -32.54
CA GLY H 262 22.34 -12.86 -31.62
C GLY H 262 23.40 -12.25 -30.73
N ALA H 263 24.65 -12.29 -31.14
CA ALA H 263 25.77 -11.83 -30.34
C ALA H 263 26.37 -10.56 -30.93
N THR H 264 27.04 -9.79 -30.06
CA THR H 264 27.81 -8.63 -30.47
C THR H 264 29.29 -8.95 -30.27
N ILE H 265 30.00 -9.17 -31.36
CA ILE H 265 31.42 -9.48 -31.30
C ILE H 265 32.21 -8.19 -31.39
N HIS H 266 33.08 -7.96 -30.41
CA HIS H 266 33.90 -6.76 -30.38
C HIS H 266 35.21 -7.02 -31.10
N VAL H 267 35.46 -6.24 -32.16
CA VAL H 267 36.73 -6.24 -32.88
C VAL H 267 37.29 -4.83 -32.74
N ASP H 268 37.76 -4.49 -31.53
CA ASP H 268 38.05 -3.10 -31.19
C ASP H 268 39.41 -2.91 -30.52
N GLY H 269 40.24 -3.95 -30.44
CA GLY H 269 41.51 -3.81 -29.77
C GLY H 269 41.39 -3.45 -28.30
N GLY H 270 40.28 -3.83 -27.67
CA GLY H 270 40.06 -3.51 -26.26
C GLY H 270 39.92 -2.04 -25.97
N ILE H 271 39.36 -1.26 -26.90
CA ILE H 271 39.30 0.18 -26.73
C ILE H 271 38.26 0.54 -25.69
N SER H 272 38.59 1.54 -24.86
CA SER H 272 37.70 2.10 -23.85
C SER H 272 38.45 3.17 -23.08
#